data_1N6L
# 
_entry.id   1N6L 
# 
_audit_conform.dict_name       mmcif_pdbx.dic 
_audit_conform.dict_version    5.351 
_audit_conform.dict_location   http://mmcif.pdb.org/dictionaries/ascii/mmcif_pdbx.dic 
# 
loop_
_database_2.database_id 
_database_2.database_code 
_database_2.pdbx_database_accession 
_database_2.pdbx_DOI 
PDB   1N6L         pdb_00001n6l 10.2210/pdb1n6l/pdb 
RCSB  RCSB017582   ?            ?                   
WWPDB D_1000017582 ?            ?                   
# 
loop_
_pdbx_database_related.db_name 
_pdbx_database_related.db_id 
_pdbx_database_related.details 
_pdbx_database_related.content_type 
PDB 1N6H 'rab5a wild type'                                          unspecified 
PDB 1N6I 'rab5a A30P mutant complex with GDP'                       unspecified 
PDB 1N6K 'rab5a A30P mutant complex with GDP and aluminum fluoride' unspecified 
PDB 1N6N 'Rab5a A30R mutant complex with GppNHp'                    unspecified 
PDB 1N6O 'Rab5a A30K mutant complex with GppNHp'                    unspecified 
PDB 1N6P 'Rab5a A30E mutant complex with GppNHp'                    unspecified 
PDB 1N6R 'Rab5a A30L mutant complex with GppNHp'                    unspecified 
# 
_pdbx_database_status.status_code                     REL 
_pdbx_database_status.entry_id                        1N6L 
_pdbx_database_status.recvd_initial_deposition_date   2002-11-11 
_pdbx_database_status.deposit_site                    RCSB 
_pdbx_database_status.process_site                    RCSB 
_pdbx_database_status.status_code_sf                  REL 
_pdbx_database_status.SG_entry                        . 
_pdbx_database_status.pdb_format_compatible           Y 
_pdbx_database_status.status_code_mr                  ? 
_pdbx_database_status.status_code_cs                  ? 
_pdbx_database_status.status_code_nmr_data            ? 
_pdbx_database_status.methods_development_category    ? 
# 
loop_
_audit_author.name 
_audit_author.pdbx_ordinal 
'Zhu, G.'     1 
'Liu, J.'     2 
'Terzyan, S.' 3 
'Zhai, P.'    4 
'Li, G.'      5 
'Zhang, X.C.' 6 
# 
_citation.id                        primary 
_citation.title                     
;High Resolution Crystal Structures of Human Rab5a and Five Mutants with Substitutions in the Catalytically Important Phosphate-Binding Loop
;
_citation.journal_abbrev            J.Biol.Chem. 
_citation.journal_volume            278 
_citation.page_first                2452 
_citation.page_last                 2460 
_citation.year                      2003 
_citation.journal_id_ASTM           JBCHA3 
_citation.country                   US 
_citation.journal_id_ISSN           0021-9258 
_citation.journal_id_CSD            0071 
_citation.book_publisher            ? 
_citation.pdbx_database_id_PubMed   12433916 
_citation.pdbx_database_id_DOI      10.1074/jbc.M211042200 
# 
loop_
_citation_author.citation_id 
_citation_author.name 
_citation_author.ordinal 
_citation_author.identifier_ORCID 
primary 'Zhu, G.'     1 ? 
primary 'Liu, J.'     2 ? 
primary 'Terzyan, S.' 3 ? 
primary 'Zhai, P.'    4 ? 
primary 'Li, G.'      5 ? 
primary 'Zhang, X.C.' 6 ? 
# 
_cell.entry_id           1N6L 
_cell.length_a           35.750 
_cell.length_b           64.200 
_cell.length_c           65.860 
_cell.angle_alpha        90.00 
_cell.angle_beta         90.00 
_cell.angle_gamma        90.00 
_cell.Z_PDB              4 
_cell.pdbx_unique_axis   ? 
# 
_symmetry.entry_id                         1N6L 
_symmetry.space_group_name_H-M             'P 21 21 21' 
_symmetry.pdbx_full_space_group_name_H-M   ? 
_symmetry.cell_setting                     ? 
_symmetry.Int_Tables_number                19 
# 
loop_
_entity.id 
_entity.type 
_entity.src_method 
_entity.pdbx_description 
_entity.formula_weight 
_entity.pdbx_number_of_molecules 
_entity.pdbx_ec 
_entity.pdbx_mutation 
_entity.pdbx_fragment 
_entity.details 
1 polymer     man 'Ras-related protein Rab-5A' 19013.609 1   ? A30P 'GTPASE DOMAIN' ? 
2 non-polymer syn 'MAGNESIUM ION'              24.305    1   ? ?    ?               ? 
3 non-polymer syn "GUANOSINE-5'-TRIPHOSPHATE"  523.180   1   ? ?    ?               ? 
4 non-polymer syn BETA-MERCAPTOETHANOL         78.133    1   ? ?    ?               ? 
5 water       nat water                        18.015    254 ? ?    ?               ? 
# 
_entity_name_com.entity_id   1 
_entity_name_com.name        rab5a 
# 
_entity_poly.entity_id                      1 
_entity_poly.type                           'polypeptide(L)' 
_entity_poly.nstd_linkage                   no 
_entity_poly.nstd_monomer                   no 
_entity_poly.pdbx_seq_one_letter_code       
;GNKICQFKLVLLGESPVGKSSLVLRFVKGQFHEFQESTIGAAFLTQTVCLDDTTVKFEIWDTAGQERYHSLAPMYYRGAQ
AAIVVYDITNEESFARAKNWVKELQRQASPNIVIALSGNKADLANKRAVDFQEAQSYADDNSLLFMETSAKTSMNVNEIF
MAIAKKLPKN
;
_entity_poly.pdbx_seq_one_letter_code_can   
;GNKICQFKLVLLGESPVGKSSLVLRFVKGQFHEFQESTIGAAFLTQTVCLDDTTVKFEIWDTAGQERYHSLAPMYYRGAQ
AAIVVYDITNEESFARAKNWVKELQRQASPNIVIALSGNKADLANKRAVDFQEAQSYADDNSLLFMETSAKTSMNVNEIF
MAIAKKLPKN
;
_entity_poly.pdbx_strand_id                 A 
_entity_poly.pdbx_target_identifier         ? 
# 
loop_
_entity_poly_seq.entity_id 
_entity_poly_seq.num 
_entity_poly_seq.mon_id 
_entity_poly_seq.hetero 
1 1   GLY n 
1 2   ASN n 
1 3   LYS n 
1 4   ILE n 
1 5   CYS n 
1 6   GLN n 
1 7   PHE n 
1 8   LYS n 
1 9   LEU n 
1 10  VAL n 
1 11  LEU n 
1 12  LEU n 
1 13  GLY n 
1 14  GLU n 
1 15  SER n 
1 16  PRO n 
1 17  VAL n 
1 18  GLY n 
1 19  LYS n 
1 20  SER n 
1 21  SER n 
1 22  LEU n 
1 23  VAL n 
1 24  LEU n 
1 25  ARG n 
1 26  PHE n 
1 27  VAL n 
1 28  LYS n 
1 29  GLY n 
1 30  GLN n 
1 31  PHE n 
1 32  HIS n 
1 33  GLU n 
1 34  PHE n 
1 35  GLN n 
1 36  GLU n 
1 37  SER n 
1 38  THR n 
1 39  ILE n 
1 40  GLY n 
1 41  ALA n 
1 42  ALA n 
1 43  PHE n 
1 44  LEU n 
1 45  THR n 
1 46  GLN n 
1 47  THR n 
1 48  VAL n 
1 49  CYS n 
1 50  LEU n 
1 51  ASP n 
1 52  ASP n 
1 53  THR n 
1 54  THR n 
1 55  VAL n 
1 56  LYS n 
1 57  PHE n 
1 58  GLU n 
1 59  ILE n 
1 60  TRP n 
1 61  ASP n 
1 62  THR n 
1 63  ALA n 
1 64  GLY n 
1 65  GLN n 
1 66  GLU n 
1 67  ARG n 
1 68  TYR n 
1 69  HIS n 
1 70  SER n 
1 71  LEU n 
1 72  ALA n 
1 73  PRO n 
1 74  MET n 
1 75  TYR n 
1 76  TYR n 
1 77  ARG n 
1 78  GLY n 
1 79  ALA n 
1 80  GLN n 
1 81  ALA n 
1 82  ALA n 
1 83  ILE n 
1 84  VAL n 
1 85  VAL n 
1 86  TYR n 
1 87  ASP n 
1 88  ILE n 
1 89  THR n 
1 90  ASN n 
1 91  GLU n 
1 92  GLU n 
1 93  SER n 
1 94  PHE n 
1 95  ALA n 
1 96  ARG n 
1 97  ALA n 
1 98  LYS n 
1 99  ASN n 
1 100 TRP n 
1 101 VAL n 
1 102 LYS n 
1 103 GLU n 
1 104 LEU n 
1 105 GLN n 
1 106 ARG n 
1 107 GLN n 
1 108 ALA n 
1 109 SER n 
1 110 PRO n 
1 111 ASN n 
1 112 ILE n 
1 113 VAL n 
1 114 ILE n 
1 115 ALA n 
1 116 LEU n 
1 117 SER n 
1 118 GLY n 
1 119 ASN n 
1 120 LYS n 
1 121 ALA n 
1 122 ASP n 
1 123 LEU n 
1 124 ALA n 
1 125 ASN n 
1 126 LYS n 
1 127 ARG n 
1 128 ALA n 
1 129 VAL n 
1 130 ASP n 
1 131 PHE n 
1 132 GLN n 
1 133 GLU n 
1 134 ALA n 
1 135 GLN n 
1 136 SER n 
1 137 TYR n 
1 138 ALA n 
1 139 ASP n 
1 140 ASP n 
1 141 ASN n 
1 142 SER n 
1 143 LEU n 
1 144 LEU n 
1 145 PHE n 
1 146 MET n 
1 147 GLU n 
1 148 THR n 
1 149 SER n 
1 150 ALA n 
1 151 LYS n 
1 152 THR n 
1 153 SER n 
1 154 MET n 
1 155 ASN n 
1 156 VAL n 
1 157 ASN n 
1 158 GLU n 
1 159 ILE n 
1 160 PHE n 
1 161 MET n 
1 162 ALA n 
1 163 ILE n 
1 164 ALA n 
1 165 LYS n 
1 166 LYS n 
1 167 LEU n 
1 168 PRO n 
1 169 LYS n 
1 170 ASN n 
# 
_entity_src_gen.entity_id                          1 
_entity_src_gen.pdbx_src_id                        1 
_entity_src_gen.pdbx_alt_source_flag               sample 
_entity_src_gen.pdbx_seq_type                      ? 
_entity_src_gen.pdbx_beg_seq_num                   ? 
_entity_src_gen.pdbx_end_seq_num                   ? 
_entity_src_gen.gene_src_common_name               human 
_entity_src_gen.gene_src_genus                     Homo 
_entity_src_gen.pdbx_gene_src_gene                 ? 
_entity_src_gen.gene_src_species                   ? 
_entity_src_gen.gene_src_strain                    ? 
_entity_src_gen.gene_src_tissue                    ? 
_entity_src_gen.gene_src_tissue_fraction           ? 
_entity_src_gen.gene_src_details                   ? 
_entity_src_gen.pdbx_gene_src_fragment             ? 
_entity_src_gen.pdbx_gene_src_scientific_name      'Homo sapiens' 
_entity_src_gen.pdbx_gene_src_ncbi_taxonomy_id     9606 
_entity_src_gen.pdbx_gene_src_variant              ? 
_entity_src_gen.pdbx_gene_src_cell_line            ? 
_entity_src_gen.pdbx_gene_src_atcc                 ? 
_entity_src_gen.pdbx_gene_src_organ                ? 
_entity_src_gen.pdbx_gene_src_organelle            ? 
_entity_src_gen.pdbx_gene_src_cell                 ? 
_entity_src_gen.pdbx_gene_src_cellular_location    ? 
_entity_src_gen.host_org_common_name               ? 
_entity_src_gen.pdbx_host_org_scientific_name      'Escherichia coli BL21(DE3)' 
_entity_src_gen.pdbx_host_org_ncbi_taxonomy_id     469008 
_entity_src_gen.host_org_genus                     Escherichia 
_entity_src_gen.pdbx_host_org_gene                 ? 
_entity_src_gen.pdbx_host_org_organ                ? 
_entity_src_gen.host_org_species                   'Escherichia coli' 
_entity_src_gen.pdbx_host_org_tissue               ? 
_entity_src_gen.pdbx_host_org_tissue_fraction      ? 
_entity_src_gen.pdbx_host_org_strain               'BL21(DE3)' 
_entity_src_gen.pdbx_host_org_variant              ? 
_entity_src_gen.pdbx_host_org_cell_line            ? 
_entity_src_gen.pdbx_host_org_atcc                 ? 
_entity_src_gen.pdbx_host_org_culture_collection   ? 
_entity_src_gen.pdbx_host_org_cell                 ? 
_entity_src_gen.pdbx_host_org_organelle            ? 
_entity_src_gen.pdbx_host_org_cellular_location    ? 
_entity_src_gen.pdbx_host_org_vector_type          PLASMID 
_entity_src_gen.pdbx_host_org_vector               ? 
_entity_src_gen.host_org_details                   ? 
_entity_src_gen.expression_system_id               ? 
_entity_src_gen.plasmid_name                       pET11a 
_entity_src_gen.plasmid_details                    ? 
_entity_src_gen.pdbx_description                   ? 
# 
_struct_ref.id                         1 
_struct_ref.db_name                    UNP 
_struct_ref.db_code                    RAB5A_HUMAN 
_struct_ref.entity_id                  1 
_struct_ref.pdbx_seq_one_letter_code   
;GNKICQFKLVLLGESAVGKSSLVLRFVKGQFHEFQESTIGAAFLTQTVCLDDTTVKFEIWDTAGQERYHSLAPMYYRGAQ
AAIVVYDITNEESFARAKNWVKELQRQASPNIVIALSGNKADLANKRAVDFQEAQSYADDNSLLFMETSAKTSMNVNEIF
MAIAKKLPKN
;
_struct_ref.pdbx_align_begin           15 
_struct_ref.pdbx_db_accession          P20339 
_struct_ref.pdbx_db_isoform            ? 
# 
_struct_ref_seq.align_id                      1 
_struct_ref_seq.ref_id                        1 
_struct_ref_seq.pdbx_PDB_id_code              1N6L 
_struct_ref_seq.pdbx_strand_id                A 
_struct_ref_seq.seq_align_beg                 1 
_struct_ref_seq.pdbx_seq_align_beg_ins_code   ? 
_struct_ref_seq.seq_align_end                 170 
_struct_ref_seq.pdbx_seq_align_end_ins_code   ? 
_struct_ref_seq.pdbx_db_accession             P20339 
_struct_ref_seq.db_align_beg                  15 
_struct_ref_seq.pdbx_db_align_beg_ins_code    ? 
_struct_ref_seq.db_align_end                  184 
_struct_ref_seq.pdbx_db_align_end_ins_code    ? 
_struct_ref_seq.pdbx_auth_seq_align_beg       15 
_struct_ref_seq.pdbx_auth_seq_align_end       184 
# 
_struct_ref_seq_dif.align_id                     1 
_struct_ref_seq_dif.pdbx_pdb_id_code             1N6L 
_struct_ref_seq_dif.mon_id                       PRO 
_struct_ref_seq_dif.pdbx_pdb_strand_id           A 
_struct_ref_seq_dif.seq_num                      16 
_struct_ref_seq_dif.pdbx_pdb_ins_code            ? 
_struct_ref_seq_dif.pdbx_seq_db_name             UNP 
_struct_ref_seq_dif.pdbx_seq_db_accession_code   P20339 
_struct_ref_seq_dif.db_mon_id                    ALA 
_struct_ref_seq_dif.pdbx_seq_db_seq_num          30 
_struct_ref_seq_dif.details                      'engineered mutation' 
_struct_ref_seq_dif.pdbx_auth_seq_num            30 
_struct_ref_seq_dif.pdbx_ordinal                 1 
# 
loop_
_chem_comp.id 
_chem_comp.type 
_chem_comp.mon_nstd_flag 
_chem_comp.name 
_chem_comp.pdbx_synonyms 
_chem_comp.formula 
_chem_comp.formula_weight 
ALA 'L-peptide linking' y ALANINE                     ? 'C3 H7 N O2'        89.093  
ARG 'L-peptide linking' y ARGININE                    ? 'C6 H15 N4 O2 1'    175.209 
ASN 'L-peptide linking' y ASPARAGINE                  ? 'C4 H8 N2 O3'       132.118 
ASP 'L-peptide linking' y 'ASPARTIC ACID'             ? 'C4 H7 N O4'        133.103 
BME non-polymer         . BETA-MERCAPTOETHANOL        ? 'C2 H6 O S'         78.133  
CYS 'L-peptide linking' y CYSTEINE                    ? 'C3 H7 N O2 S'      121.158 
GLN 'L-peptide linking' y GLUTAMINE                   ? 'C5 H10 N2 O3'      146.144 
GLU 'L-peptide linking' y 'GLUTAMIC ACID'             ? 'C5 H9 N O4'        147.129 
GLY 'peptide linking'   y GLYCINE                     ? 'C2 H5 N O2'        75.067  
GTP non-polymer         n "GUANOSINE-5'-TRIPHOSPHATE" ? 'C10 H16 N5 O14 P3' 523.180 
HIS 'L-peptide linking' y HISTIDINE                   ? 'C6 H10 N3 O2 1'    156.162 
HOH non-polymer         . WATER                       ? 'H2 O'              18.015  
ILE 'L-peptide linking' y ISOLEUCINE                  ? 'C6 H13 N O2'       131.173 
LEU 'L-peptide linking' y LEUCINE                     ? 'C6 H13 N O2'       131.173 
LYS 'L-peptide linking' y LYSINE                      ? 'C6 H15 N2 O2 1'    147.195 
MET 'L-peptide linking' y METHIONINE                  ? 'C5 H11 N O2 S'     149.211 
MG  non-polymer         . 'MAGNESIUM ION'             ? 'Mg 2'              24.305  
PHE 'L-peptide linking' y PHENYLALANINE               ? 'C9 H11 N O2'       165.189 
PRO 'L-peptide linking' y PROLINE                     ? 'C5 H9 N O2'        115.130 
SER 'L-peptide linking' y SERINE                      ? 'C3 H7 N O3'        105.093 
THR 'L-peptide linking' y THREONINE                   ? 'C4 H9 N O3'        119.119 
TRP 'L-peptide linking' y TRYPTOPHAN                  ? 'C11 H12 N2 O2'     204.225 
TYR 'L-peptide linking' y TYROSINE                    ? 'C9 H11 N O3'       181.189 
VAL 'L-peptide linking' y VALINE                      ? 'C5 H11 N O2'       117.146 
# 
_exptl.entry_id          1N6L 
_exptl.method            'X-RAY DIFFRACTION' 
_exptl.crystals_number   1 
# 
_exptl_crystal.id                    1 
_exptl_crystal.density_meas          ? 
_exptl_crystal.density_Matthews      2 
_exptl_crystal.density_percent_sol   37.5 
_exptl_crystal.description           ? 
# 
_exptl_crystal_grow.crystal_id      1 
_exptl_crystal_grow.method          'VAPOR DIFFUSION, HANGING DROP' 
_exptl_crystal_grow.temp            293 
_exptl_crystal_grow.temp_details    ? 
_exptl_crystal_grow.pH              6.0 
_exptl_crystal_grow.pdbx_details    'PEG 6000, sodium chloride, MES, pH 6.0, VAPOR DIFFUSION, HANGING DROP, temperature 293K' 
_exptl_crystal_grow.pdbx_pH_range   . 
# 
_diffrn.id                     1 
_diffrn.ambient_temp           100 
_diffrn.ambient_temp_details   ? 
_diffrn.crystal_id             1 
# 
_diffrn_detector.diffrn_id              1 
_diffrn_detector.detector               'IMAGE PLATE' 
_diffrn_detector.type                   MARRESEARCH 
_diffrn_detector.pdbx_collection_date   2002-08-23 
_diffrn_detector.details                ? 
# 
_diffrn_radiation.diffrn_id                        1 
_diffrn_radiation.wavelength_id                    1 
_diffrn_radiation.pdbx_monochromatic_or_laue_m_l   M 
_diffrn_radiation.monochromator                    'OSMIC OPTICS' 
_diffrn_radiation.pdbx_diffrn_protocol             'SINGLE WAVELENGTH' 
_diffrn_radiation.pdbx_scattering_type             x-ray 
# 
_diffrn_radiation_wavelength.id           1 
_diffrn_radiation_wavelength.wavelength   1.5418 
_diffrn_radiation_wavelength.wt           1.0 
# 
_diffrn_source.diffrn_id                   1 
_diffrn_source.source                      'ROTATING ANODE' 
_diffrn_source.type                        RIGAKU 
_diffrn_source.pdbx_synchrotron_site       ? 
_diffrn_source.pdbx_synchrotron_beamline   ? 
_diffrn_source.pdbx_wavelength             ? 
_diffrn_source.pdbx_wavelength_list        1.5418 
# 
_reflns.entry_id                     1N6L 
_reflns.observed_criterion_sigma_F   0.0 
_reflns.observed_criterion_sigma_I   0.0 
_reflns.d_resolution_high            1.60 
_reflns.d_resolution_low             20 
_reflns.number_all                   20631 
_reflns.number_obs                   20496 
_reflns.percent_possible_obs         99.3 
_reflns.pdbx_Rmerge_I_obs            0.042 
_reflns.pdbx_Rsym_value              ? 
_reflns.pdbx_netI_over_sigmaI        41.1 
_reflns.B_iso_Wilson_estimate        18.1 
_reflns.pdbx_redundancy              7.6 
_reflns.R_free_details               ? 
_reflns.limit_h_max                  ? 
_reflns.limit_h_min                  ? 
_reflns.limit_k_max                  ? 
_reflns.limit_k_min                  ? 
_reflns.limit_l_max                  ? 
_reflns.limit_l_min                  ? 
_reflns.observed_criterion_F_max     ? 
_reflns.observed_criterion_F_min     ? 
_reflns.pdbx_diffrn_id               1 
_reflns.pdbx_ordinal                 1 
# 
_reflns_shell.d_res_high             1.60 
_reflns_shell.d_res_low              1.66 
_reflns_shell.percent_possible_all   98.8 
_reflns_shell.Rmerge_I_obs           0.13 
_reflns_shell.pdbx_Rsym_value        ? 
_reflns_shell.meanI_over_sigI_obs    15.9 
_reflns_shell.pdbx_redundancy        ? 
_reflns_shell.percent_possible_obs   ? 
_reflns_shell.number_unique_all      ? 
_reflns_shell.pdbx_diffrn_id         ? 
_reflns_shell.pdbx_ordinal           1 
# 
_refine.entry_id                                 1N6L 
_refine.ls_d_res_high                            1.60 
_refine.ls_d_res_low                             20 
_refine.pdbx_ls_sigma_F                          0.0 
_refine.pdbx_ls_sigma_I                          ? 
_refine.ls_number_reflns_all                     20631 
_refine.ls_number_reflns_obs                     20496 
_refine.ls_number_reflns_R_free                  19501 
_refine.ls_percent_reflns_obs                    99.2 
_refine.ls_R_factor_all                          0.18 
_refine.ls_R_factor_obs                          0.18 
_refine.ls_R_factor_R_work                       0.173 
_refine.ls_R_factor_R_free                       0.211 
_refine.ls_redundancy_reflns_obs                 ? 
_refine.pdbx_data_cutoff_high_absF               ? 
_refine.pdbx_data_cutoff_low_absF                ? 
_refine.ls_number_parameters                     ? 
_refine.ls_number_restraints                     ? 
_refine.ls_percent_reflns_R_free                 ? 
_refine.ls_R_factor_R_free_error                 ? 
_refine.ls_R_factor_R_free_error_details         ? 
_refine.pdbx_method_to_determine_struct          'FOURIER SYNTHESIS' 
_refine.pdbx_starting_model                      ? 
_refine.pdbx_ls_cross_valid_method               THROUGHOUT 
_refine.pdbx_R_Free_selection_details            RANDOM 
_refine.pdbx_stereochem_target_val_spec_case     ? 
_refine.pdbx_stereochemistry_target_values       'Engh & Huber' 
_refine.solvent_model_details                    ? 
_refine.solvent_model_param_bsol                 ? 
_refine.solvent_model_param_ksol                 ? 
_refine.occupancy_max                            ? 
_refine.occupancy_min                            ? 
_refine.pdbx_isotropic_thermal_model             ? 
_refine.B_iso_mean                               ? 
_refine.aniso_B[1][1]                            1.938 
_refine.aniso_B[1][2]                            0 
_refine.aniso_B[1][3]                            0 
_refine.aniso_B[2][2]                            -1.332 
_refine.aniso_B[2][3]                            0 
_refine.aniso_B[3][3]                            -0.606 
_refine.details                                  ? 
_refine.B_iso_min                                ? 
_refine.B_iso_max                                ? 
_refine.correlation_coeff_Fo_to_Fc               ? 
_refine.correlation_coeff_Fo_to_Fc_free          ? 
_refine.pdbx_solvent_vdw_probe_radii             ? 
_refine.pdbx_solvent_ion_probe_radii             ? 
_refine.pdbx_solvent_shrinkage_radii             ? 
_refine.overall_SU_R_Cruickshank_DPI             ? 
_refine.overall_SU_R_free                        ? 
_refine.overall_SU_B                             ? 
_refine.overall_SU_ML                            ? 
_refine.pdbx_overall_ESU_R                       ? 
_refine.pdbx_overall_ESU_R_Free                  ? 
_refine.pdbx_data_cutoff_high_rms_absF           ? 
_refine.pdbx_refine_id                           'X-RAY DIFFRACTION' 
_refine.pdbx_diffrn_id                           1 
_refine.pdbx_TLS_residual_ADP_flag               ? 
_refine.pdbx_overall_phase_error                 ? 
_refine.pdbx_overall_SU_R_free_Cruickshank_DPI   ? 
_refine.pdbx_overall_SU_R_Blow_DPI               ? 
_refine.pdbx_overall_SU_R_free_Blow_DPI          ? 
# 
_refine_analyze.entry_id                        1N6L 
_refine_analyze.Luzzati_coordinate_error_obs    0.16 
_refine_analyze.Luzzati_sigma_a_obs             0.06 
_refine_analyze.Luzzati_d_res_low_obs           5 
_refine_analyze.Luzzati_coordinate_error_free   0.20 
_refine_analyze.Luzzati_sigma_a_free            0.12 
_refine_analyze.Luzzati_d_res_low_free          ? 
_refine_analyze.number_disordered_residues      ? 
_refine_analyze.occupancy_sum_non_hydrogen      ? 
_refine_analyze.occupancy_sum_hydrogen          ? 
_refine_analyze.pdbx_Luzzati_d_res_high_obs     ? 
_refine_analyze.pdbx_refine_id                  'X-RAY DIFFRACTION' 
# 
_refine_hist.pdbx_refine_id                   'X-RAY DIFFRACTION' 
_refine_hist.cycle_id                         LAST 
_refine_hist.pdbx_number_atoms_protein        1342 
_refine_hist.pdbx_number_atoms_nucleic_acid   0 
_refine_hist.pdbx_number_atoms_ligand         37 
_refine_hist.number_atoms_solvent             254 
_refine_hist.number_atoms_total               1633 
_refine_hist.d_res_high                       1.60 
_refine_hist.d_res_low                        20 
# 
loop_
_refine_ls_restr.type 
_refine_ls_restr.dev_ideal 
_refine_ls_restr.dev_ideal_target 
_refine_ls_restr.weight 
_refine_ls_restr.number 
_refine_ls_restr.pdbx_refine_id 
_refine_ls_restr.pdbx_restraint_function 
c_bond_d     0.010 ?   ? ? 'X-RAY DIFFRACTION' ? 
c_angle_deg  1.48  ?   ? ? 'X-RAY DIFFRACTION' ? 
c_mcbond_it  1.808 1.5 ? ? 'X-RAY DIFFRACTION' ? 
c_mcangle_it 2.504 2   ? ? 'X-RAY DIFFRACTION' ? 
c_scangle_it 3.199 2   ? ? 'X-RAY DIFFRACTION' ? 
c_scbond_it  4.406 2.5 ? ? 'X-RAY DIFFRACTION' ? 
# 
loop_
_pdbx_xplor_file.serial_no 
_pdbx_xplor_file.param_file 
_pdbx_xplor_file.topol_file 
_pdbx_xplor_file.pdbx_refine_id 
1 protein_rep.param protein.top 'X-RAY DIFFRACTION' 
2 gtp.param         gtp.top     'X-RAY DIFFRACTION' 
3 water_rep.param   water.top   'X-RAY DIFFRACTION' 
4 ion.param         ion.top     'X-RAY DIFFRACTION' 
5 bme1.param        bme1.top    'X-RAY DIFFRACTION' 
# 
_struct.entry_id                  1N6L 
_struct.title                     'Crystal Structure of Human Rab5a A30P mutant complex with GTP' 
_struct.pdbx_model_details        ? 
_struct.pdbx_CASP_flag            ? 
_struct.pdbx_model_type_details   ? 
# 
_struct_keywords.entry_id        1N6L 
_struct_keywords.pdbx_keywords   'PROTEIN TRANSPORT' 
_struct_keywords.text            'Rab, GTPase, protein transport' 
# 
loop_
_struct_asym.id 
_struct_asym.pdbx_blank_PDB_chainid_flag 
_struct_asym.pdbx_modified 
_struct_asym.entity_id 
_struct_asym.details 
A N N 1 ? 
B N N 2 ? 
C N N 3 ? 
D N N 4 ? 
E N N 5 ? 
# 
_struct_biol.id                    1 
_struct_biol.pdbx_parent_biol_id   ? 
_struct_biol.details               ? 
# 
loop_
_struct_conf.conf_type_id 
_struct_conf.id 
_struct_conf.pdbx_PDB_helix_id 
_struct_conf.beg_label_comp_id 
_struct_conf.beg_label_asym_id 
_struct_conf.beg_label_seq_id 
_struct_conf.pdbx_beg_PDB_ins_code 
_struct_conf.end_label_comp_id 
_struct_conf.end_label_asym_id 
_struct_conf.end_label_seq_id 
_struct_conf.pdbx_end_PDB_ins_code 
_struct_conf.beg_auth_comp_id 
_struct_conf.beg_auth_asym_id 
_struct_conf.beg_auth_seq_id 
_struct_conf.end_auth_comp_id 
_struct_conf.end_auth_asym_id 
_struct_conf.end_auth_seq_id 
_struct_conf.pdbx_PDB_helix_class 
_struct_conf.details 
_struct_conf.pdbx_PDB_helix_length 
HELX_P HELX_P1 1 GLY A 18  ? GLY A 29  ? GLY A 32  GLY A 43  1 ? 12 
HELX_P HELX_P2 2 GLN A 65  ? SER A 70  ? GLN A 79  SER A 84  5 ? 6  
HELX_P HELX_P3 3 LEU A 71  ? ARG A 77  ? LEU A 85  ARG A 91  1 ? 7  
HELX_P HELX_P4 4 ASN A 90  ? ALA A 108 ? ASN A 104 ALA A 122 1 ? 19 
HELX_P HELX_P5 5 LYS A 120 ? ARG A 127 ? LYS A 134 ARG A 141 5 ? 8  
HELX_P HELX_P6 6 ASP A 130 ? ASN A 141 ? ASP A 144 ASN A 155 1 ? 12 
HELX_P HELX_P7 7 ASN A 155 ? LEU A 167 ? ASN A 169 LEU A 181 1 ? 13 
# 
_struct_conf_type.id          HELX_P 
_struct_conf_type.criteria    ? 
_struct_conf_type.reference   ? 
# 
loop_
_struct_conn.id 
_struct_conn.conn_type_id 
_struct_conn.pdbx_leaving_atom_flag 
_struct_conn.pdbx_PDB_id 
_struct_conn.ptnr1_label_asym_id 
_struct_conn.ptnr1_label_comp_id 
_struct_conn.ptnr1_label_seq_id 
_struct_conn.ptnr1_label_atom_id 
_struct_conn.pdbx_ptnr1_label_alt_id 
_struct_conn.pdbx_ptnr1_PDB_ins_code 
_struct_conn.pdbx_ptnr1_standard_comp_id 
_struct_conn.ptnr1_symmetry 
_struct_conn.ptnr2_label_asym_id 
_struct_conn.ptnr2_label_comp_id 
_struct_conn.ptnr2_label_seq_id 
_struct_conn.ptnr2_label_atom_id 
_struct_conn.pdbx_ptnr2_label_alt_id 
_struct_conn.pdbx_ptnr2_PDB_ins_code 
_struct_conn.ptnr1_auth_asym_id 
_struct_conn.ptnr1_auth_comp_id 
_struct_conn.ptnr1_auth_seq_id 
_struct_conn.ptnr2_auth_asym_id 
_struct_conn.ptnr2_auth_comp_id 
_struct_conn.ptnr2_auth_seq_id 
_struct_conn.ptnr2_symmetry 
_struct_conn.pdbx_ptnr3_label_atom_id 
_struct_conn.pdbx_ptnr3_label_seq_id 
_struct_conn.pdbx_ptnr3_label_comp_id 
_struct_conn.pdbx_ptnr3_label_asym_id 
_struct_conn.pdbx_ptnr3_label_alt_id 
_struct_conn.pdbx_ptnr3_PDB_ins_code 
_struct_conn.details 
_struct_conn.pdbx_dist_value 
_struct_conn.pdbx_value_order 
_struct_conn.pdbx_role 
covale1 covale none ? A CYS 49 SG  ? ? ? 1_555 D BME . S2 ? ? A CYS 63  A BME 210 1_555 ? ? ? ? ? ? ? 2.035 ? ? 
metalc1 metalc ?    ? A SER 20 OG  ? ? ? 1_555 B MG  . MG ? ? A SER 34  A MG  201 1_555 ? ? ? ? ? ? ? 2.123 ? ? 
metalc2 metalc ?    ? A THR 38 OG1 ? ? ? 1_555 B MG  . MG ? ? A THR 52  A MG  201 1_555 ? ? ? ? ? ? ? 2.123 ? ? 
metalc3 metalc ?    ? C GTP .  O2G ? ? ? 1_555 B MG  . MG ? ? A GTP 200 A MG  201 1_555 ? ? ? ? ? ? ? 2.020 ? ? 
metalc4 metalc ?    ? C GTP .  O2B ? ? ? 1_555 B MG  . MG ? ? A GTP 200 A MG  201 1_555 ? ? ? ? ? ? ? 2.065 ? ? 
metalc5 metalc ?    ? B MG  .  MG  ? ? ? 1_555 E HOH . O  ? ? A MG  201 A HOH 301 1_555 ? ? ? ? ? ? ? 2.120 ? ? 
metalc6 metalc ?    ? B MG  .  MG  ? ? ? 1_555 E HOH . O  ? ? A MG  201 A HOH 302 1_555 ? ? ? ? ? ? ? 2.131 ? ? 
# 
loop_
_struct_conn_type.id 
_struct_conn_type.criteria 
_struct_conn_type.reference 
covale ? ? 
metalc ? ? 
# 
_struct_mon_prot_cis.pdbx_id                1 
_struct_mon_prot_cis.label_comp_id          SER 
_struct_mon_prot_cis.label_seq_id           15 
_struct_mon_prot_cis.label_asym_id          A 
_struct_mon_prot_cis.label_alt_id           . 
_struct_mon_prot_cis.pdbx_PDB_ins_code      ? 
_struct_mon_prot_cis.auth_comp_id           SER 
_struct_mon_prot_cis.auth_seq_id            29 
_struct_mon_prot_cis.auth_asym_id           A 
_struct_mon_prot_cis.pdbx_label_comp_id_2   PRO 
_struct_mon_prot_cis.pdbx_label_seq_id_2    16 
_struct_mon_prot_cis.pdbx_label_asym_id_2   A 
_struct_mon_prot_cis.pdbx_PDB_ins_code_2    ? 
_struct_mon_prot_cis.pdbx_auth_comp_id_2    PRO 
_struct_mon_prot_cis.pdbx_auth_seq_id_2     30 
_struct_mon_prot_cis.pdbx_auth_asym_id_2    A 
_struct_mon_prot_cis.pdbx_PDB_model_num     1 
_struct_mon_prot_cis.pdbx_omega_angle       -0.19 
# 
_struct_sheet.id               A 
_struct_sheet.type             ? 
_struct_sheet.number_strands   6 
_struct_sheet.details          ? 
# 
loop_
_struct_sheet_order.sheet_id 
_struct_sheet_order.range_id_1 
_struct_sheet_order.range_id_2 
_struct_sheet_order.offset 
_struct_sheet_order.sense 
A 1 2 ? anti-parallel 
A 2 3 ? parallel      
A 3 4 ? parallel      
A 4 5 ? parallel      
A 5 6 ? parallel      
# 
loop_
_struct_sheet_range.sheet_id 
_struct_sheet_range.id 
_struct_sheet_range.beg_label_comp_id 
_struct_sheet_range.beg_label_asym_id 
_struct_sheet_range.beg_label_seq_id 
_struct_sheet_range.pdbx_beg_PDB_ins_code 
_struct_sheet_range.end_label_comp_id 
_struct_sheet_range.end_label_asym_id 
_struct_sheet_range.end_label_seq_id 
_struct_sheet_range.pdbx_end_PDB_ins_code 
_struct_sheet_range.beg_auth_comp_id 
_struct_sheet_range.beg_auth_asym_id 
_struct_sheet_range.beg_auth_seq_id 
_struct_sheet_range.end_auth_comp_id 
_struct_sheet_range.end_auth_asym_id 
_struct_sheet_range.end_auth_seq_id 
A 1 ALA A 41  ? LEU A 50  ? ALA A 55  LEU A 64  
A 2 THR A 53  ? THR A 62  ? THR A 67  THR A 76  
A 3 LYS A 3   ? GLY A 13  ? LYS A 17  GLY A 27  
A 4 ALA A 81  ? ASP A 87  ? ALA A 95  ASP A 101 
A 5 VAL A 113 ? ASN A 119 ? VAL A 127 ASN A 133 
A 6 LEU A 144 ? GLU A 147 ? LEU A 158 GLU A 161 
# 
loop_
_pdbx_struct_sheet_hbond.sheet_id 
_pdbx_struct_sheet_hbond.range_id_1 
_pdbx_struct_sheet_hbond.range_id_2 
_pdbx_struct_sheet_hbond.range_1_label_atom_id 
_pdbx_struct_sheet_hbond.range_1_label_comp_id 
_pdbx_struct_sheet_hbond.range_1_label_asym_id 
_pdbx_struct_sheet_hbond.range_1_label_seq_id 
_pdbx_struct_sheet_hbond.range_1_PDB_ins_code 
_pdbx_struct_sheet_hbond.range_1_auth_atom_id 
_pdbx_struct_sheet_hbond.range_1_auth_comp_id 
_pdbx_struct_sheet_hbond.range_1_auth_asym_id 
_pdbx_struct_sheet_hbond.range_1_auth_seq_id 
_pdbx_struct_sheet_hbond.range_2_label_atom_id 
_pdbx_struct_sheet_hbond.range_2_label_comp_id 
_pdbx_struct_sheet_hbond.range_2_label_asym_id 
_pdbx_struct_sheet_hbond.range_2_label_seq_id 
_pdbx_struct_sheet_hbond.range_2_PDB_ins_code 
_pdbx_struct_sheet_hbond.range_2_auth_atom_id 
_pdbx_struct_sheet_hbond.range_2_auth_comp_id 
_pdbx_struct_sheet_hbond.range_2_auth_asym_id 
_pdbx_struct_sheet_hbond.range_2_auth_seq_id 
A 1 2 N GLN A 46  ? N GLN A 60  O PHE A 57  ? O PHE A 71  
A 2 3 O THR A 54  ? O THR A 68  N LYS A 3   ? N LYS A 17  
A 3 4 N LEU A 12  ? N LEU A 26  O VAL A 85  ? O VAL A 99  
A 4 5 N VAL A 84  ? N VAL A 98  O ALA A 115 ? O ALA A 129 
A 5 6 N LEU A 116 ? N LEU A 130 O LEU A 144 ? O LEU A 158 
# 
loop_
_struct_site.id 
_struct_site.pdbx_evidence_code 
_struct_site.pdbx_auth_asym_id 
_struct_site.pdbx_auth_comp_id 
_struct_site.pdbx_auth_seq_id 
_struct_site.pdbx_auth_ins_code 
_struct_site.pdbx_num_residues 
_struct_site.details 
AC1 Software A MG  201 ? 5  'BINDING SITE FOR RESIDUE MG A 201'  
AC2 Software A GTP 200 ? 30 'BINDING SITE FOR RESIDUE GTP A 200' 
AC3 Software A BME 210 ? 7  'BINDING SITE FOR RESIDUE BME A 210' 
# 
loop_
_struct_site_gen.id 
_struct_site_gen.site_id 
_struct_site_gen.pdbx_num_res 
_struct_site_gen.label_comp_id 
_struct_site_gen.label_asym_id 
_struct_site_gen.label_seq_id 
_struct_site_gen.pdbx_auth_ins_code 
_struct_site_gen.auth_comp_id 
_struct_site_gen.auth_asym_id 
_struct_site_gen.auth_seq_id 
_struct_site_gen.label_atom_id 
_struct_site_gen.label_alt_id 
_struct_site_gen.symmetry 
_struct_site_gen.details 
1  AC1 5  SER A 20  ? SER A 34  . ? 1_555 ? 
2  AC1 5  THR A 38  ? THR A 52  . ? 1_555 ? 
3  AC1 5  GTP C .   ? GTP A 200 . ? 1_555 ? 
4  AC1 5  HOH E .   ? HOH A 301 . ? 1_555 ? 
5  AC1 5  HOH E .   ? HOH A 302 . ? 1_555 ? 
6  AC2 30 SER A 15  ? SER A 29  . ? 1_555 ? 
7  AC2 30 PRO A 16  ? PRO A 30  . ? 1_555 ? 
8  AC2 30 VAL A 17  ? VAL A 31  . ? 1_555 ? 
9  AC2 30 GLY A 18  ? GLY A 32  . ? 1_555 ? 
10 AC2 30 LYS A 19  ? LYS A 33  . ? 1_555 ? 
11 AC2 30 SER A 20  ? SER A 34  . ? 1_555 ? 
12 AC2 30 SER A 21  ? SER A 35  . ? 1_555 ? 
13 AC2 30 PHE A 31  ? PHE A 45  . ? 1_555 ? 
14 AC2 30 HIS A 32  ? HIS A 46  . ? 1_555 ? 
15 AC2 30 GLU A 33  ? GLU A 47  . ? 1_555 ? 
16 AC2 30 GLN A 35  ? GLN A 49  . ? 1_555 ? 
17 AC2 30 THR A 38  ? THR A 52  . ? 1_555 ? 
18 AC2 30 GLY A 64  ? GLY A 78  . ? 1_555 ? 
19 AC2 30 ASN A 119 ? ASN A 133 . ? 1_555 ? 
20 AC2 30 LYS A 120 ? LYS A 134 . ? 1_555 ? 
21 AC2 30 ASP A 122 ? ASP A 136 . ? 1_555 ? 
22 AC2 30 LEU A 123 ? LEU A 137 . ? 1_555 ? 
23 AC2 30 SER A 149 ? SER A 163 . ? 1_555 ? 
24 AC2 30 ALA A 150 ? ALA A 164 . ? 1_555 ? 
25 AC2 30 LYS A 151 ? LYS A 165 . ? 1_555 ? 
26 AC2 30 LYS A 166 ? LYS A 180 . ? 2_555 ? 
27 AC2 30 MG  B .   ? MG  A 201 . ? 1_555 ? 
28 AC2 30 HOH E .   ? HOH A 301 . ? 1_555 ? 
29 AC2 30 HOH E .   ? HOH A 302 . ? 1_555 ? 
30 AC2 30 HOH E .   ? HOH A 303 . ? 1_555 ? 
31 AC2 30 HOH E .   ? HOH A 304 . ? 1_555 ? 
32 AC2 30 HOH E .   ? HOH A 333 . ? 1_555 ? 
33 AC2 30 HOH E .   ? HOH A 341 . ? 1_555 ? 
34 AC2 30 HOH E .   ? HOH A 400 . ? 1_555 ? 
35 AC2 30 HOH E .   ? HOH A 474 . ? 1_555 ? 
36 AC3 7  GLY A 1   ? GLY A 15  . ? 1_555 ? 
37 AC3 7  ALA A 41  ? ALA A 55  . ? 4_556 ? 
38 AC3 7  CYS A 49  ? CYS A 63  . ? 1_555 ? 
39 AC3 7  ASP A 51  ? ASP A 65  . ? 1_555 ? 
40 AC3 7  ASP A 52  ? ASP A 66  . ? 1_555 ? 
41 AC3 7  THR A 53  ? THR A 67  . ? 1_555 ? 
42 AC3 7  THR A 54  ? THR A 68  . ? 1_555 ? 
# 
_atom_sites.entry_id                    1N6L 
_atom_sites.fract_transf_matrix[1][1]   -0.02102918 
_atom_sites.fract_transf_matrix[1][2]   -0.00796452 
_atom_sites.fract_transf_matrix[1][3]   -0.01663649 
_atom_sites.fract_transf_matrix[2][1]   0.00387171 
_atom_sites.fract_transf_matrix[2][2]   0.01110652 
_atom_sites.fract_transf_matrix[2][3]   -0.01021111 
_atom_sites.fract_transf_matrix[3][1]   0.00927367 
_atom_sites.fract_transf_matrix[3][2]   -0.00972822 
_atom_sites.fract_transf_matrix[3][3]   -0.00706502 
_atom_sites.fract_transf_vector[1]      0.100840 
_atom_sites.fract_transf_vector[2]      0.024536 
_atom_sites.fract_transf_vector[3]      0.476464 
# 
loop_
_atom_type.symbol 
C  
MG 
N  
O  
P  
S  
# 
loop_
_atom_site.group_PDB 
_atom_site.id 
_atom_site.type_symbol 
_atom_site.label_atom_id 
_atom_site.label_alt_id 
_atom_site.label_comp_id 
_atom_site.label_asym_id 
_atom_site.label_entity_id 
_atom_site.label_seq_id 
_atom_site.pdbx_PDB_ins_code 
_atom_site.Cartn_x 
_atom_site.Cartn_y 
_atom_site.Cartn_z 
_atom_site.occupancy 
_atom_site.B_iso_or_equiv 
_atom_site.pdbx_formal_charge 
_atom_site.auth_seq_id 
_atom_site.auth_comp_id 
_atom_site.auth_asym_id 
_atom_site.auth_atom_id 
_atom_site.pdbx_PDB_model_num 
ATOM   1    N  N     . GLY A 1 1   ? -8.933  21.176  -14.408 1.00 26.64 ? 15  GLY A N     1 
ATOM   2    C  CA    . GLY A 1 1   ? -8.199  22.093  -13.480 1.00 25.94 ? 15  GLY A CA    1 
ATOM   3    C  C     . GLY A 1 1   ? -6.752  22.246  -13.906 1.00 24.36 ? 15  GLY A C     1 
ATOM   4    O  O     . GLY A 1 1   ? -6.216  21.382  -14.594 1.00 21.70 ? 15  GLY A O     1 
ATOM   5    N  N     . ASN A 1 2   ? -6.119  23.336  -13.486 1.00 23.50 ? 16  ASN A N     1 
ATOM   6    C  CA    . ASN A 1 2   ? -4.737  23.614  -13.848 1.00 25.92 ? 16  ASN A CA    1 
ATOM   7    C  C     . ASN A 1 2   ? -3.764  23.408  -12.698 1.00 24.68 ? 16  ASN A C     1 
ATOM   8    O  O     . ASN A 1 2   ? -2.584  23.741  -12.816 1.00 23.65 ? 16  ASN A O     1 
ATOM   9    C  CB    . ASN A 1 2   ? -4.607  25.053  -14.340 1.00 28.36 ? 16  ASN A CB    1 
ATOM   10   C  CG    . ASN A 1 2   ? -4.525  26.049  -13.197 1.00 32.95 ? 16  ASN A CG    1 
ATOM   11   O  OD1   . ASN A 1 2   ? -5.148  25.861  -12.156 1.00 30.42 ? 16  ASN A OD1   1 
ATOM   12   N  ND2   . ASN A 1 2   ? -3.763  27.120  -13.392 1.00 35.88 ? 16  ASN A ND2   1 
ATOM   13   N  N     . LYS A 1 3   ? -4.250  22.877  -11.582 1.00 26.58 ? 17  LYS A N     1 
ATOM   14   C  CA    . LYS A 1 3   ? -3.378  22.648  -10.431 1.00 29.35 ? 17  LYS A CA    1 
ATOM   15   C  C     . LYS A 1 3   ? -2.638  21.329  -10.568 1.00 29.92 ? 17  LYS A C     1 
ATOM   16   O  O     . LYS A 1 3   ? -3.179  20.357  -11.094 1.00 31.15 ? 17  LYS A O     1 
ATOM   17   C  CB    . LYS A 1 3   ? -4.191  22.653  -9.134  1.00 30.20 ? 17  LYS A CB    1 
ATOM   18   C  CG    . LYS A 1 3   ? -4.745  24.019  -8.763  1.00 33.92 ? 17  LYS A CG    1 
ATOM   19   C  CD    . LYS A 1 3   ? -5.676  23.955  -7.562  1.00 38.41 ? 17  LYS A CD    1 
ATOM   20   C  CE    . LYS A 1 3   ? -4.957  23.481  -6.312  1.00 40.35 ? 17  LYS A CE    1 
ATOM   21   N  NZ    . LYS A 1 3   ? -5.849  23.509  -5.107  1.00 43.22 ? 17  LYS A NZ    1 
ATOM   22   N  N     . ILE A 1 4   ? -1.394  21.306  -10.102 1.00 31.26 ? 18  ILE A N     1 
ATOM   23   C  CA    . ILE A 1 4   ? -0.577  20.100  -10.157 1.00 33.73 ? 18  ILE A CA    1 
ATOM   24   C  C     . ILE A 1 4   ? 0.001   19.803  -8.777  1.00 34.70 ? 18  ILE A C     1 
ATOM   25   O  O     . ILE A 1 4   ? 0.620   20.661  -8.149  1.00 34.79 ? 18  ILE A O     1 
ATOM   26   C  CB    . ILE A 1 4   ? 0.591   20.229  -11.173 1.00 34.63 ? 18  ILE A CB    1 
ATOM   27   C  CG1   . ILE A 1 4   ? 1.481   21.415  -10.807 1.00 37.62 ? 18  ILE A CG1   1 
ATOM   28   C  CG2   . ILE A 1 4   ? 0.040   20.373  -12.595 1.00 34.02 ? 18  ILE A CG2   1 
ATOM   29   C  CD1   . ILE A 1 4   ? 2.782   21.477  -11.601 1.00 37.18 ? 18  ILE A CD1   1 
ATOM   30   N  N     . CYS A 1 5   ? -0.219  18.583  -8.299  1.00 33.80 ? 19  CYS A N     1 
ATOM   31   C  CA    . CYS A 1 5   ? 0.280   18.172  -6.990  1.00 34.20 ? 19  CYS A CA    1 
ATOM   32   C  C     . CYS A 1 5   ? 1.155   16.927  -7.129  1.00 32.24 ? 19  CYS A C     1 
ATOM   33   O  O     . CYS A 1 5   ? 0.984   16.136  -8.056  1.00 32.85 ? 19  CYS A O     1 
ATOM   34   C  CB    . CYS A 1 5   ? -0.888  17.873  -6.040  1.00 35.09 ? 19  CYS A CB    1 
ATOM   35   S  SG    . CYS A 1 5   ? -1.808  19.329  -5.422  1.00 47.99 ? 19  CYS A SG    1 
ATOM   36   N  N     . GLN A 1 6   ? 2.106   16.767  -6.213  1.00 29.02 ? 20  GLN A N     1 
ATOM   37   C  CA    . GLN A 1 6   ? 2.990   15.608  -6.231  1.00 23.61 ? 20  GLN A CA    1 
ATOM   38   C  C     . GLN A 1 6   ? 3.243   15.143  -4.805  1.00 22.99 ? 20  GLN A C     1 
ATOM   39   O  O     . GLN A 1 6   ? 3.322   15.956  -3.889  1.00 22.03 ? 20  GLN A O     1 
ATOM   40   C  CB    . GLN A 1 6   ? 4.320   15.961  -6.895  1.00 24.19 ? 20  GLN A CB    1 
ATOM   41   C  CG    . GLN A 1 6   ? 5.370   14.873  -6.807  1.00 28.02 ? 20  GLN A CG    1 
ATOM   42   C  CD    . GLN A 1 6   ? 6.629   15.217  -7.570  1.00 27.12 ? 20  GLN A CD    1 
ATOM   43   O  OE1   . GLN A 1 6   ? 6.601   15.380  -8.790  1.00 35.55 ? 20  GLN A OE1   1 
ATOM   44   N  NE2   . GLN A 1 6   ? 7.741   15.337  -6.862  1.00 24.22 ? 20  GLN A NE2   1 
ATOM   45   N  N     . PHE A 1 7   ? 3.359   13.835  -4.605  1.00 20.63 ? 21  PHE A N     1 
ATOM   46   C  CA    . PHE A 1 7   ? 3.622   13.334  -3.261  1.00 20.81 ? 21  PHE A CA    1 
ATOM   47   C  C     . PHE A 1 7   ? 4.287   11.969  -3.317  1.00 17.44 ? 21  PHE A C     1 
ATOM   48   O  O     . PHE A 1 7   ? 4.159   11.230  -4.310  1.00 18.05 ? 21  PHE A O     1 
ATOM   49   C  CB    . PHE A 1 7   ? 2.331   13.251  -2.457  1.00 21.13 ? 21  PHE A CB    1 
ATOM   50   C  CG    . PHE A 1 7   ? 1.499   12.055  -2.778  1.00 22.89 ? 21  PHE A CG    1 
ATOM   51   C  CD1   . PHE A 1 7   ? 1.493   10.942  -1.931  1.00 21.01 ? 21  PHE A CD1   1 
ATOM   52   C  CD2   . PHE A 1 7   ? 0.711   12.034  -3.919  1.00 21.86 ? 21  PHE A CD2   1 
ATOM   53   C  CE1   . PHE A 1 7   ? 0.710   9.836   -2.222  1.00 25.36 ? 21  PHE A CE1   1 
ATOM   54   C  CE2   . PHE A 1 7   ? -0.074  10.928  -4.217  1.00 19.63 ? 21  PHE A CE2   1 
ATOM   55   C  CZ    . PHE A 1 7   ? -0.079  9.826   -3.369  1.00 23.59 ? 21  PHE A CZ    1 
ATOM   56   N  N     . LYS A 1 8   ? 5.010   11.640  -2.246  1.00 15.86 ? 22  LYS A N     1 
ATOM   57   C  CA    . LYS A 1 8   ? 5.727   10.378  -2.146  1.00 14.73 ? 22  LYS A CA    1 
ATOM   58   C  C     . LYS A 1 8   ? 4.911   9.351   -1.365  1.00 10.00 ? 22  LYS A C     1 
ATOM   59   O  O     . LYS A 1 8   ? 4.378   9.651   -0.295  1.00 13.32 ? 22  LYS A O     1 
ATOM   60   C  CB    . LYS A 1 8   ? 7.079   10.611  -1.453  1.00 19.85 ? 22  LYS A CB    1 
ATOM   61   C  CG    . LYS A 1 8   ? 7.910   9.349   -1.294  1.00 25.20 ? 22  LYS A CG    1 
ATOM   62   C  CD    . LYS A 1 8   ? 9.147   9.596   -0.442  1.00 29.46 ? 22  LYS A CD    1 
ATOM   63   C  CE    . LYS A 1 8   ? 9.904   8.306   -0.209  1.00 26.08 ? 22  LYS A CE    1 
ATOM   64   N  NZ    . LYS A 1 8   ? 11.258  8.586   0.355   1.00 31.81 ? 22  LYS A NZ    1 
ATOM   65   N  N     . LEU A 1 9   ? 4.780   8.157   -1.942  1.00 11.02 ? 23  LEU A N     1 
ATOM   66   C  CA    . LEU A 1 9   ? 4.031   7.063   -1.330  1.00 10.98 ? 23  LEU A CA    1 
ATOM   67   C  C     . LEU A 1 9   ? 4.909   5.828   -1.239  1.00 12.04 ? 23  LEU A C     1 
ATOM   68   O  O     . LEU A 1 9   ? 5.601   5.487   -2.195  1.00 14.00 ? 23  LEU A O     1 
ATOM   69   C  CB    . LEU A 1 9   ? 2.783   6.764   -2.178  1.00 12.46 ? 23  LEU A CB    1 
ATOM   70   C  CG    . LEU A 1 9   ? 1.768   5.733   -1.642  1.00 15.65 ? 23  LEU A CG    1 
ATOM   71   C  CD1   . LEU A 1 9   ? 0.392   5.985   -2.278  1.00 17.40 ? 23  LEU A CD1   1 
ATOM   72   C  CD2   . LEU A 1 9   ? 2.253   4.343   -1.966  1.00 17.57 ? 23  LEU A CD2   1 
ATOM   73   N  N     . VAL A 1 10  ? 4.906   5.179   -0.083  1.00 7.35  ? 24  VAL A N     1 
ATOM   74   C  CA    . VAL A 1 10  ? 5.712   3.978   0.096   1.00 8.56  ? 24  VAL A CA    1 
ATOM   75   C  C     . VAL A 1 10  ? 4.804   2.789   0.409   1.00 7.54  ? 24  VAL A C     1 
ATOM   76   O  O     . VAL A 1 10  ? 3.794   2.931   1.106   1.00 9.14  ? 24  VAL A O     1 
ATOM   77   C  CB    . VAL A 1 10  ? 6.764   4.185   1.260   1.00 10.69 ? 24  VAL A CB    1 
ATOM   78   C  CG1   . VAL A 1 10  ? 6.055   4.434   2.606   1.00 9.81  ? 24  VAL A CG1   1 
ATOM   79   C  CG2   . VAL A 1 10  ? 7.698   2.966   1.360   1.00 8.82  ? 24  VAL A CG2   1 
ATOM   80   N  N     . LEU A 1 11  ? 5.136   1.633   -0.155  1.00 7.62  ? 25  LEU A N     1 
ATOM   81   C  CA    . LEU A 1 11  ? 4.387   0.407   0.129   1.00 9.07  ? 25  LEU A CA    1 
ATOM   82   C  C     . LEU A 1 11  ? 5.270   -0.485  0.989   1.00 9.85  ? 25  LEU A C     1 
ATOM   83   O  O     . LEU A 1 11  ? 6.439   -0.697  0.694   1.00 10.23 ? 25  LEU A O     1 
ATOM   84   C  CB    . LEU A 1 11  ? 4.004   -0.363  -1.136  1.00 9.77  ? 25  LEU A CB    1 
ATOM   85   C  CG    . LEU A 1 11  ? 2.839   0.274   -1.892  1.00 14.97 ? 25  LEU A CG    1 
ATOM   86   C  CD1   . LEU A 1 11  ? 3.396   1.221   -2.933  1.00 16.26 ? 25  LEU A CD1   1 
ATOM   87   C  CD2   . LEU A 1 11  ? 1.999   -0.804  -2.556  1.00 12.20 ? 25  LEU A CD2   1 
ATOM   88   N  N     . LEU A 1 12  ? 4.692   -1.000  2.065   1.00 6.81  ? 26  LEU A N     1 
ATOM   89   C  CA    . LEU A 1 12  ? 5.419   -1.848  3.001   1.00 7.60  ? 26  LEU A CA    1 
ATOM   90   C  C     . LEU A 1 12  ? 4.548   -3.055  3.298   1.00 7.27  ? 26  LEU A C     1 
ATOM   91   O  O     . LEU A 1 12  ? 3.331   -2.952  3.228   1.00 7.73  ? 26  LEU A O     1 
ATOM   92   C  CB    . LEU A 1 12  ? 5.657   -1.084  4.309   1.00 10.20 ? 26  LEU A CB    1 
ATOM   93   C  CG    . LEU A 1 12  ? 6.494   0.197   4.246   1.00 8.41  ? 26  LEU A CG    1 
ATOM   94   C  CD1   . LEU A 1 12  ? 6.244   1.059   5.485   1.00 11.02 ? 26  LEU A CD1   1 
ATOM   95   C  CD2   . LEU A 1 12  ? 7.964   -0.209  4.174   1.00 8.74  ? 26  LEU A CD2   1 
ATOM   96   N  N     . GLY A 1 13  ? 5.164   -4.174  3.664   1.00 6.92  ? 27  GLY A N     1 
ATOM   97   C  CA    . GLY A 1 13  ? 4.389   -5.358  3.980   1.00 7.32  ? 27  GLY A CA    1 
ATOM   98   C  C     . GLY A 1 13  ? 5.214   -6.610  3.789   1.00 9.46  ? 27  GLY A C     1 
ATOM   99   O  O     . GLY A 1 13  ? 6.220   -6.612  3.073   1.00 8.44  ? 27  GLY A O     1 
ATOM   100  N  N     . GLU A 1 14  ? 4.750   -7.685  4.398   1.00 8.27  ? 28  GLU A N     1 
ATOM   101  C  CA    . GLU A 1 14  ? 5.455   -8.965  4.324   1.00 8.64  ? 28  GLU A CA    1 
ATOM   102  C  C     . GLU A 1 14  ? 5.617   -9.463  2.877   1.00 9.27  ? 28  GLU A C     1 
ATOM   103  O  O     . GLU A 1 14  ? 4.800   -9.158  1.997   1.00 8.44  ? 28  GLU A O     1 
ATOM   104  C  CB    . GLU A 1 14  ? 4.668   -9.979  5.170   1.00 12.06 ? 28  GLU A CB    1 
ATOM   105  C  CG    . GLU A 1 14  ? 5.276   -11.363 5.298   1.00 14.47 ? 28  GLU A CG    1 
ATOM   106  C  CD    . GLU A 1 14  ? 4.477   -12.236 6.260   1.00 13.08 ? 28  GLU A CD    1 
ATOM   107  O  OE1   . GLU A 1 14  ? 4.672   -12.094 7.479   1.00 21.89 ? 28  GLU A OE1   1 
ATOM   108  O  OE2   . GLU A 1 14  ? 3.684   -13.056 5.785   1.00 20.00 ? 28  GLU A OE2   1 
ATOM   109  N  N     . SER A 1 15  ? 6.698   -10.191 2.614   1.00 8.78  ? 29  SER A N     1 
ATOM   110  C  CA    . SER A 1 15  ? 6.891   -10.810 1.292   1.00 8.09  ? 29  SER A CA    1 
ATOM   111  C  C     . SER A 1 15  ? 6.179   -12.166 1.377   1.00 10.74 ? 29  SER A C     1 
ATOM   112  O  O     . SER A 1 15  ? 6.394   -12.900 2.334   1.00 13.69 ? 29  SER A O     1 
ATOM   113  C  CB    . SER A 1 15  ? 8.373   -11.054 1.021   1.00 12.34 ? 29  SER A CB    1 
ATOM   114  O  OG    . SER A 1 15  ? 8.527   -11.907 -0.095  1.00 12.04 ? 29  SER A OG    1 
ATOM   115  N  N     . PRO A 1 16  ? 5.368   -12.537 0.374   1.00 11.31 ? 30  PRO A N     1 
ATOM   116  C  CA    . PRO A 1 16  ? 5.031   -11.813 -0.855  1.00 13.05 ? 30  PRO A CA    1 
ATOM   117  C  C     . PRO A 1 16  ? 3.525   -11.532 -0.944  1.00 10.74 ? 30  PRO A C     1 
ATOM   118  O  O     . PRO A 1 16  ? 2.791   -12.178 -1.699  1.00 13.29 ? 30  PRO A O     1 
ATOM   119  C  CB    . PRO A 1 16  ? 5.505   -12.788 -1.925  1.00 15.19 ? 30  PRO A CB    1 
ATOM   120  C  CG    . PRO A 1 16  ? 5.073   -14.139 -1.325  1.00 12.44 ? 30  PRO A CG    1 
ATOM   121  C  CD    . PRO A 1 16  ? 5.065   -13.972 0.204   1.00 12.67 ? 30  PRO A CD    1 
ATOM   122  N  N     . VAL A 1 17  ? 3.078   -10.536 -0.187  1.00 7.30  ? 31  VAL A N     1 
ATOM   123  C  CA    . VAL A 1 17  ? 1.647   -10.212 -0.129  1.00 7.76  ? 31  VAL A CA    1 
ATOM   124  C  C     . VAL A 1 17  ? 1.049   -9.542  -1.358  1.00 7.81  ? 31  VAL A C     1 
ATOM   125  O  O     . VAL A 1 17  ? -0.177  -9.458  -1.470  1.00 8.67  ? 31  VAL A O     1 
ATOM   126  C  CB    . VAL A 1 17  ? 1.334   -9.345  1.101   1.00 7.87  ? 31  VAL A CB    1 
ATOM   127  C  CG1   . VAL A 1 17  ? 1.747   -10.090 2.393   1.00 9.79  ? 31  VAL A CG1   1 
ATOM   128  C  CG2   . VAL A 1 17  ? 2.074   -8.007  0.988   1.00 9.15  ? 31  VAL A CG2   1 
ATOM   129  N  N     . GLY A 1 18  ? 1.903   -9.088  -2.275  1.00 7.51  ? 32  GLY A N     1 
ATOM   130  C  CA    . GLY A 1 18  ? 1.431   -8.456  -3.511  1.00 5.65  ? 32  GLY A CA    1 
ATOM   131  C  C     . GLY A 1 18  ? 1.689   -6.972  -3.712  1.00 6.85  ? 32  GLY A C     1 
ATOM   132  O  O     . GLY A 1 18  ? 1.001   -6.326  -4.507  1.00 8.84  ? 32  GLY A O     1 
ATOM   133  N  N     . LYS A 1 19  ? 2.662   -6.417  -2.991  1.00 7.25  ? 33  LYS A N     1 
ATOM   134  C  CA    . LYS A 1 19  ? 3.005   -5.004  -3.128  1.00 7.65  ? 33  LYS A CA    1 
ATOM   135  C  C     . LYS A 1 19  ? 3.347   -4.606  -4.555  1.00 8.08  ? 33  LYS A C     1 
ATOM   136  O  O     . LYS A 1 19  ? 2.799   -3.646  -5.098  1.00 8.21  ? 33  LYS A O     1 
ATOM   137  C  CB    . LYS A 1 19  ? 4.185   -4.660  -2.211  1.00 8.46  ? 33  LYS A CB    1 
ATOM   138  C  CG    . LYS A 1 19  ? 3.895   -4.902  -0.731  1.00 7.17  ? 33  LYS A CG    1 
ATOM   139  C  CD    . LYS A 1 19  ? 5.091   -4.534  0.169   1.00 8.54  ? 33  LYS A CD    1 
ATOM   140  C  CE    . LYS A 1 19  ? 6.316   -5.463  -0.086  1.00 9.17  ? 33  LYS A CE    1 
ATOM   141  N  NZ    . LYS A 1 19  ? 6.022   -6.928  0.214   1.00 7.35  ? 33  LYS A NZ    1 
ATOM   142  N  N     . SER A 1 20  ? 4.297   -5.316  -5.153  1.00 7.94  ? 34  SER A N     1 
ATOM   143  C  CA    . SER A 1 20  ? 4.699   -4.993  -6.515  1.00 8.68  ? 34  SER A CA    1 
ATOM   144  C  C     . SER A 1 20  ? 3.533   -5.148  -7.464  1.00 9.27  ? 34  SER A C     1 
ATOM   145  O  O     . SER A 1 20  ? 3.383   -4.363  -8.388  1.00 8.81  ? 34  SER A O     1 
ATOM   146  C  CB    . SER A 1 20  ? 5.851   -5.890  -6.950  1.00 8.04  ? 34  SER A CB    1 
ATOM   147  O  OG    . SER A 1 20  ? 6.968   -5.636  -6.121  1.00 8.58  ? 34  SER A OG    1 
ATOM   148  N  N     . SER A 1 21  ? 2.721   -6.179  -7.244  1.00 7.93  ? 35  SER A N     1 
ATOM   149  C  CA    . SER A 1 21  ? 1.561   -6.377  -8.114  1.00 9.11  ? 35  SER A CA    1 
ATOM   150  C  C     . SER A 1 21  ? 0.561   -5.228  -8.012  1.00 9.08  ? 35  SER A C     1 
ATOM   151  O  O     . SER A 1 21  ? -0.035  -4.824  -9.016  1.00 8.62  ? 35  SER A O     1 
ATOM   152  C  CB    . SER A 1 21  ? 0.878   -7.693  -7.779  1.00 6.63  ? 35  SER A CB    1 
ATOM   153  O  OG    . SER A 1 21  ? 1.744   -8.792  -8.043  1.00 8.63  ? 35  SER A OG    1 
ATOM   154  N  N     . LEU A 1 22  ? 0.351   -4.721  -6.800  1.00 9.36  ? 36  LEU A N     1 
ATOM   155  C  CA    . LEU A 1 22  ? -0.554  -3.590  -6.610  1.00 7.42  ? 36  LEU A CA    1 
ATOM   156  C  C     . LEU A 1 22  ? -0.037  -2.367  -7.367  1.00 9.85  ? 36  LEU A C     1 
ATOM   157  O  O     . LEU A 1 22  ? -0.798  -1.664  -8.037  1.00 10.66 ? 36  LEU A O     1 
ATOM   158  C  CB    . LEU A 1 22  ? -0.697  -3.239  -5.130  1.00 8.94  ? 36  LEU A CB    1 
ATOM   159  C  CG    . LEU A 1 22  ? -1.676  -4.134  -4.358  1.00 11.69 ? 36  LEU A CG    1 
ATOM   160  C  CD1   . LEU A 1 22  ? -1.466  -3.942  -2.864  1.00 14.34 ? 36  LEU A CD1   1 
ATOM   161  C  CD2   . LEU A 1 22  ? -3.112  -3.808  -4.764  1.00 11.53 ? 36  LEU A CD2   1 
ATOM   162  N  N     . VAL A 1 23  ? 1.261   -2.106  -7.265  1.00 9.50  ? 37  VAL A N     1 
ATOM   163  C  CA    . VAL A 1 23  ? 1.835   -0.972  -7.967  1.00 12.57 ? 37  VAL A CA    1 
ATOM   164  C  C     . VAL A 1 23  ? 1.736   -1.178  -9.475  1.00 12.22 ? 37  VAL A C     1 
ATOM   165  O  O     . VAL A 1 23  ? 1.301   -0.287  -10.198 1.00 12.07 ? 37  VAL A O     1 
ATOM   166  C  CB    . VAL A 1 23  ? 3.304   -0.741  -7.561  1.00 12.64 ? 37  VAL A CB    1 
ATOM   167  C  CG1   . VAL A 1 23  ? 3.900   0.451   -8.351  1.00 14.57 ? 37  VAL A CG1   1 
ATOM   168  C  CG2   . VAL A 1 23  ? 3.359   -0.417  -6.082  1.00 13.02 ? 37  VAL A CG2   1 
ATOM   169  N  N     . LEU A 1 24  ? 2.117   -2.355  -9.957  1.00 11.05 ? 38  LEU A N     1 
ATOM   170  C  CA    . LEU A 1 24  ? 2.043   -2.608  -11.393 1.00 12.04 ? 38  LEU A CA    1 
ATOM   171  C  C     . LEU A 1 24  ? 0.630   -2.453  -11.914 1.00 11.43 ? 38  LEU A C     1 
ATOM   172  O  O     . LEU A 1 24  ? 0.412   -1.957  -13.016 1.00 11.42 ? 38  LEU A O     1 
ATOM   173  C  CB    . LEU A 1 24  ? 2.546   -4.013  -11.726 1.00 13.04 ? 38  LEU A CB    1 
ATOM   174  C  CG    . LEU A 1 24  ? 4.068   -4.151  -11.760 1.00 20.60 ? 38  LEU A CG    1 
ATOM   175  C  CD1   . LEU A 1 24  ? 4.435   -5.620  -11.856 1.00 23.62 ? 38  LEU A CD1   1 
ATOM   176  C  CD2   . LEU A 1 24  ? 4.631   -3.359  -12.943 1.00 24.26 ? 38  LEU A CD2   1 
ATOM   177  N  N     . ARG A 1 25  ? -0.345  -2.895  -11.134 1.00 9.26  ? 39  ARG A N     1 
ATOM   178  C  CA    . ARG A 1 25  ? -1.730  -2.778  -11.587 1.00 9.93  ? 39  ARG A CA    1 
ATOM   179  C  C     . ARG A 1 25  ? -2.152  -1.320  -11.709 1.00 11.23 ? 39  ARG A C     1 
ATOM   180  O  O     . ARG A 1 25  ? -2.818  -0.931  -12.678 1.00 11.78 ? 39  ARG A O     1 
ATOM   181  C  CB    . ARG A 1 25  ? -2.665  -3.526  -10.621 1.00 10.64 ? 39  ARG A CB    1 
ATOM   182  C  CG    . ARG A 1 25  ? -4.154  -3.268  -10.896 1.00 14.19 ? 39  ARG A CG    1 
ATOM   183  C  CD    . ARG A 1 25  ? -4.548  -3.714  -12.288 1.00 21.51 ? 39  ARG A CD    1 
ATOM   184  N  NE    . ARG A 1 25  ? -4.725  -5.158  -12.328 1.00 22.05 ? 39  ARG A NE    1 
ATOM   185  C  CZ    . ARG A 1 25  ? -5.348  -5.812  -13.300 1.00 14.92 ? 39  ARG A CZ    1 
ATOM   186  N  NH1   . ARG A 1 25  ? -5.852  -5.150  -14.324 1.00 22.18 ? 39  ARG A NH1   1 
ATOM   187  N  NH2   . ARG A 1 25  ? -5.471  -7.121  -13.233 1.00 10.47 ? 39  ARG A NH2   1 
ATOM   188  N  N     . PHE A 1 26  ? -1.768  -0.518  -10.724 1.00 10.82 ? 40  PHE A N     1 
ATOM   189  C  CA    . PHE A 1 26  ? -2.103  0.901   -10.704 1.00 8.86  ? 40  PHE A CA    1 
ATOM   190  C  C     . PHE A 1 26  ? -1.378  1.709   -11.763 1.00 14.20 ? 40  PHE A C     1 
ATOM   191  O  O     . PHE A 1 26  ? -1.972  2.571   -12.416 1.00 15.57 ? 40  PHE A O     1 
ATOM   192  C  CB    . PHE A 1 26  ? -1.756  1.482   -9.324  1.00 10.03 ? 40  PHE A CB    1 
ATOM   193  C  CG    . PHE A 1 26  ? -2.059  2.941   -9.200  1.00 12.37 ? 40  PHE A CG    1 
ATOM   194  C  CD1   . PHE A 1 26  ? -3.359  3.406   -9.384  1.00 14.10 ? 40  PHE A CD1   1 
ATOM   195  C  CD2   . PHE A 1 26  ? -1.050  3.857   -8.902  1.00 13.99 ? 40  PHE A CD2   1 
ATOM   196  C  CE1   . PHE A 1 26  ? -3.650  4.769   -9.271  1.00 16.42 ? 40  PHE A CE1   1 
ATOM   197  C  CE2   . PHE A 1 26  ? -1.329  5.208   -8.788  1.00 10.89 ? 40  PHE A CE2   1 
ATOM   198  C  CZ    . PHE A 1 26  ? -2.642  5.670   -8.973  1.00 12.99 ? 40  PHE A CZ    1 
ATOM   199  N  N     . VAL A 1 27  ? -0.086  1.441   -11.909 1.00 12.90 ? 41  VAL A N     1 
ATOM   200  C  CA    . VAL A 1 27  ? 0.743   2.182   -12.851 1.00 14.31 ? 41  VAL A CA    1 
ATOM   201  C  C     . VAL A 1 27  ? 0.686   1.716   -14.303 1.00 16.58 ? 41  VAL A C     1 
ATOM   202  O  O     . VAL A 1 27  ? 0.636   2.545   -15.220 1.00 21.19 ? 41  VAL A O     1 
ATOM   203  C  CB    . VAL A 1 27  ? 2.219   2.163   -12.395 1.00 15.85 ? 41  VAL A CB    1 
ATOM   204  C  CG1   . VAL A 1 27  ? 3.092   2.934   -13.396 1.00 19.50 ? 41  VAL A CG1   1 
ATOM   205  C  CG2   . VAL A 1 27  ? 2.336   2.776   -11.013 1.00 16.76 ? 41  VAL A CG2   1 
ATOM   206  N  N     . LYS A 1 28  ? 0.676   0.407   -14.519 1.00 14.53 ? 42  LYS A N     1 
ATOM   207  C  CA    . LYS A 1 28  ? 0.704   -0.117  -15.877 1.00 16.16 ? 42  LYS A CA    1 
ATOM   208  C  C     . LYS A 1 28  ? -0.524  -0.908  -16.293 1.00 15.87 ? 42  LYS A C     1 
ATOM   209  O  O     . LYS A 1 28  ? -0.626  -1.380  -17.431 1.00 15.91 ? 42  LYS A O     1 
ATOM   210  C  CB    . LYS A 1 28  ? 1.953   -0.992  -16.072 1.00 18.11 ? 42  LYS A CB    1 
ATOM   211  C  CG    . LYS A 1 28  ? 3.293   -0.278  -15.857 1.00 22.52 ? 42  LYS A CG    1 
ATOM   212  C  CD    . LYS A 1 28  ? 4.452   -1.148  -16.339 1.00 30.00 ? 42  LYS A CD    1 
ATOM   213  C  CE    . LYS A 1 28  ? 5.808   -0.472  -16.135 1.00 30.89 ? 42  LYS A CE    1 
ATOM   214  N  NZ    . LYS A 1 28  ? 6.241   -0.489  -14.703 1.00 38.45 ? 42  LYS A NZ    1 
ATOM   215  N  N     . GLY A 1 29  ? -1.456  -1.076  -15.366 1.00 13.35 ? 43  GLY A N     1 
ATOM   216  C  CA    . GLY A 1 29  ? -2.652  -1.823  -15.677 1.00 14.12 ? 43  GLY A CA    1 
ATOM   217  C  C     . GLY A 1 29  ? -2.354  -3.270  -15.991 1.00 18.49 ? 43  GLY A C     1 
ATOM   218  O  O     . GLY A 1 29  ? -3.107  -3.928  -16.715 1.00 19.49 ? 43  GLY A O     1 
ATOM   219  N  N     . GLN A 1 30  ? -1.256  -3.772  -15.438 1.00 19.73 ? 44  GLN A N     1 
ATOM   220  C  CA    . GLN A 1 30  ? -0.858  -5.150  -15.665 1.00 20.07 ? 44  GLN A CA    1 
ATOM   221  C  C     . GLN A 1 30  ? -0.862  -5.959  -14.368 1.00 16.68 ? 44  GLN A C     1 
ATOM   222  O  O     . GLN A 1 30  ? -0.890  -5.408  -13.266 1.00 13.02 ? 44  GLN A O     1 
ATOM   223  C  CB    . GLN A 1 30  ? 0.565   -5.214  -16.244 1.00 24.40 ? 44  GLN A CB    1 
ATOM   224  C  CG    . GLN A 1 30  ? 0.990   -4.030  -17.101 1.00 28.81 ? 44  GLN A CG    1 
ATOM   225  C  CD    . GLN A 1 30  ? 2.447   -4.121  -17.587 1.00 33.61 ? 44  GLN A CD    1 
ATOM   226  O  OE1   . GLN A 1 30  ? 3.377   -4.341  -16.800 1.00 32.55 ? 44  GLN A OE1   1 
ATOM   227  N  NE2   . GLN A 1 30  ? 2.644   -3.935  -18.885 1.00 34.57 ? 44  GLN A NE2   1 
ATOM   228  N  N     . PHE A 1 31  ? -0.861  -7.272  -14.533 1.00 18.36 ? 45  PHE A N     1 
ATOM   229  C  CA    . PHE A 1 31  ? -0.776  -8.203  -13.415 1.00 13.19 ? 45  PHE A CA    1 
ATOM   230  C  C     . PHE A 1 31  ? 0.006   -9.408  -13.906 1.00 11.91 ? 45  PHE A C     1 
ATOM   231  O  O     . PHE A 1 31  ? -0.331  -10.001 -14.933 1.00 13.01 ? 45  PHE A O     1 
ATOM   232  C  CB    . PHE A 1 31  ? -2.150  -8.675  -12.929 1.00 15.54 ? 45  PHE A CB    1 
ATOM   233  C  CG    . PHE A 1 31  ? -2.066  -9.774  -11.896 1.00 11.80 ? 45  PHE A CG    1 
ATOM   234  C  CD1   . PHE A 1 31  ? -1.630  -9.499  -10.594 1.00 12.95 ? 45  PHE A CD1   1 
ATOM   235  C  CD2   . PHE A 1 31  ? -2.316  -11.095 -12.245 1.00 13.20 ? 45  PHE A CD2   1 
ATOM   236  C  CE1   . PHE A 1 31  ? -1.443  -10.546 -9.668  1.00 10.61 ? 45  PHE A CE1   1 
ATOM   237  C  CE2   . PHE A 1 31  ? -2.135  -12.134 -11.336 1.00 13.33 ? 45  PHE A CE2   1 
ATOM   238  C  CZ    . PHE A 1 31  ? -1.690  -11.848 -10.039 1.00 13.07 ? 45  PHE A CZ    1 
ATOM   239  N  N     . HIS A 1 32  ? 1.047   -9.768  -13.172 1.00 11.51 ? 46  HIS A N     1 
ATOM   240  C  CA    . HIS A 1 32  ? 1.876   -10.911 -13.551 1.00 11.51 ? 46  HIS A CA    1 
ATOM   241  C  C     . HIS A 1 32  ? 1.768   -12.000 -12.505 1.00 11.78 ? 46  HIS A C     1 
ATOM   242  O  O     . HIS A 1 32  ? 2.094   -11.786 -11.333 1.00 11.61 ? 46  HIS A O     1 
ATOM   243  C  CB    . HIS A 1 32  ? 3.337   -10.477 -13.686 1.00 12.20 ? 46  HIS A CB    1 
ATOM   244  C  CG    . HIS A 1 32  ? 3.538   -9.371  -14.669 1.00 12.23 ? 46  HIS A CG    1 
ATOM   245  N  ND1   . HIS A 1 32  ? 4.515   -8.413  -14.515 1.00 17.25 ? 46  HIS A ND1   1 
ATOM   246  C  CD2   . HIS A 1 32  ? 2.883   -9.063  -15.813 1.00 13.06 ? 46  HIS A CD2   1 
ATOM   247  C  CE1   . HIS A 1 32  ? 4.452   -7.560  -15.522 1.00 15.14 ? 46  HIS A CE1   1 
ATOM   248  N  NE2   . HIS A 1 32  ? 3.472   -7.930  -16.324 1.00 13.13 ? 46  HIS A NE2   1 
ATOM   249  N  N     . GLU A 1 33  ? 1.288   -13.168 -12.925 1.00 11.91 ? 47  GLU A N     1 
ATOM   250  C  CA    . GLU A 1 33  ? 1.165   -14.317 -12.041 1.00 12.36 ? 47  GLU A CA    1 
ATOM   251  C  C     . GLU A 1 33  ? 2.531   -14.715 -11.512 1.00 11.67 ? 47  GLU A C     1 
ATOM   252  O  O     . GLU A 1 33  ? 2.675   -15.238 -10.407 1.00 11.30 ? 47  GLU A O     1 
ATOM   253  C  CB    . GLU A 1 33  ? 0.554   -15.495 -12.815 1.00 16.83 ? 47  GLU A CB    1 
ATOM   254  C  CG    . GLU A 1 33  ? -0.156  -16.541 -11.950 1.00 27.38 ? 47  GLU A CG    1 
ATOM   255  C  CD    . GLU A 1 33  ? -1.444  -16.029 -11.308 1.00 28.65 ? 47  GLU A CD    1 
ATOM   256  O  OE1   . GLU A 1 33  ? -2.370  -15.609 -12.040 1.00 35.96 ? 47  GLU A OE1   1 
ATOM   257  O  OE2   . GLU A 1 33  ? -1.539  -16.048 -10.064 1.00 37.07 ? 47  GLU A OE2   1 
ATOM   258  N  N     . PHE A 1 34  ? 3.554   -14.459 -12.315 1.00 13.40 ? 48  PHE A N     1 
ATOM   259  C  CA    . PHE A 1 34  ? 4.905   -14.827 -11.941 1.00 13.39 ? 48  PHE A CA    1 
ATOM   260  C  C     . PHE A 1 34  ? 5.646   -13.505 -11.811 1.00 14.26 ? 48  PHE A C     1 
ATOM   261  O  O     . PHE A 1 34  ? 5.896   -12.832 -12.809 1.00 17.23 ? 48  PHE A O     1 
ATOM   262  C  CB    . PHE A 1 34  ? 5.504   -15.686 -13.070 1.00 13.49 ? 48  PHE A CB    1 
ATOM   263  C  CG    . PHE A 1 34  ? 4.566   -16.773 -13.557 1.00 14.61 ? 48  PHE A CG    1 
ATOM   264  C  CD1   . PHE A 1 34  ? 3.860   -16.631 -14.749 1.00 15.66 ? 48  PHE A CD1   1 
ATOM   265  C  CD2   . PHE A 1 34  ? 4.364   -17.916 -12.796 1.00 20.98 ? 48  PHE A CD2   1 
ATOM   266  C  CE1   . PHE A 1 34  ? 2.960   -17.621 -15.171 1.00 16.27 ? 48  PHE A CE1   1 
ATOM   267  C  CE2   . PHE A 1 34  ? 3.476   -18.908 -13.204 1.00 19.81 ? 48  PHE A CE2   1 
ATOM   268  C  CZ    . PHE A 1 34  ? 2.772   -18.766 -14.390 1.00 18.41 ? 48  PHE A CZ    1 
ATOM   269  N  N     . GLN A 1 35  ? 5.958   -13.124 -10.586 1.00 18.22 ? 49  GLN A N     1 
ATOM   270  C  CA    . GLN A 1 35  ? 6.637   -11.853 -10.307 1.00 17.71 ? 49  GLN A CA    1 
ATOM   271  C  C     . GLN A 1 35  ? 7.865   -12.124 -9.444  1.00 18.41 ? 49  GLN A C     1 
ATOM   272  O  O     . GLN A 1 35  ? 7.760   -12.778 -8.400  1.00 22.86 ? 49  GLN A O     1 
ATOM   273  C  CB    . GLN A 1 35  ? 5.668   -10.894 -9.581  1.00 19.38 ? 49  GLN A CB    1 
ATOM   274  C  CG    . GLN A 1 35  ? 6.157   -9.447  -9.443  1.00 19.94 ? 49  GLN A CG    1 
ATOM   275  C  CD    . GLN A 1 35  ? 6.088   -8.679  -10.746 1.00 23.95 ? 49  GLN A CD    1 
ATOM   276  O  OE1   . GLN A 1 35  ? 5.036   -8.623  -11.399 1.00 20.78 ? 49  GLN A OE1   1 
ATOM   277  N  NE2   . GLN A 1 35  ? 7.200   -8.065  -11.129 1.00 23.18 ? 49  GLN A NE2   1 
ATOM   278  N  N     . GLU A 1 36  ? 9.021   -11.605 -9.848  1.00 15.80 ? 50  GLU A N     1 
ATOM   279  C  CA    . GLU A 1 36  ? 10.240  -11.853 -9.083  1.00 16.59 ? 50  GLU A CA    1 
ATOM   280  C  C     . GLU A 1 36  ? 10.198  -11.045 -7.785  1.00 16.13 ? 50  GLU A C     1 
ATOM   281  O  O     . GLU A 1 36  ? 9.623   -9.953  -7.737  1.00 13.87 ? 50  GLU A O     1 
ATOM   282  C  CB    . GLU A 1 36  ? 11.488  -11.459 -9.896  1.00 24.80 ? 50  GLU A CB    1 
ATOM   283  C  CG    . GLU A 1 36  ? 11.950  -10.024 -9.700  1.00 32.20 ? 50  GLU A CG    1 
ATOM   284  C  CD    . GLU A 1 36  ? 13.394  -9.790  -10.147 1.00 37.14 ? 50  GLU A CD    1 
ATOM   285  O  OE1   . GLU A 1 36  ? 14.262  -10.656 -9.883  1.00 42.20 ? 50  GLU A OE1   1 
ATOM   286  O  OE2   . GLU A 1 36  ? 13.664  -8.731  -10.746 1.00 39.82 ? 50  GLU A OE2   1 
ATOM   287  N  N     . SER A 1 37  ? 10.829  -11.589 -6.749  1.00 15.43 ? 51  SER A N     1 
ATOM   288  C  CA    . SER A 1 37  ? 10.896  -10.931 -5.454  1.00 16.83 ? 51  SER A CA    1 
ATOM   289  C  C     . SER A 1 37  ? 11.645  -9.628  -5.665  1.00 15.70 ? 51  SER A C     1 
ATOM   290  O  O     . SER A 1 37  ? 12.615  -9.572  -6.430  1.00 16.68 ? 51  SER A O     1 
ATOM   291  C  CB    . SER A 1 37  ? 11.681  -11.797 -4.467  1.00 17.28 ? 51  SER A CB    1 
ATOM   292  O  OG    . SER A 1 37  ? 11.077  -13.064 -4.307  1.00 21.92 ? 51  SER A OG    1 
ATOM   293  N  N     . THR A 1 38  ? 11.197  -8.568  -4.997  1.00 12.59 ? 52  THR A N     1 
ATOM   294  C  CA    . THR A 1 38  ? 11.852  -7.278  -5.121  1.00 11.19 ? 52  THR A CA    1 
ATOM   295  C  C     . THR A 1 38  ? 13.124  -7.292  -4.274  1.00 9.04  ? 52  THR A C     1 
ATOM   296  O  O     . THR A 1 38  ? 13.172  -7.916  -3.220  1.00 10.82 ? 52  THR A O     1 
ATOM   297  C  CB    . THR A 1 38  ? 10.893  -6.167  -4.659  1.00 12.76 ? 52  THR A CB    1 
ATOM   298  O  OG1   . THR A 1 38  ? 9.684   -6.271  -5.426  1.00 8.09  ? 52  THR A OG1   1 
ATOM   299  C  CG2   . THR A 1 38  ? 11.498  -4.788  -4.864  1.00 12.67 ? 52  THR A CG2   1 
ATOM   300  N  N     . ILE A 1 39  ? 14.150  -6.617  -4.774  1.00 13.54 ? 53  ILE A N     1 
ATOM   301  C  CA    . ILE A 1 39  ? 15.432  -6.520  -4.082  1.00 16.80 ? 53  ILE A CA    1 
ATOM   302  C  C     . ILE A 1 39  ? 15.620  -5.080  -3.616  1.00 13.58 ? 53  ILE A C     1 
ATOM   303  O  O     . ILE A 1 39  ? 15.814  -4.181  -4.436  1.00 15.79 ? 53  ILE A O     1 
ATOM   304  C  CB    . ILE A 1 39  ? 16.579  -6.885  -5.011  1.00 18.61 ? 53  ILE A CB    1 
ATOM   305  C  CG1   . ILE A 1 39  ? 16.431  -8.340  -5.458  1.00 18.07 ? 53  ILE A CG1   1 
ATOM   306  C  CG2   . ILE A 1 39  ? 17.911  -6.663  -4.295  1.00 20.72 ? 53  ILE A CG2   1 
ATOM   307  C  CD1   . ILE A 1 39  ? 17.410  -8.709  -6.554  1.00 19.59 ? 53  ILE A CD1   1 
ATOM   308  N  N     . GLY A 1 40  ? 15.561  -4.864  -2.303  1.00 16.31 ? 54  GLY A N     1 
ATOM   309  C  CA    . GLY A 1 40  ? 15.690  -3.517  -1.772  1.00 14.81 ? 54  GLY A CA    1 
ATOM   310  C  C     . GLY A 1 40  ? 14.400  -2.744  -1.997  1.00 16.18 ? 54  GLY A C     1 
ATOM   311  O  O     . GLY A 1 40  ? 13.522  -2.735  -1.135  1.00 17.10 ? 54  GLY A O     1 
ATOM   312  N  N     . ALA A 1 41  ? 14.293  -2.096  -3.157  1.00 13.28 ? 55  ALA A N     1 
ATOM   313  C  CA    . ALA A 1 41  ? 13.103  -1.340  -3.536  1.00 13.19 ? 55  ALA A CA    1 
ATOM   314  C  C     . ALA A 1 41  ? 13.113  -1.064  -5.031  1.00 13.70 ? 55  ALA A C     1 
ATOM   315  O  O     . ALA A 1 41  ? 14.155  -1.113  -5.689  1.00 14.76 ? 55  ALA A O     1 
ATOM   316  C  CB    . ALA A 1 41  ? 13.027  -0.021  -2.772  1.00 14.16 ? 55  ALA A CB    1 
ATOM   317  N  N     . ALA A 1 42  ? 11.927  -0.806  -5.558  1.00 13.07 ? 56  ALA A N     1 
ATOM   318  C  CA    . ALA A 1 42  ? 11.733  -0.491  -6.962  1.00 13.03 ? 56  ALA A CA    1 
ATOM   319  C  C     . ALA A 1 42  ? 10.963  0.821   -6.917  1.00 13.45 ? 56  ALA A C     1 
ATOM   320  O  O     . ALA A 1 42  ? 10.268  1.119   -5.927  1.00 13.62 ? 56  ALA A O     1 
ATOM   321  C  CB    . ALA A 1 42  ? 10.918  -1.582  -7.639  1.00 16.94 ? 56  ALA A CB    1 
ATOM   322  N  N     . PHE A 1 43  ? 11.105  1.612   -7.967  1.00 15.24 ? 57  PHE A N     1 
ATOM   323  C  CA    . PHE A 1 43  ? 10.466  2.915   -8.040  1.00 16.08 ? 57  PHE A CA    1 
ATOM   324  C  C     . PHE A 1 43  ? 9.608   3.101   -9.289  1.00 16.87 ? 57  PHE A C     1 
ATOM   325  O  O     . PHE A 1 43  ? 10.022  2.761   -10.392 1.00 19.25 ? 57  PHE A O     1 
ATOM   326  C  CB    . PHE A 1 43  ? 11.524  4.006   -8.017  1.00 18.06 ? 57  PHE A CB    1 
ATOM   327  C  CG    . PHE A 1 43  ? 10.959  5.378   -8.111  1.00 20.30 ? 57  PHE A CG    1 
ATOM   328  C  CD1   . PHE A 1 43  ? 10.437  6.000   -6.981  1.00 17.83 ? 57  PHE A CD1   1 
ATOM   329  C  CD2   . PHE A 1 43  ? 10.937  6.057   -9.329  1.00 19.23 ? 57  PHE A CD2   1 
ATOM   330  C  CE1   . PHE A 1 43  ? 9.906   7.278   -7.055  1.00 22.54 ? 57  PHE A CE1   1 
ATOM   331  C  CE2   . PHE A 1 43  ? 10.406  7.338   -9.410  1.00 21.28 ? 57  PHE A CE2   1 
ATOM   332  C  CZ    . PHE A 1 43  ? 9.896   7.950   -8.277  1.00 16.90 ? 57  PHE A CZ    1 
ATOM   333  N  N     . LEU A 1 44  ? 8.405   3.636   -9.112  1.00 15.72 ? 58  LEU A N     1 
ATOM   334  C  CA    . LEU A 1 44  ? 7.522   3.872   -10.248 1.00 17.07 ? 58  LEU A CA    1 
ATOM   335  C  C     . LEU A 1 44  ? 6.729   5.153   -10.041 1.00 16.48 ? 58  LEU A C     1 
ATOM   336  O  O     . LEU A 1 44  ? 6.586   5.642   -8.924  1.00 16.16 ? 58  LEU A O     1 
ATOM   337  C  CB    . LEU A 1 44  ? 6.563   2.688   -10.440 1.00 23.03 ? 58  LEU A CB    1 
ATOM   338  C  CG    . LEU A 1 44  ? 7.174   1.287   -10.562 1.00 25.16 ? 58  LEU A CG    1 
ATOM   339  C  CD1   . LEU A 1 44  ? 7.345   0.654   -9.160  1.00 25.61 ? 58  LEU A CD1   1 
ATOM   340  C  CD2   . LEU A 1 44  ? 6.255   0.417   -11.409 1.00 29.13 ? 58  LEU A CD2   1 
ATOM   341  N  N     . THR A 1 45  ? 6.202   5.707   -11.126 1.00 20.09 ? 59  THR A N     1 
ATOM   342  C  CA    . THR A 1 45  ? 5.435   6.935   -11.026 1.00 18.65 ? 59  THR A CA    1 
ATOM   343  C  C     . THR A 1 45  ? 4.143   6.787   -11.825 1.00 17.33 ? 59  THR A C     1 
ATOM   344  O  O     . THR A 1 45  ? 4.065   5.982   -12.754 1.00 17.49 ? 59  THR A O     1 
ATOM   345  C  CB    A THR A 1 45  ? 6.233   8.148   -11.583 0.50 21.22 ? 59  THR A CB    1 
ATOM   346  C  CB    B THR A 1 45  ? 6.247   8.143   -11.556 0.50 21.67 ? 59  THR A CB    1 
ATOM   347  O  OG1   A THR A 1 45  ? 6.613   7.893   -12.943 0.50 24.40 ? 59  THR A OG1   1 
ATOM   348  O  OG1   B THR A 1 45  ? 5.572   9.357   -11.217 0.50 26.18 ? 59  THR A OG1   1 
ATOM   349  C  CG2   A THR A 1 45  ? 7.484   8.396   -10.757 0.50 21.36 ? 59  THR A CG2   1 
ATOM   350  C  CG2   B THR A 1 45  ? 6.409   8.059   -13.073 0.50 23.02 ? 59  THR A CG2   1 
ATOM   351  N  N     . GLN A 1 46  ? 3.129   7.543   -11.433 1.00 18.77 ? 60  GLN A N     1 
ATOM   352  C  CA    . GLN A 1 46  ? 1.841   7.545   -12.121 1.00 17.78 ? 60  GLN A CA    1 
ATOM   353  C  C     . GLN A 1 46  ? 1.225   8.913   -11.851 1.00 17.35 ? 60  GLN A C     1 
ATOM   354  O  O     . GLN A 1 46  ? 1.384   9.461   -10.776 1.00 15.31 ? 60  GLN A O     1 
ATOM   355  C  CB    . GLN A 1 46  ? 0.934   6.421   -11.587 1.00 16.83 ? 60  GLN A CB    1 
ATOM   356  C  CG    . GLN A 1 46  ? -0.479  6.375   -12.173 1.00 20.87 ? 60  GLN A CG    1 
ATOM   357  C  CD    . GLN A 1 46  ? -0.495  6.187   -13.679 1.00 21.72 ? 60  GLN A CD    1 
ATOM   358  O  OE1   . GLN A 1 46  ? 0.017   7.020   -14.424 1.00 22.88 ? 60  GLN A OE1   1 
ATOM   359  N  NE2   . GLN A 1 46  ? -1.087  5.092   -14.136 1.00 23.31 ? 60  GLN A NE2   1 
ATOM   360  N  N     . THR A 1 47  ? 0.548   9.466   -12.848 1.00 17.94 ? 61  THR A N     1 
ATOM   361  C  CA    . THR A 1 47  ? -0.073  10.771  -12.730 1.00 19.90 ? 61  THR A CA    1 
ATOM   362  C  C     . THR A 1 47  ? -1.544  10.549  -13.000 1.00 19.03 ? 61  THR A C     1 
ATOM   363  O  O     . THR A 1 47  ? -1.902  9.873   -13.963 1.00 22.74 ? 61  THR A O     1 
ATOM   364  C  CB    . THR A 1 47  ? 0.547   11.755  -13.755 1.00 17.19 ? 61  THR A CB    1 
ATOM   365  O  OG1   . THR A 1 47  ? 1.945   11.907  -13.470 1.00 18.91 ? 61  THR A OG1   1 
ATOM   366  C  CG2   . THR A 1 47  ? -0.143  13.126  -13.695 1.00 18.77 ? 61  THR A CG2   1 
ATOM   367  N  N     . VAL A 1 48  ? -2.397  11.083  -12.136 1.00 19.39 ? 62  VAL A N     1 
ATOM   368  C  CA    . VAL A 1 48  ? -3.834  10.892  -12.289 1.00 17.92 ? 62  VAL A CA    1 
ATOM   369  C  C     . VAL A 1 48  ? -4.558  12.213  -12.210 1.00 18.10 ? 62  VAL A C     1 
ATOM   370  O  O     . VAL A 1 48  ? -3.995  13.228  -11.781 1.00 18.63 ? 62  VAL A O     1 
ATOM   371  C  CB    . VAL A 1 48  ? -4.405  9.983   -11.180 1.00 19.78 ? 62  VAL A CB    1 
ATOM   372  C  CG1   . VAL A 1 48  ? -3.640  8.656   -11.121 1.00 21.44 ? 62  VAL A CG1   1 
ATOM   373  C  CG2   . VAL A 1 48  ? -4.342  10.708  -9.826  1.00 23.39 ? 62  VAL A CG2   1 
ATOM   374  N  N     . CYS A 1 49  ? -5.819  12.188  -12.608 1.00 17.11 ? 63  CYS A N     1 
ATOM   375  C  CA    . CYS A 1 49  ? -6.647  13.381  -12.541 1.00 21.26 ? 63  CYS A CA    1 
ATOM   376  C  C     . CYS A 1 49  ? -7.569  13.263  -11.329 1.00 23.34 ? 63  CYS A C     1 
ATOM   377  O  O     . CYS A 1 49  ? -8.417  12.370  -11.270 1.00 24.20 ? 63  CYS A O     1 
ATOM   378  C  CB    . CYS A 1 49  ? -7.484  13.516  -13.810 1.00 20.84 ? 63  CYS A CB    1 
ATOM   379  S  SG    . CYS A 1 49  ? -8.680  14.880  -13.720 1.00 23.88 ? 63  CYS A SG    1 
ATOM   380  N  N     . LEU A 1 50  ? -7.385  14.146  -10.352 1.00 23.57 ? 64  LEU A N     1 
ATOM   381  C  CA    . LEU A 1 50  ? -8.238  14.147  -9.163  1.00 28.17 ? 64  LEU A CA    1 
ATOM   382  C  C     . LEU A 1 50  ? -8.963  15.486  -9.052  1.00 28.15 ? 64  LEU A C     1 
ATOM   383  O  O     . LEU A 1 50  ? -8.409  16.467  -8.559  1.00 29.14 ? 64  LEU A O     1 
ATOM   384  C  CB    . LEU A 1 50  ? -7.409  13.895  -7.893  1.00 27.94 ? 64  LEU A CB    1 
ATOM   385  C  CG    . LEU A 1 50  ? -8.164  13.964  -6.560  1.00 32.90 ? 64  LEU A CG    1 
ATOM   386  C  CD1   . LEU A 1 50  ? -9.366  13.034  -6.604  1.00 32.61 ? 64  LEU A CD1   1 
ATOM   387  C  CD2   . LEU A 1 50  ? -7.237  13.580  -5.416  1.00 33.84 ? 64  LEU A CD2   1 
ATOM   388  N  N     . ASP A 1 51  ? -10.211 15.515  -9.509  1.00 31.63 ? 65  ASP A N     1 
ATOM   389  C  CA    . ASP A 1 51  ? -11.008 16.735  -9.480  1.00 34.66 ? 65  ASP A CA    1 
ATOM   390  C  C     . ASP A 1 51  ? -10.359 17.783  -10.378 1.00 34.90 ? 65  ASP A C     1 
ATOM   391  O  O     . ASP A 1 51  ? -10.335 17.625  -11.603 1.00 35.08 ? 65  ASP A O     1 
ATOM   392  C  CB    . ASP A 1 51  ? -11.130 17.274  -8.052  1.00 38.44 ? 65  ASP A CB    1 
ATOM   393  C  CG    . ASP A 1 51  ? -11.885 16.326  -7.134  1.00 42.30 ? 65  ASP A CG    1 
ATOM   394  O  OD1   . ASP A 1 51  ? -13.055 16.009  -7.440  1.00 47.67 ? 65  ASP A OD1   1 
ATOM   395  O  OD2   . ASP A 1 51  ? -11.310 15.901  -6.103  1.00 45.86 ? 65  ASP A OD2   1 
ATOM   396  N  N     . ASP A 1 52  ? -9.813  18.835  -9.775  1.00 34.19 ? 66  ASP A N     1 
ATOM   397  C  CA    . ASP A 1 52  ? -9.183  19.903  -10.542 1.00 34.20 ? 66  ASP A CA    1 
ATOM   398  C  C     . ASP A 1 52  ? -7.669  19.907  -10.390 1.00 32.30 ? 66  ASP A C     1 
ATOM   399  O  O     . ASP A 1 52  ? -7.003  20.898  -10.697 1.00 32.58 ? 66  ASP A O     1 
ATOM   400  C  CB    . ASP A 1 52  ? -9.744  21.254  -10.095 1.00 38.26 ? 66  ASP A CB    1 
ATOM   401  C  CG    . ASP A 1 52  ? -9.411  21.568  -8.650  1.00 42.36 ? 66  ASP A CG    1 
ATOM   402  O  OD1   . ASP A 1 52  ? -9.632  20.690  -7.787  1.00 47.20 ? 66  ASP A OD1   1 
ATOM   403  O  OD2   . ASP A 1 52  ? -8.930  22.687  -8.372  1.00 45.79 ? 66  ASP A OD2   1 
ATOM   404  N  N     . THR A 1 53  ? -7.121  18.787  -9.935  1.00 27.11 ? 67  THR A N     1 
ATOM   405  C  CA    . THR A 1 53  ? -5.688  18.678  -9.717  1.00 26.22 ? 67  THR A CA    1 
ATOM   406  C  C     . THR A 1 53  ? -5.028  17.481  -10.412 1.00 24.13 ? 67  THR A C     1 
ATOM   407  O  O     . THR A 1 53  ? -5.561  16.368  -10.409 1.00 23.03 ? 67  THR A O     1 
ATOM   408  C  CB    . THR A 1 53  ? -5.379  18.580  -8.195  1.00 23.13 ? 67  THR A CB    1 
ATOM   409  O  OG1   . THR A 1 53  ? -5.992  19.676  -7.505  1.00 26.38 ? 67  THR A OG1   1 
ATOM   410  C  CG2   . THR A 1 53  ? -3.888  18.610  -7.950  1.00 24.78 ? 67  THR A CG2   1 
ATOM   411  N  N     . THR A 1 54  ? -3.862  17.719  -10.999 1.00 25.05 ? 68  THR A N     1 
ATOM   412  C  CA    . THR A 1 54  ? -3.099  16.662  -11.651 1.00 19.14 ? 68  THR A CA    1 
ATOM   413  C  C     . THR A 1 54  ? -2.098  16.169  -10.611 1.00 24.05 ? 68  THR A C     1 
ATOM   414  O  O     . THR A 1 54  ? -1.079  16.817  -10.346 1.00 24.55 ? 68  THR A O     1 
ATOM   415  C  CB    . THR A 1 54  ? -2.356  17.181  -12.895 1.00 23.43 ? 68  THR A CB    1 
ATOM   416  O  OG1   . THR A 1 54  ? -3.308  17.395  -13.949 1.00 19.13 ? 68  THR A OG1   1 
ATOM   417  C  CG2   . THR A 1 54  ? -1.316  16.180  -13.368 1.00 21.01 ? 68  THR A CG2   1 
ATOM   418  N  N     . VAL A 1 55  ? -2.401  15.011  -10.031 1.00 21.24 ? 69  VAL A N     1 
ATOM   419  C  CA    . VAL A 1 55  ? -1.569  14.443  -8.973  1.00 21.13 ? 69  VAL A CA    1 
ATOM   420  C  C     . VAL A 1 55  ? -0.554  13.445  -9.484  1.00 18.87 ? 69  VAL A C     1 
ATOM   421  O  O     . VAL A 1 55  ? -0.918  12.475  -10.149 1.00 18.91 ? 69  VAL A O     1 
ATOM   422  C  CB    . VAL A 1 55  ? -2.440  13.729  -7.922  1.00 22.59 ? 69  VAL A CB    1 
ATOM   423  C  CG1   . VAL A 1 55  ? -1.566  13.225  -6.788  1.00 19.82 ? 69  VAL A CG1   1 
ATOM   424  C  CG2   . VAL A 1 55  ? -3.523  14.662  -7.410  1.00 23.88 ? 69  VAL A CG2   1 
ATOM   425  N  N     . LYS A 1 56  ? 0.716   13.688  -9.170  1.00 17.11 ? 70  LYS A N     1 
ATOM   426  C  CA    . LYS A 1 56  ? 1.793   12.789  -9.571  1.00 17.70 ? 70  LYS A CA    1 
ATOM   427  C  C     . LYS A 1 56  ? 2.275   11.957  -8.380  1.00 18.63 ? 70  LYS A C     1 
ATOM   428  O  O     . LYS A 1 56  ? 2.760   12.508  -7.392  1.00 19.93 ? 70  LYS A O     1 
ATOM   429  C  CB    . LYS A 1 56  ? 2.981   13.575  -10.137 1.00 22.78 ? 70  LYS A CB    1 
ATOM   430  C  CG    . LYS A 1 56  ? 4.184   12.714  -10.436 1.00 22.44 ? 70  LYS A CG    1 
ATOM   431  C  CD    . LYS A 1 56  ? 5.198   13.454  -11.284 1.00 27.97 ? 70  LYS A CD    1 
ATOM   432  C  CE    . LYS A 1 56  ? 6.454   12.633  -11.478 1.00 30.64 ? 70  LYS A CE    1 
ATOM   433  N  NZ    . LYS A 1 56  ? 7.419   13.337  -12.366 1.00 32.36 ? 70  LYS A NZ    1 
ATOM   434  N  N     . PHE A 1 57  ? 2.130   10.640  -8.486  1.00 15.19 ? 71  PHE A N     1 
ATOM   435  C  CA    . PHE A 1 57  ? 2.549   9.703   -7.440  1.00 14.06 ? 71  PHE A CA    1 
ATOM   436  C  C     . PHE A 1 57  ? 3.979   9.251   -7.658  1.00 12.15 ? 71  PHE A C     1 
ATOM   437  O  O     . PHE A 1 57  ? 4.300   8.752   -8.724  1.00 15.75 ? 71  PHE A O     1 
ATOM   438  C  CB    . PHE A 1 57  ? 1.712   8.415   -7.501  1.00 15.42 ? 71  PHE A CB    1 
ATOM   439  C  CG    . PHE A 1 57  ? 0.282   8.557   -7.073  1.00 19.04 ? 71  PHE A CG    1 
ATOM   440  C  CD1   . PHE A 1 57  ? -0.169  7.908   -5.928  1.00 20.00 ? 71  PHE A CD1   1 
ATOM   441  C  CD2   . PHE A 1 57  ? -0.634  9.266   -7.837  1.00 18.08 ? 71  PHE A CD2   1 
ATOM   442  C  CE1   . PHE A 1 57  ? -1.518  7.960   -5.556  1.00 21.10 ? 71  PHE A CE1   1 
ATOM   443  C  CE2   . PHE A 1 57  ? -1.981  9.323   -7.470  1.00 18.49 ? 71  PHE A CE2   1 
ATOM   444  C  CZ    . PHE A 1 57  ? -2.426  8.676   -6.337  1.00 15.66 ? 71  PHE A CZ    1 
ATOM   445  N  N     . GLU A 1 58  ? 4.827   9.419   -6.644  1.00 13.49 ? 72  GLU A N     1 
ATOM   446  C  CA    . GLU A 1 58  ? 6.196   8.935   -6.680  1.00 13.91 ? 72  GLU A CA    1 
ATOM   447  C  C     . GLU A 1 58  ? 6.119   7.751   -5.728  1.00 15.05 ? 72  GLU A C     1 
ATOM   448  O  O     . GLU A 1 58  ? 6.052   7.922   -4.507  1.00 15.08 ? 72  GLU A O     1 
ATOM   449  C  CB    . GLU A 1 58  ? 7.159   9.983   -6.156  1.00 18.00 ? 72  GLU A CB    1 
ATOM   450  C  CG    . GLU A 1 58  ? 7.378   11.106  -7.144  1.00 25.12 ? 72  GLU A CG    1 
ATOM   451  C  CD    . GLU A 1 58  ? 8.741   11.766  -6.980  1.00 29.68 ? 72  GLU A CD    1 
ATOM   452  O  OE1   . GLU A 1 58  ? 9.249   12.305  -7.983  1.00 32.96 ? 72  GLU A OE1   1 
ATOM   453  O  OE2   . GLU A 1 58  ? 9.298   11.756  -5.857  1.00 32.60 ? 72  GLU A OE2   1 
ATOM   454  N  N     . ILE A 1 59  ? 6.151   6.553   -6.299  1.00 12.97 ? 73  ILE A N     1 
ATOM   455  C  CA    . ILE A 1 59  ? 5.951   5.329   -5.526  1.00 10.61 ? 73  ILE A CA    1 
ATOM   456  C  C     . ILE A 1 59  ? 7.151   4.440   -5.253  1.00 8.95  ? 73  ILE A C     1 
ATOM   457  O  O     . ILE A 1 59  ? 7.800   3.949   -6.172  1.00 12.03 ? 73  ILE A O     1 
ATOM   458  C  CB    . ILE A 1 59  ? 4.896   4.476   -6.231  1.00 12.41 ? 73  ILE A CB    1 
ATOM   459  C  CG1   . ILE A 1 59  ? 3.686   5.349   -6.580  1.00 12.29 ? 73  ILE A CG1   1 
ATOM   460  C  CG2   . ILE A 1 59  ? 4.500   3.318   -5.328  1.00 14.16 ? 73  ILE A CG2   1 
ATOM   461  C  CD1   . ILE A 1 59  ? 2.652   4.681   -7.473  1.00 14.03 ? 73  ILE A CD1   1 
ATOM   462  N  N     . TRP A 1 60  ? 7.410   4.206   -3.971  1.00 10.15 ? 74  TRP A N     1 
ATOM   463  C  CA    . TRP A 1 60  ? 8.483   3.320   -3.556  1.00 10.22 ? 74  TRP A CA    1 
ATOM   464  C  C     . TRP A 1 60  ? 7.907   1.984   -3.147  1.00 9.90  ? 74  TRP A C     1 
ATOM   465  O  O     . TRP A 1 60  ? 7.228   1.870   -2.129  1.00 12.07 ? 74  TRP A O     1 
ATOM   466  C  CB    . TRP A 1 60  ? 9.274   3.915   -2.399  1.00 12.82 ? 74  TRP A CB    1 
ATOM   467  C  CG    . TRP A 1 60  ? 10.150  5.019   -2.892  1.00 14.79 ? 74  TRP A CG    1 
ATOM   468  C  CD1   . TRP A 1 60  ? 9.798   6.332   -3.082  1.00 22.84 ? 74  TRP A CD1   1 
ATOM   469  C  CD2   . TRP A 1 60  ? 11.517  4.910   -3.272  1.00 15.23 ? 74  TRP A CD2   1 
ATOM   470  N  NE1   . TRP A 1 60  ? 10.874  7.047   -3.545  1.00 23.76 ? 74  TRP A NE1   1 
ATOM   471  C  CE2   . TRP A 1 60  ? 11.946  6.203   -3.666  1.00 18.21 ? 74  TRP A CE2   1 
ATOM   472  C  CE3   . TRP A 1 60  ? 12.432  3.852   -3.311  1.00 19.55 ? 74  TRP A CE3   1 
ATOM   473  C  CZ2   . TRP A 1 60  ? 13.245  6.456   -4.097  1.00 17.66 ? 74  TRP A CZ2   1 
ATOM   474  C  CZ3   . TRP A 1 60  ? 13.727  4.113   -3.741  1.00 23.68 ? 74  TRP A CZ3   1 
ATOM   475  C  CH2   . TRP A 1 60  ? 14.118  5.403   -4.124  1.00 17.27 ? 74  TRP A CH2   1 
ATOM   476  N  N     . ASP A 1 61  ? 8.193   0.984   -3.968  1.00 8.15  ? 75  ASP A N     1 
ATOM   477  C  CA    . ASP A 1 61  ? 7.729   -0.382  -3.770  1.00 9.36  ? 75  ASP A CA    1 
ATOM   478  C  C     . ASP A 1 61  ? 8.846   -1.131  -3.056  1.00 10.28 ? 75  ASP A C     1 
ATOM   479  O  O     . ASP A 1 61  ? 9.803   -1.558  -3.686  1.00 11.71 ? 75  ASP A O     1 
ATOM   480  C  CB    . ASP A 1 61  ? 7.457   -0.984  -5.148  1.00 9.63  ? 75  ASP A CB    1 
ATOM   481  C  CG    . ASP A 1 61  ? 7.157   -2.455  -5.099  1.00 10.08 ? 75  ASP A CG    1 
ATOM   482  O  OD1   . ASP A 1 61  ? 6.696   -2.940  -4.047  1.00 9.63  ? 75  ASP A OD1   1 
ATOM   483  O  OD2   . ASP A 1 61  ? 7.375   -3.116  -6.136  1.00 9.94  ? 75  ASP A OD2   1 
ATOM   484  N  N     . THR A 1 62  ? 8.726   -1.299  -1.745  1.00 7.32  ? 76  THR A N     1 
ATOM   485  C  CA    . THR A 1 62  ? 9.805   -1.930  -1.000  1.00 9.16  ? 76  THR A CA    1 
ATOM   486  C  C     . THR A 1 62  ? 9.801   -3.435  -1.036  1.00 8.50  ? 76  THR A C     1 
ATOM   487  O  O     . THR A 1 62  ? 8.762   -4.071  -1.216  1.00 11.55 ? 76  THR A O     1 
ATOM   488  C  CB    . THR A 1 62  ? 9.805   -1.500  0.492   1.00 9.86  ? 76  THR A CB    1 
ATOM   489  O  OG1   . THR A 1 62  ? 8.684   -2.078  1.175   1.00 9.12  ? 76  THR A OG1   1 
ATOM   490  C  CG2   . THR A 1 62  ? 9.751   0.017   0.608   1.00 11.39 ? 76  THR A CG2   1 
ATOM   491  N  N     . ALA A 1 63  ? 10.989  -4.007  -0.874  1.00 11.04 ? 77  ALA A N     1 
ATOM   492  C  CA    . ALA A 1 63  ? 11.119  -5.449  -0.776  1.00 10.08 ? 77  ALA A CA    1 
ATOM   493  C  C     . ALA A 1 63  ? 10.671  -5.757  0.653   1.00 9.18  ? 77  ALA A C     1 
ATOM   494  O  O     . ALA A 1 63  ? 11.146  -5.124  1.625   1.00 11.25 ? 77  ALA A O     1 
ATOM   495  C  CB    . ALA A 1 63  ? 12.582  -5.866  -0.963  1.00 11.74 ? 77  ALA A CB    1 
ATOM   496  N  N     . GLY A 1 64  ? 9.785   -6.741  0.789   1.00 9.24  ? 78  GLY A N     1 
ATOM   497  C  CA    . GLY A 1 64  ? 9.249   -7.067  2.093   1.00 7.36  ? 78  GLY A CA    1 
ATOM   498  C  C     . GLY A 1 64  ? 9.974   -8.094  2.926   1.00 11.37 ? 78  GLY A C     1 
ATOM   499  O  O     . GLY A 1 64  ? 9.657   -8.255  4.106   1.00 11.28 ? 78  GLY A O     1 
ATOM   500  N  N     . GLN A 1 65  ? 10.936  -8.797  2.332   1.00 12.60 ? 79  GLN A N     1 
ATOM   501  C  CA    . GLN A 1 65  ? 11.654  -9.796  3.112   1.00 13.80 ? 79  GLN A CA    1 
ATOM   502  C  C     . GLN A 1 65  ? 12.328  -9.160  4.321   1.00 12.82 ? 79  GLN A C     1 
ATOM   503  O  O     . GLN A 1 65  ? 12.847  -8.037  4.254   1.00 12.70 ? 79  GLN A O     1 
ATOM   504  C  CB    A GLN A 1 65  ? 12.687  -10.509 2.230   0.50 16.44 ? 79  GLN A CB    1 
ATOM   505  C  CB    B GLN A 1 65  ? 12.691  -10.526 2.249   0.50 16.51 ? 79  GLN A CB    1 
ATOM   506  C  CG    A GLN A 1 65  ? 12.076  -11.584 1.344   0.50 20.10 ? 79  GLN A CG    1 
ATOM   507  C  CG    B GLN A 1 65  ? 12.091  -11.287 1.073   0.50 20.92 ? 79  GLN A CG    1 
ATOM   508  C  CD    A GLN A 1 65  ? 12.915  -11.920 0.123   0.50 26.62 ? 79  GLN A CD    1 
ATOM   509  C  CD    B GLN A 1 65  ? 13.132  -12.009 0.242   0.50 27.64 ? 79  GLN A CD    1 
ATOM   510  O  OE1   A GLN A 1 65  ? 14.061  -11.485 -0.007  0.50 31.78 ? 79  GLN A OE1   1 
ATOM   511  O  OE1   B GLN A 1 65  ? 13.659  -13.047 0.648   0.50 31.27 ? 79  GLN A OE1   1 
ATOM   512  N  NE2   A GLN A 1 65  ? 12.344  -12.706 -0.780  0.50 28.49 ? 79  GLN A NE2   1 
ATOM   513  N  NE2   B GLN A 1 65  ? 13.445  -11.455 -0.925  0.50 29.04 ? 79  GLN A NE2   1 
ATOM   514  N  N     . GLU A 1 66  ? 12.328  -9.899  5.431   1.00 14.40 ? 80  GLU A N     1 
ATOM   515  C  CA    . GLU A 1 66  ? 12.901  -9.429  6.688   1.00 17.94 ? 80  GLU A CA    1 
ATOM   516  C  C     . GLU A 1 66  ? 14.313  -8.858  6.622   1.00 14.08 ? 80  GLU A C     1 
ATOM   517  O  O     . GLU A 1 66  ? 14.644  -7.897  7.319   1.00 15.22 ? 80  GLU A O     1 
ATOM   518  C  CB    . GLU A 1 66  ? 12.859  -10.562 7.713   1.00 26.15 ? 80  GLU A CB    1 
ATOM   519  C  CG    . GLU A 1 66  ? 11.708  -10.463 8.675   1.00 34.08 ? 80  GLU A CG    1 
ATOM   520  C  CD    . GLU A 1 66  ? 11.839  -9.255  9.590   1.00 35.87 ? 80  GLU A CD    1 
ATOM   521  O  OE1   . GLU A 1 66  ? 12.973  -8.967  10.034  1.00 38.74 ? 80  GLU A OE1   1 
ATOM   522  O  OE2   . GLU A 1 66  ? 10.814  -8.605  9.869   1.00 40.86 ? 80  GLU A OE2   1 
ATOM   523  N  N     . ARG A 1 67  ? 15.161  -9.441  5.784   1.00 13.89 ? 81  ARG A N     1 
ATOM   524  C  CA    . ARG A 1 67  ? 16.522  -8.928  5.694   1.00 14.63 ? 81  ARG A CA    1 
ATOM   525  C  C     . ARG A 1 67  ? 16.608  -7.483  5.205   1.00 15.62 ? 81  ARG A C     1 
ATOM   526  O  O     . ARG A 1 67  ? 17.647  -6.857  5.310   1.00 17.04 ? 81  ARG A O     1 
ATOM   527  C  CB    . ARG A 1 67  ? 17.369  -9.833  4.789   1.00 17.12 ? 81  ARG A CB    1 
ATOM   528  C  CG    . ARG A 1 67  ? 16.977  -9.899  3.348   1.00 19.36 ? 81  ARG A CG    1 
ATOM   529  C  CD    . ARG A 1 67  ? 18.052  -10.674 2.610   1.00 22.41 ? 81  ARG A CD    1 
ATOM   530  N  NE    . ARG A 1 67  ? 17.752  -10.814 1.197   1.00 28.77 ? 81  ARG A NE    1 
ATOM   531  C  CZ    . ARG A 1 67  ? 16.800  -11.605 0.711   1.00 26.27 ? 81  ARG A CZ    1 
ATOM   532  N  NH1   . ARG A 1 67  ? 16.059  -12.333 1.538   1.00 27.66 ? 81  ARG A NH1   1 
ATOM   533  N  NH2   . ARG A 1 67  ? 16.595  -11.677 -0.606  1.00 27.98 ? 81  ARG A NH2   1 
ATOM   534  N  N     . TYR A 1 68  ? 15.512  -6.944  4.673   1.00 12.34 ? 82  TYR A N     1 
ATOM   535  C  CA    . TYR A 1 68  ? 15.544  -5.583  4.191   1.00 12.41 ? 82  TYR A CA    1 
ATOM   536  C  C     . TYR A 1 68  ? 14.918  -4.622  5.186   1.00 10.15 ? 82  TYR A C     1 
ATOM   537  O  O     . TYR A 1 68  ? 14.815  -3.426  4.907   1.00 12.05 ? 82  TYR A O     1 
ATOM   538  C  CB    . TYR A 1 68  ? 14.799  -5.453  2.853   1.00 12.33 ? 82  TYR A CB    1 
ATOM   539  C  CG    . TYR A 1 68  ? 15.358  -6.312  1.751   1.00 15.01 ? 82  TYR A CG    1 
ATOM   540  C  CD1   . TYR A 1 68  ? 14.648  -7.426  1.277   1.00 15.20 ? 82  TYR A CD1   1 
ATOM   541  C  CD2   . TYR A 1 68  ? 16.574  -5.994  1.148   1.00 20.28 ? 82  TYR A CD2   1 
ATOM   542  C  CE1   . TYR A 1 68  ? 15.150  -8.200  0.215   1.00 15.98 ? 82  TYR A CE1   1 
ATOM   543  C  CE2   . TYR A 1 68  ? 17.074  -6.757  0.092   1.00 18.87 ? 82  TYR A CE2   1 
ATOM   544  C  CZ    . TYR A 1 68  ? 16.355  -7.855  -0.366  1.00 18.33 ? 82  TYR A CZ    1 
ATOM   545  O  OH    . TYR A 1 68  ? 16.847  -8.603  -1.417  1.00 19.85 ? 82  TYR A OH    1 
ATOM   546  N  N     . HIS A 1 69  ? 14.516  -5.127  6.348   1.00 12.37 ? 83  HIS A N     1 
ATOM   547  C  CA    . HIS A 1 69  ? 13.857  -4.263  7.325   1.00 11.41 ? 83  HIS A CA    1 
ATOM   548  C  C     . HIS A 1 69  ? 14.665  -3.012  7.671   1.00 10.83 ? 83  HIS A C     1 
ATOM   549  O  O     . HIS A 1 69  ? 14.104  -1.907  7.768   1.00 12.26 ? 83  HIS A O     1 
ATOM   550  C  CB    . HIS A 1 69  ? 13.563  -5.045  8.614   1.00 12.51 ? 83  HIS A CB    1 
ATOM   551  C  CG    . HIS A 1 69  ? 12.637  -4.341  9.561   1.00 13.08 ? 83  HIS A CG    1 
ATOM   552  N  ND1   . HIS A 1 69  ? 12.214  -4.915  10.742  1.00 15.81 ? 83  HIS A ND1   1 
ATOM   553  C  CD2   . HIS A 1 69  ? 12.039  -3.127  9.497   1.00 13.03 ? 83  HIS A CD2   1 
ATOM   554  C  CE1   . HIS A 1 69  ? 11.392  -4.082  11.359  1.00 17.74 ? 83  HIS A CE1   1 
ATOM   555  N  NE2   . HIS A 1 69  ? 11.271  -2.990  10.625  1.00 13.56 ? 83  HIS A NE2   1 
ATOM   556  N  N     . SER A 1 70  ? 15.972  -3.162  7.866   1.00 8.88  ? 84  SER A N     1 
ATOM   557  C  CA    . SER A 1 70  ? 16.768  -1.986  8.228   1.00 9.32  ? 84  SER A CA    1 
ATOM   558  C  C     . SER A 1 70  ? 16.855  -0.883  7.154   1.00 10.81 ? 84  SER A C     1 
ATOM   559  O  O     . SER A 1 70  ? 17.283  0.225   7.441   1.00 11.38 ? 84  SER A O     1 
ATOM   560  C  CB    . SER A 1 70  ? 18.178  -2.400  8.665   1.00 11.09 ? 84  SER A CB    1 
ATOM   561  O  OG    . SER A 1 70  ? 18.931  -2.926  7.585   1.00 13.79 ? 84  SER A OG    1 
ATOM   562  N  N     . LEU A 1 71  ? 16.451  -1.180  5.924   1.00 9.62  ? 85  LEU A N     1 
ATOM   563  C  CA    . LEU A 1 71  ? 16.461  -0.191  4.875   1.00 12.01 ? 85  LEU A CA    1 
ATOM   564  C  C     . LEU A 1 71  ? 15.148  0.601   4.790   1.00 10.77 ? 85  LEU A C     1 
ATOM   565  O  O     . LEU A 1 71  ? 15.095  1.643   4.143   1.00 10.80 ? 85  LEU A O     1 
ATOM   566  C  CB    . LEU A 1 71  ? 16.671  -0.879  3.523   1.00 11.75 ? 85  LEU A CB    1 
ATOM   567  C  CG    . LEU A 1 71  ? 17.953  -1.671  3.342   1.00 15.47 ? 85  LEU A CG    1 
ATOM   568  C  CD1   . LEU A 1 71  ? 17.911  -2.382  1.992   1.00 18.18 ? 85  LEU A CD1   1 
ATOM   569  C  CD2   . LEU A 1 71  ? 19.150  -0.735  3.414   1.00 21.75 ? 85  LEU A CD2   1 
ATOM   570  N  N     . ALA A 1 72  ? 14.101  0.101   5.450   1.00 10.81 ? 86  ALA A N     1 
ATOM   571  C  CA    . ALA A 1 72  ? 12.776  0.718   5.337   1.00 12.19 ? 86  ALA A CA    1 
ATOM   572  C  C     . ALA A 1 72  ? 12.712  2.220   5.590   1.00 10.30 ? 86  ALA A C     1 
ATOM   573  O  O     . ALA A 1 72  ? 12.060  2.957   4.847   1.00 9.78  ? 86  ALA A O     1 
ATOM   574  C  CB    . ALA A 1 72  ? 11.782  -0.008  6.256   1.00 11.46 ? 86  ALA A CB    1 
ATOM   575  N  N     . PRO A 1 73  ? 13.389  2.703   6.639   1.00 9.80  ? 87  PRO A N     1 
ATOM   576  C  CA    . PRO A 1 73  ? 13.306  4.147   6.860   1.00 10.72 ? 87  PRO A CA    1 
ATOM   577  C  C     . PRO A 1 73  ? 13.825  5.002   5.695   1.00 10.09 ? 87  PRO A C     1 
ATOM   578  O  O     . PRO A 1 73  ? 13.445  6.163   5.566   1.00 11.29 ? 87  PRO A O     1 
ATOM   579  C  CB    . PRO A 1 73  ? 14.127  4.359   8.140   1.00 10.80 ? 87  PRO A CB    1 
ATOM   580  C  CG    . PRO A 1 73  ? 14.073  3.051   8.835   1.00 9.68  ? 87  PRO A CG    1 
ATOM   581  C  CD    . PRO A 1 73  ? 14.159  2.036   7.704   1.00 11.85 ? 87  PRO A CD    1 
ATOM   582  N  N     . MET A 1 74  ? 14.720  4.449   4.884   1.00 11.17 ? 88  MET A N     1 
ATOM   583  C  CA    . MET A 1 74  ? 15.233  5.217   3.745   1.00 10.45 ? 88  MET A CA    1 
ATOM   584  C  C     . MET A 1 74  ? 14.123  5.457   2.757   1.00 14.83 ? 88  MET A C     1 
ATOM   585  O  O     . MET A 1 74  ? 14.167  6.408   1.975   1.00 18.12 ? 88  MET A O     1 
ATOM   586  C  CB    . MET A 1 74  ? 16.368  4.467   3.051   1.00 12.92 ? 88  MET A CB    1 
ATOM   587  C  CG    . MET A 1 74  ? 17.532  4.181   3.964   1.00 18.78 ? 88  MET A CG    1 
ATOM   588  S  SD    . MET A 1 74  ? 18.364  5.737   4.465   1.00 25.02 ? 88  MET A SD    1 
ATOM   589  C  CE    . MET A 1 74  ? 18.783  6.392   2.805   1.00 28.61 ? 88  MET A CE    1 
ATOM   590  N  N     . TYR A 1 75  ? 13.110  4.592   2.801   1.00 13.32 ? 89  TYR A N     1 
ATOM   591  C  CA    . TYR A 1 75  ? 11.995  4.710   1.871   1.00 16.11 ? 89  TYR A CA    1 
ATOM   592  C  C     . TYR A 1 75  ? 10.777  5.401   2.464   1.00 13.37 ? 89  TYR A C     1 
ATOM   593  O  O     . TYR A 1 75  ? 10.021  6.052   1.742   1.00 14.20 ? 89  TYR A O     1 
ATOM   594  C  CB    . TYR A 1 75  ? 11.614  3.323   1.360   1.00 14.23 ? 89  TYR A CB    1 
ATOM   595  C  CG    . TYR A 1 75  ? 12.808  2.526   0.878   1.00 19.42 ? 89  TYR A CG    1 
ATOM   596  C  CD1   . TYR A 1 75  ? 13.101  1.285   1.422   1.00 19.33 ? 89  TYR A CD1   1 
ATOM   597  C  CD2   . TYR A 1 75  ? 13.631  3.014   -0.139  1.00 23.19 ? 89  TYR A CD2   1 
ATOM   598  C  CE1   . TYR A 1 75  ? 14.186  0.534   0.967   1.00 26.11 ? 89  TYR A CE1   1 
ATOM   599  C  CE2   . TYR A 1 75  ? 14.718  2.273   -0.598  1.00 19.30 ? 89  TYR A CE2   1 
ATOM   600  C  CZ    . TYR A 1 75  ? 14.982  1.041   -0.046  1.00 23.32 ? 89  TYR A CZ    1 
ATOM   601  O  OH    . TYR A 1 75  ? 16.025  0.268   -0.525  1.00 30.90 ? 89  TYR A OH    1 
ATOM   602  N  N     . TYR A 1 76  ? 10.561  5.276   3.772   1.00 11.26 ? 90  TYR A N     1 
ATOM   603  C  CA    . TYR A 1 76  ? 9.398   5.934   4.351   1.00 11.06 ? 90  TYR A CA    1 
ATOM   604  C  C     . TYR A 1 76  ? 9.651   7.302   4.971   1.00 10.75 ? 90  TYR A C     1 
ATOM   605  O  O     . TYR A 1 76  ? 8.715   8.078   5.137   1.00 14.83 ? 90  TYR A O     1 
ATOM   606  C  CB    . TYR A 1 76  ? 8.660   5.013   5.363   1.00 9.28  ? 90  TYR A CB    1 
ATOM   607  C  CG    . TYR A 1 76  ? 9.354   4.614   6.655   1.00 8.77  ? 90  TYR A CG    1 
ATOM   608  C  CD1   . TYR A 1 76  ? 9.697   5.554   7.631   1.00 10.23 ? 90  TYR A CD1   1 
ATOM   609  C  CD2   . TYR A 1 76  ? 9.586   3.265   6.929   1.00 8.78  ? 90  TYR A CD2   1 
ATOM   610  C  CE1   . TYR A 1 76  ? 10.241  5.150   8.852   1.00 8.84  ? 90  TYR A CE1   1 
ATOM   611  C  CE2   . TYR A 1 76  ? 10.131  2.847   8.147   1.00 8.27  ? 90  TYR A CE2   1 
ATOM   612  C  CZ    . TYR A 1 76  ? 10.450  3.801   9.104   1.00 8.08  ? 90  TYR A CZ    1 
ATOM   613  O  OH    . TYR A 1 76  ? 10.952  3.412   10.337  1.00 8.90  ? 90  TYR A OH    1 
ATOM   614  N  N     . ARG A 1 77  ? 10.906  7.616   5.293   1.00 12.32 ? 91  ARG A N     1 
ATOM   615  C  CA    . ARG A 1 77  ? 11.226  8.899   5.925   1.00 17.34 ? 91  ARG A CA    1 
ATOM   616  C  C     . ARG A 1 77  ? 10.526  10.132  5.338   1.00 21.84 ? 91  ARG A C     1 
ATOM   617  O  O     . ARG A 1 77  ? 9.860   10.875  6.058   1.00 26.27 ? 91  ARG A O     1 
ATOM   618  C  CB    . ARG A 1 77  ? 12.742  9.118   5.905   1.00 22.60 ? 91  ARG A CB    1 
ATOM   619  C  CG    . ARG A 1 77  ? 13.200  10.424  6.560   1.00 29.43 ? 91  ARG A CG    1 
ATOM   620  C  CD    . ARG A 1 77  ? 14.196  10.144  7.674   1.00 31.33 ? 91  ARG A CD    1 
ATOM   621  N  NE    . ARG A 1 77  ? 15.300  9.316   7.197   1.00 39.09 ? 91  ARG A NE    1 
ATOM   622  C  CZ    . ARG A 1 77  ? 16.160  8.682   7.985   1.00 38.88 ? 91  ARG A CZ    1 
ATOM   623  N  NH1   . ARG A 1 77  ? 16.044  8.778   9.304   1.00 43.27 ? 91  ARG A NH1   1 
ATOM   624  N  NH2   . ARG A 1 77  ? 17.140  7.961   7.451   1.00 41.00 ? 91  ARG A NH2   1 
ATOM   625  N  N     . GLY A 1 78  ? 10.664  10.350  4.041   1.00 20.82 ? 92  GLY A N     1 
ATOM   626  C  CA    . GLY A 1 78  ? 10.050  11.533  3.449   1.00 19.15 ? 92  GLY A CA    1 
ATOM   627  C  C     . GLY A 1 78  ? 8.715   11.282  2.781   1.00 18.65 ? 92  GLY A C     1 
ATOM   628  O  O     . GLY A 1 78  ? 8.225   12.110  2.015   1.00 16.51 ? 92  GLY A O     1 
ATOM   629  N  N     . ALA A 1 79  ? 8.120   10.133  3.066   1.00 14.01 ? 93  ALA A N     1 
ATOM   630  C  CA    . ALA A 1 79  ? 6.841   9.795   2.447   1.00 13.28 ? 93  ALA A CA    1 
ATOM   631  C  C     . ALA A 1 79  ? 5.669   10.573  3.039   1.00 11.82 ? 93  ALA A C     1 
ATOM   632  O  O     . ALA A 1 79  ? 5.615   10.812  4.241   1.00 14.96 ? 93  ALA A O     1 
ATOM   633  C  CB    . ALA A 1 79  ? 6.589   8.284   2.583   1.00 12.41 ? 93  ALA A CB    1 
ATOM   634  N  N     . GLN A 1 80  ? 4.733   10.974  2.175   1.00 11.65 ? 94  GLN A N     1 
ATOM   635  C  CA    . GLN A 1 80  ? 3.542   11.680  2.617   1.00 11.28 ? 94  GLN A CA    1 
ATOM   636  C  C     . GLN A 1 80  ? 2.425   10.661  2.874   1.00 10.73 ? 94  GLN A C     1 
ATOM   637  O  O     . GLN A 1 80  ? 1.458   10.959  3.572   1.00 13.40 ? 94  GLN A O     1 
ATOM   638  C  CB    . GLN A 1 80  ? 3.065   12.689  1.555   1.00 12.37 ? 94  GLN A CB    1 
ATOM   639  C  CG    . GLN A 1 80  ? 3.878   14.009  1.460   1.00 15.75 ? 94  GLN A CG    1 
ATOM   640  C  CD    . GLN A 1 80  ? 5.282   13.821  0.897   1.00 23.47 ? 94  GLN A CD    1 
ATOM   641  O  OE1   . GLN A 1 80  ? 5.473   13.312  -0.213  1.00 23.70 ? 94  GLN A OE1   1 
ATOM   642  N  NE2   . GLN A 1 80  ? 6.282   14.237  1.673   1.00 24.47 ? 94  GLN A NE2   1 
ATOM   643  N  N     . ALA A 1 81  ? 2.565   9.467   2.312   1.00 11.21 ? 95  ALA A N     1 
ATOM   644  C  CA    . ALA A 1 81  ? 1.568   8.421   2.482   1.00 10.20 ? 95  ALA A CA    1 
ATOM   645  C  C     . ALA A 1 81  ? 2.243   7.056   2.391   1.00 9.67  ? 95  ALA A C     1 
ATOM   646  O  O     . ALA A 1 81  ? 3.339   6.915   1.823   1.00 8.93  ? 95  ALA A O     1 
ATOM   647  C  CB    . ALA A 1 81  ? 0.496   8.540   1.396   1.00 11.29 ? 95  ALA A CB    1 
ATOM   648  N  N     . ALA A 1 82  ? 1.575   6.061   2.965   1.00 10.22 ? 96  ALA A N     1 
ATOM   649  C  CA    . ALA A 1 82  ? 2.069   4.688   2.937   1.00 9.58  ? 96  ALA A CA    1 
ATOM   650  C  C     . ALA A 1 82  ? 0.891   3.757   2.728   1.00 9.84  ? 96  ALA A C     1 
ATOM   651  O  O     . ALA A 1 82  ? -0.230  4.076   3.126   1.00 10.13 ? 96  ALA A O     1 
ATOM   652  C  CB    . ALA A 1 82  ? 2.739   4.330   4.298   1.00 9.02  ? 96  ALA A CB    1 
ATOM   653  N  N     . ILE A 1 83  ? 1.131   2.642   2.050   1.00 7.69  ? 97  ILE A N     1 
ATOM   654  C  CA    . ILE A 1 83  ? 0.113   1.601   1.979   1.00 8.37  ? 97  ILE A CA    1 
ATOM   655  C  C     . ILE A 1 83  ? 0.818   0.399   2.616   1.00 8.32  ? 97  ILE A C     1 
ATOM   656  O  O     . ILE A 1 83  ? 1.870   -0.046  2.131   1.00 7.73  ? 97  ILE A O     1 
ATOM   657  C  CB    . ILE A 1 83  ? -0.284  1.184   0.551   1.00 6.77  ? 97  ILE A CB    1 
ATOM   658  C  CG1   . ILE A 1 83  ? -0.792  2.393   -0.220  1.00 9.81  ? 97  ILE A CG1   1 
ATOM   659  C  CG2   . ILE A 1 83  ? -1.366  0.050   0.637   1.00 9.94  ? 97  ILE A CG2   1 
ATOM   660  C  CD1   . ILE A 1 83  ? -1.160  2.066   -1.664  1.00 11.81 ? 97  ILE A CD1   1 
ATOM   661  N  N     . VAL A 1 84  ? 0.277   -0.086  3.731   1.00 8.17  ? 98  VAL A N     1 
ATOM   662  C  CA    . VAL A 1 84  ? 0.812   -1.276  4.377   1.00 6.95  ? 98  VAL A CA    1 
ATOM   663  C  C     . VAL A 1 84  ? -0.077  -2.389  3.853   1.00 9.46  ? 98  VAL A C     1 
ATOM   664  O  O     . VAL A 1 84  ? -1.299  -2.334  3.966   1.00 8.21  ? 98  VAL A O     1 
ATOM   665  C  CB    . VAL A 1 84  ? 0.719   -1.148  5.908   1.00 6.56  ? 98  VAL A CB    1 
ATOM   666  C  CG1   . VAL A 1 84  ? 1.247   -2.447  6.597   1.00 6.92  ? 98  VAL A CG1   1 
ATOM   667  C  CG2   . VAL A 1 84  ? 1.532   0.080   6.348   1.00 7.59  ? 98  VAL A CG2   1 
ATOM   668  N  N     . VAL A 1 85  ? 0.551   -3.400  3.269   1.00 6.87  ? 99  VAL A N     1 
ATOM   669  C  CA    . VAL A 1 85  ? -0.203  -4.475  2.636   1.00 7.43  ? 99  VAL A CA    1 
ATOM   670  C  C     . VAL A 1 85  ? -0.091  -5.801  3.353   1.00 6.79  ? 99  VAL A C     1 
ATOM   671  O  O     . VAL A 1 85  ? 0.977   -6.143  3.845   1.00 7.83  ? 99  VAL A O     1 
ATOM   672  C  CB    . VAL A 1 85  ? 0.328   -4.695  1.179   1.00 6.64  ? 99  VAL A CB    1 
ATOM   673  C  CG1   . VAL A 1 85  ? -0.545  -5.695  0.415   1.00 6.38  ? 99  VAL A CG1   1 
ATOM   674  C  CG2   . VAL A 1 85  ? 0.343   -3.358  0.422   1.00 7.92  ? 99  VAL A CG2   1 
ATOM   675  N  N     . TYR A 1 86  ? -1.211  -6.521  3.444   1.00 7.33  ? 100 TYR A N     1 
ATOM   676  C  CA    . TYR A 1 86  ? -1.180  -7.889  3.958   1.00 6.87  ? 100 TYR A CA    1 
ATOM   677  C  C     . TYR A 1 86  ? -1.949  -8.739  2.943   1.00 6.71  ? 100 TYR A C     1 
ATOM   678  O  O     . TYR A 1 86  ? -2.471  -8.215  1.959   1.00 7.53  ? 100 TYR A O     1 
ATOM   679  C  CB    . TYR A 1 86  ? -1.768  -8.039  5.375   1.00 7.10  ? 100 TYR A CB    1 
ATOM   680  C  CG    . TYR A 1 86  ? -3.245  -7.805  5.543   1.00 7.19  ? 100 TYR A CG    1 
ATOM   681  C  CD1   . TYR A 1 86  ? -4.154  -8.861  5.561   1.00 8.01  ? 100 TYR A CD1   1 
ATOM   682  C  CD2   . TYR A 1 86  ? -3.738  -6.509  5.699   1.00 6.74  ? 100 TYR A CD2   1 
ATOM   683  C  CE1   . TYR A 1 86  ? -5.516  -8.617  5.719   1.00 6.77  ? 100 TYR A CE1   1 
ATOM   684  C  CE2   . TYR A 1 86  ? -5.071  -6.267  5.856   1.00 7.57  ? 100 TYR A CE2   1 
ATOM   685  C  CZ    . TYR A 1 86  ? -5.959  -7.324  5.857   1.00 7.26  ? 100 TYR A CZ    1 
ATOM   686  O  OH    . TYR A 1 86  ? -7.286  -7.067  5.945   1.00 8.40  ? 100 TYR A OH    1 
ATOM   687  N  N     . ASP A 1 87  ? -1.948  -10.049 3.161   1.00 5.30  ? 101 ASP A N     1 
ATOM   688  C  CA    . ASP A 1 87  ? -2.619  -11.031 2.274   1.00 5.90  ? 101 ASP A CA    1 
ATOM   689  C  C     . ASP A 1 87  ? -3.798  -11.569 3.100   1.00 7.22  ? 101 ASP A C     1 
ATOM   690  O  O     . ASP A 1 87  ? -3.601  -12.093 4.187   1.00 8.67  ? 101 ASP A O     1 
ATOM   691  C  CB    . ASP A 1 87  ? -1.551  -12.096 1.966   1.00 9.09  ? 101 ASP A CB    1 
ATOM   692  C  CG    . ASP A 1 87  ? -2.069  -13.329 1.258   1.00 11.30 ? 101 ASP A CG    1 
ATOM   693  O  OD1   . ASP A 1 87  ? -1.207  -14.141 0.836   1.00 12.61 ? 101 ASP A OD1   1 
ATOM   694  O  OD2   . ASP A 1 87  ? -3.289  -13.513 1.132   1.00 8.94  ? 101 ASP A OD2   1 
ATOM   695  N  N     . ILE A 1 88  ? -5.036  -11.428 2.614   1.00 6.74  ? 102 ILE A N     1 
ATOM   696  C  CA    . ILE A 1 88  ? -6.180  -11.841 3.431   1.00 7.19  ? 102 ILE A CA    1 
ATOM   697  C  C     . ILE A 1 88  ? -6.246  -13.320 3.751   1.00 5.92  ? 102 ILE A C     1 
ATOM   698  O  O     . ILE A 1 88  ? -7.020  -13.727 4.626   1.00 7.83  ? 102 ILE A O     1 
ATOM   699  C  CB    . ILE A 1 88  ? -7.559  -11.413 2.844   1.00 7.90  ? 102 ILE A CB    1 
ATOM   700  C  CG1   . ILE A 1 88  ? -7.909  -12.205 1.581   1.00 7.52  ? 102 ILE A CG1   1 
ATOM   701  C  CG2   . ILE A 1 88  ? -7.551  -9.919  2.608   1.00 9.97  ? 102 ILE A CG2   1 
ATOM   702  C  CD1   . ILE A 1 88  ? -9.438  -12.305 1.333   1.00 9.31  ? 102 ILE A CD1   1 
ATOM   703  N  N     . THR A 1 89  ? -5.419  -14.102 3.059   1.00 6.10  ? 103 THR A N     1 
ATOM   704  C  CA    . THR A 1 89  ? -5.371  -15.538 3.305   1.00 7.66  ? 103 THR A CA    1 
ATOM   705  C  C     . THR A 1 89  ? -4.279  -15.916 4.309   1.00 7.87  ? 103 THR A C     1 
ATOM   706  O  O     . THR A 1 89  ? -4.069  -17.101 4.559   1.00 8.72  ? 103 THR A O     1 
ATOM   707  C  CB    . THR A 1 89  ? -5.052  -16.347 2.000   1.00 8.80  ? 103 THR A CB    1 
ATOM   708  O  OG1   . THR A 1 89  ? -3.667  -16.211 1.648   1.00 10.53 ? 103 THR A OG1   1 
ATOM   709  C  CG2   . THR A 1 89  ? -5.929  -15.856 0.849   1.00 8.74  ? 103 THR A CG2   1 
ATOM   710  N  N     . ASN A 1 90  ? -3.609  -14.925 4.904   1.00 6.61  ? 104 ASN A N     1 
ATOM   711  C  CA    . ASN A 1 90  ? -2.489  -15.208 5.787   1.00 8.49  ? 104 ASN A CA    1 
ATOM   712  C  C     . ASN A 1 90  ? -2.507  -14.293 7.007   1.00 7.79  ? 104 ASN A C     1 
ATOM   713  O  O     . ASN A 1 90  ? -2.107  -13.117 6.939   1.00 10.10 ? 104 ASN A O     1 
ATOM   714  C  CB    . ASN A 1 90  ? -1.208  -15.027 4.961   1.00 9.73  ? 104 ASN A CB    1 
ATOM   715  C  CG    . ASN A 1 90  ? 0.061   -15.257 5.748   1.00 11.49 ? 104 ASN A CG    1 
ATOM   716  O  OD1   . ASN A 1 90  ? 0.058   -15.383 6.957   1.00 15.01 ? 104 ASN A OD1   1 
ATOM   717  N  ND2   . ASN A 1 90  ? 1.175   -15.291 5.025   1.00 19.08 ? 104 ASN A ND2   1 
ATOM   718  N  N     . GLU A 1 91  ? -2.996  -14.826 8.124   1.00 7.62  ? 105 GLU A N     1 
ATOM   719  C  CA    . GLU A 1 91  ? -3.070  -14.043 9.358   1.00 8.06  ? 105 GLU A CA    1 
ATOM   720  C  C     . GLU A 1 91  ? -1.737  -13.493 9.844   1.00 9.05  ? 105 GLU A C     1 
ATOM   721  O  O     . GLU A 1 91  ? -1.671  -12.371 10.350  1.00 9.08  ? 105 GLU A O     1 
ATOM   722  C  CB    . GLU A 1 91  ? -3.694  -14.880 10.473  1.00 9.83  ? 105 GLU A CB    1 
ATOM   723  C  CG    . GLU A 1 91  ? -3.723  -14.145 11.819  1.00 10.32 ? 105 GLU A CG    1 
ATOM   724  C  CD    . GLU A 1 91  ? -4.452  -14.957 12.863  1.00 11.91 ? 105 GLU A CD    1 
ATOM   725  O  OE1   . GLU A 1 91  ? -5.611  -14.613 13.184  1.00 13.29 ? 105 GLU A OE1   1 
ATOM   726  O  OE2   . GLU A 1 91  ? -3.861  -15.943 13.339  1.00 13.35 ? 105 GLU A OE2   1 
ATOM   727  N  N     . GLU A 1 92  ? -0.672  -14.275 9.696   1.00 8.66  ? 106 GLU A N     1 
ATOM   728  C  CA    . GLU A 1 92  ? 0.635   -13.801 10.136  1.00 10.05 ? 106 GLU A CA    1 
ATOM   729  C  C     . GLU A 1 92  ? 1.027   -12.534 9.345   1.00 8.20  ? 106 GLU A C     1 
ATOM   730  O  O     . GLU A 1 92  ? 1.659   -11.614 9.888   1.00 8.20  ? 106 GLU A O     1 
ATOM   731  C  CB    . GLU A 1 92  ? 1.646   -14.949 9.979   1.00 12.34 ? 106 GLU A CB    1 
ATOM   732  C  CG    . GLU A 1 92  ? 3.001   -14.704 10.576  1.00 19.72 ? 106 GLU A CG    1 
ATOM   733  C  CD    . GLU A 1 92  ? 3.768   -13.719 9.739   1.00 20.10 ? 106 GLU A CD    1 
ATOM   734  O  OE1   . GLU A 1 92  ? 3.507   -13.690 8.520   1.00 19.54 ? 106 GLU A OE1   1 
ATOM   735  O  OE2   . GLU A 1 92  ? 4.619   -12.986 10.287  1.00 20.51 ? 106 GLU A OE2   1 
ATOM   736  N  N     . SER A 1 93  ? 0.646   -12.472 8.065   1.00 7.00  ? 107 SER A N     1 
ATOM   737  C  CA    . SER A 1 93  ? 0.975   -11.284 7.277   1.00 8.74  ? 107 SER A CA    1 
ATOM   738  C  C     . SER A 1 93  ? 0.205   -10.057 7.789   1.00 6.20  ? 107 SER A C     1 
ATOM   739  O  O     . SER A 1 93  ? 0.705   -8.930  7.692   1.00 7.77  ? 107 SER A O     1 
ATOM   740  C  CB    . SER A 1 93  ? 0.695   -11.520 5.780   1.00 7.34  ? 107 SER A CB    1 
ATOM   741  O  OG    . SER A 1 93  ? -0.693  -11.459 5.455   1.00 8.53  ? 107 SER A OG    1 
ATOM   742  N  N     . PHE A 1 94  ? -1.003  -10.289 8.312   1.00 7.05  ? 108 PHE A N     1 
ATOM   743  C  CA    . PHE A 1 94  ? -1.846  -9.227  8.893   1.00 7.77  ? 108 PHE A CA    1 
ATOM   744  C  C     . PHE A 1 94  ? -1.179  -8.741  10.204  1.00 7.92  ? 108 PHE A C     1 
ATOM   745  O  O     . PHE A 1 94  ? -1.052  -7.530  10.454  1.00 7.90  ? 108 PHE A O     1 
ATOM   746  C  CB    . PHE A 1 94  ? -3.262  -9.791  9.111   1.00 6.29  ? 108 PHE A CB    1 
ATOM   747  C  CG    . PHE A 1 94  ? -4.223  -8.873  9.808   1.00 7.47  ? 108 PHE A CG    1 
ATOM   748  C  CD1   . PHE A 1 94  ? -4.484  -7.590  9.330   1.00 11.36 ? 108 PHE A CD1   1 
ATOM   749  C  CD2   . PHE A 1 94  ? -4.956  -9.338  10.893  1.00 7.12  ? 108 PHE A CD2   1 
ATOM   750  C  CE1   . PHE A 1 94  ? -5.479  -6.792  9.937   1.00 11.15 ? 108 PHE A CE1   1 
ATOM   751  C  CE2   . PHE A 1 94  ? -5.935  -8.551  11.486  1.00 8.51  ? 108 PHE A CE2   1 
ATOM   752  C  CZ    . PHE A 1 94  ? -6.190  -7.292  11.009  1.00 8.35  ? 108 PHE A CZ    1 
ATOM   753  N  N     . ALA A 1 95  ? -0.706  -9.679  11.013  1.00 6.55  ? 109 ALA A N     1 
ATOM   754  C  CA    . ALA A 1 95  ? -0.009  -9.291  12.245  1.00 7.30  ? 109 ALA A CA    1 
ATOM   755  C  C     . ALA A 1 95  ? 1.257   -8.492  11.848  1.00 8.45  ? 109 ALA A C     1 
ATOM   756  O  O     . ALA A 1 95  ? 1.595   -7.473  12.469  1.00 7.92  ? 109 ALA A O     1 
ATOM   757  C  CB    . ALA A 1 95  ? 0.370   -10.567 13.046  1.00 7.68  ? 109 ALA A CB    1 
ATOM   758  N  N     . ARG A 1 96  ? 1.957   -8.923  10.790  1.00 6.65  ? 110 ARG A N     1 
ATOM   759  C  CA    . ARG A 1 96  ? 3.156   -8.192  10.386  1.00 7.42  ? 110 ARG A CA    1 
ATOM   760  C  C     . ARG A 1 96  ? 2.790   -6.753  9.955   1.00 8.94  ? 110 ARG A C     1 
ATOM   761  O  O     . ARG A 1 96  ? 3.530   -5.797  10.216  1.00 8.33  ? 110 ARG A O     1 
ATOM   762  C  CB    . ARG A 1 96  ? 3.881   -8.910  9.236   1.00 7.25  ? 110 ARG A CB    1 
ATOM   763  C  CG    . ARG A 1 96  ? 5.140   -8.161  8.735   1.00 8.58  ? 110 ARG A CG    1 
ATOM   764  C  CD    . ARG A 1 96  ? 6.224   -8.223  9.796   1.00 12.34 ? 110 ARG A CD    1 
ATOM   765  N  NE    . ARG A 1 96  ? 7.424   -7.419  9.561   1.00 13.17 ? 110 ARG A NE    1 
ATOM   766  C  CZ    . ARG A 1 96  ? 7.546   -6.127  9.866   1.00 11.96 ? 110 ARG A CZ    1 
ATOM   767  N  NH1   . ARG A 1 96  ? 6.537   -5.459  10.401  1.00 12.35 ? 110 ARG A NH1   1 
ATOM   768  N  NH2   . ARG A 1 96  ? 8.716   -5.509  9.701   1.00 12.44 ? 110 ARG A NH2   1 
ATOM   769  N  N     . ALA A 1 97  ? 1.645   -6.610  9.291   1.00 6.34  ? 111 ALA A N     1 
ATOM   770  C  CA    . ALA A 1 97  ? 1.196   -5.302  8.821   1.00 7.75  ? 111 ALA A CA    1 
ATOM   771  C  C     . ALA A 1 97  ? 0.964   -4.375  10.011  1.00 7.38  ? 111 ALA A C     1 
ATOM   772  O  O     . ALA A 1 97  ? 1.297   -3.196  9.956   1.00 7.68  ? 111 ALA A O     1 
ATOM   773  C  CB    . ALA A 1 97  ? -0.099  -5.460  7.991   1.00 7.44  ? 111 ALA A CB    1 
ATOM   774  N  N     . LYS A 1 98  ? 0.406   -4.911  11.092  1.00 6.83  ? 112 LYS A N     1 
ATOM   775  C  CA    . LYS A 1 98  ? 0.162   -4.077  12.274  1.00 8.15  ? 112 LYS A CA    1 
ATOM   776  C  C     . LYS A 1 98  ? 1.486   -3.566  12.842  1.00 7.96  ? 112 LYS A C     1 
ATOM   777  O  O     . LYS A 1 98  ? 1.580   -2.439  13.347  1.00 7.95  ? 112 LYS A O     1 
ATOM   778  C  CB    . LYS A 1 98  ? -0.591  -4.872  13.343  1.00 7.28  ? 112 LYS A CB    1 
ATOM   779  C  CG    . LYS A 1 98  ? -1.971  -5.342  12.909  1.00 6.06  ? 112 LYS A CG    1 
ATOM   780  C  CD    . LYS A 1 98  ? -2.709  -5.920  14.114  1.00 6.16  ? 112 LYS A CD    1 
ATOM   781  C  CE    . LYS A 1 98  ? -4.046  -6.539  13.662  1.00 10.05 ? 112 LYS A CE    1 
ATOM   782  N  NZ    . LYS A 1 98  ? -4.703  -7.270  14.782  1.00 9.76  ? 112 LYS A NZ    1 
ATOM   783  N  N     . ASN A 1 99  ? 2.524   -4.385  12.772  1.00 8.43  ? 113 ASN A N     1 
ATOM   784  C  CA    . ASN A 1 99  ? 3.805   -3.925  13.283  1.00 8.12  ? 113 ASN A CA    1 
ATOM   785  C  C     . ASN A 1 99  ? 4.425   -2.862  12.352  1.00 8.50  ? 113 ASN A C     1 
ATOM   786  O  O     . ASN A 1 99  ? 5.121   -1.959  12.822  1.00 8.56  ? 113 ASN A O     1 
ATOM   787  C  CB    . ASN A 1 99  ? 4.696   -5.138  13.533  1.00 8.40  ? 113 ASN A CB    1 
ATOM   788  C  CG    . ASN A 1 99  ? 4.203   -5.944  14.718  1.00 10.46 ? 113 ASN A CG    1 
ATOM   789  O  OD1   . ASN A 1 99  ? 3.793   -5.365  15.737  1.00 14.93 ? 113 ASN A OD1   1 
ATOM   790  N  ND2   . ASN A 1 99  ? 4.234   -7.270  14.604  1.00 12.86 ? 113 ASN A ND2   1 
ATOM   791  N  N     . TRP A 1 100 ? 4.156   -2.951  11.045  1.00 8.98  ? 114 TRP A N     1 
ATOM   792  C  CA    . TRP A 1 100 ? 4.611   -1.922  10.112  1.00 8.65  ? 114 TRP A CA    1 
ATOM   793  C  C     . TRP A 1 100 ? 3.875   -0.608  10.457  1.00 8.15  ? 114 TRP A C     1 
ATOM   794  O  O     . TRP A 1 100 ? 4.470   0.474   10.440  1.00 8.57  ? 114 TRP A O     1 
ATOM   795  C  CB    . TRP A 1 100 ? 4.295   -2.320  8.667   1.00 7.24  ? 114 TRP A CB    1 
ATOM   796  C  CG    . TRP A 1 100 ? 5.384   -3.154  7.991   1.00 8.64  ? 114 TRP A CG    1 
ATOM   797  C  CD1   . TRP A 1 100 ? 5.246   -4.401  7.437   1.00 9.97  ? 114 TRP A CD1   1 
ATOM   798  C  CD2   . TRP A 1 100 ? 6.765   -2.774  7.793   1.00 9.70  ? 114 TRP A CD2   1 
ATOM   799  N  NE1   . TRP A 1 100 ? 6.468   -4.822  6.904   1.00 10.43 ? 114 TRP A NE1   1 
ATOM   800  C  CE2   . TRP A 1 100 ? 7.402   -3.840  7.113   1.00 10.16 ? 114 TRP A CE2   1 
ATOM   801  C  CE3   . TRP A 1 100 ? 7.514   -1.634  8.127   1.00 9.85  ? 114 TRP A CE3   1 
ATOM   802  C  CZ2   . TRP A 1 100 ? 8.755   -3.802  6.755   1.00 10.84 ? 114 TRP A CZ2   1 
ATOM   803  C  CZ3   . TRP A 1 100 ? 8.876   -1.588  7.769   1.00 11.02 ? 114 TRP A CZ3   1 
ATOM   804  C  CH2   . TRP A 1 100 ? 9.476   -2.673  7.089   1.00 10.99 ? 114 TRP A CH2   1 
ATOM   805  N  N     . VAL A 1 101 ? 2.583   -0.704  10.746  1.00 7.67  ? 115 VAL A N     1 
ATOM   806  C  CA    . VAL A 1 101 ? 1.812   0.490   11.112  1.00 7.15  ? 115 VAL A CA    1 
ATOM   807  C  C     . VAL A 1 101 ? 2.386   1.141   12.368  1.00 9.33  ? 115 VAL A C     1 
ATOM   808  O  O     . VAL A 1 101 ? 2.529   2.367   12.429  1.00 10.28 ? 115 VAL A O     1 
ATOM   809  C  CB    . VAL A 1 101 ? 0.306   0.140   11.336  1.00 8.75  ? 115 VAL A CB    1 
ATOM   810  C  CG1   . VAL A 1 101 ? -0.444  1.334   12.005  1.00 8.75  ? 115 VAL A CG1   1 
ATOM   811  C  CG2   . VAL A 1 101 ? -0.355  -0.154  9.994   1.00 10.59 ? 115 VAL A CG2   1 
ATOM   812  N  N     . LYS A 1 102 ? 2.725   0.325   13.367  1.00 10.11 ? 116 LYS A N     1 
ATOM   813  C  CA    . LYS A 1 102 ? 3.300   0.866   14.606  1.00 9.67  ? 116 LYS A CA    1 
ATOM   814  C  C     . LYS A 1 102 ? 4.605   1.590   14.319  1.00 11.41 ? 116 LYS A C     1 
ATOM   815  O  O     . LYS A 1 102 ? 4.856   2.694   14.833  1.00 10.60 ? 116 LYS A O     1 
ATOM   816  C  CB    . LYS A 1 102 ? 3.532   -0.257  15.625  1.00 12.20 ? 116 LYS A CB    1 
ATOM   817  C  CG    . LYS A 1 102 ? 2.273   -0.780  16.270  1.00 19.60 ? 116 LYS A CG    1 
ATOM   818  C  CD    . LYS A 1 102 ? 2.593   -1.986  17.145  1.00 24.99 ? 116 LYS A CD    1 
ATOM   819  C  CE    . LYS A 1 102 ? 1.840   -3.240  16.673  1.00 30.72 ? 116 LYS A CE    1 
ATOM   820  N  NZ    . LYS A 1 102 ? 0.357   -3.130  16.852  1.00 35.65 ? 116 LYS A NZ    1 
ATOM   821  N  N     . GLU A 1 103 ? 5.448   0.989   13.481  1.00 8.95  ? 117 GLU A N     1 
ATOM   822  C  CA    . GLU A 1 103 ? 6.723   1.626   13.153  1.00 8.72  ? 117 GLU A CA    1 
ATOM   823  C  C     . GLU A 1 103 ? 6.495   2.962   12.423  1.00 9.36  ? 117 GLU A C     1 
ATOM   824  O  O     . GLU A 1 103 ? 7.162   3.946   12.724  1.00 10.15 ? 117 GLU A O     1 
ATOM   825  C  CB    . GLU A 1 103 ? 7.593   0.673   12.326  1.00 8.81  ? 117 GLU A CB    1 
ATOM   826  C  CG    . GLU A 1 103 ? 8.901   1.318   11.879  1.00 8.91  ? 117 GLU A CG    1 
ATOM   827  C  CD    . GLU A 1 103 ? 9.860   0.340   11.202  1.00 12.21 ? 117 GLU A CD    1 
ATOM   828  O  OE1   . GLU A 1 103 ? 10.836  0.819   10.584  1.00 9.61  ? 117 GLU A OE1   1 
ATOM   829  O  OE2   . GLU A 1 103 ? 9.641   -0.884  11.296  1.00 12.23 ? 117 GLU A OE2   1 
ATOM   830  N  N     . LEU A 1 104 ? 5.536   3.016   11.491  1.00 7.45  ? 118 LEU A N     1 
ATOM   831  C  CA    . LEU A 1 104 ? 5.281   4.269   10.790  1.00 6.35  ? 118 LEU A CA    1 
ATOM   832  C  C     . LEU A 1 104 ? 4.764   5.325   11.755  1.00 10.27 ? 118 LEU A C     1 
ATOM   833  O  O     . LEU A 1 104 ? 5.182   6.483   11.700  1.00 11.34 ? 118 LEU A O     1 
ATOM   834  C  CB    . LEU A 1 104 ? 4.248   4.079   9.680   1.00 7.22  ? 118 LEU A CB    1 
ATOM   835  C  CG    . LEU A 1 104 ? 4.685   3.288   8.445   1.00 8.11  ? 118 LEU A CG    1 
ATOM   836  C  CD1   . LEU A 1 104 ? 3.488   3.070   7.549   1.00 9.52  ? 118 LEU A CD1   1 
ATOM   837  C  CD2   . LEU A 1 104 ? 5.761   4.020   7.662   1.00 9.34  ? 118 LEU A CD2   1 
ATOM   838  N  N     . GLN A 1 105 ? 3.845   4.928   12.626  1.00 9.92  ? 119 GLN A N     1 
ATOM   839  C  CA    . GLN A 1 105 ? 3.268   5.888   13.570  1.00 9.86  ? 119 GLN A CA    1 
ATOM   840  C  C     . GLN A 1 105 ? 4.309   6.436   14.538  1.00 11.36 ? 119 GLN A C     1 
ATOM   841  O  O     . GLN A 1 105 ? 4.159   7.564   15.015  1.00 14.72 ? 119 GLN A O     1 
ATOM   842  C  CB    . GLN A 1 105 ? 2.098   5.255   14.335  1.00 12.71 ? 119 GLN A CB    1 
ATOM   843  C  CG    . GLN A 1 105 ? 0.910   4.983   13.440  1.00 15.07 ? 119 GLN A CG    1 
ATOM   844  C  CD    . GLN A 1 105 ? -0.244  4.294   14.152  1.00 14.07 ? 119 GLN A CD    1 
ATOM   845  O  OE1   . GLN A 1 105 ? -0.045  3.562   15.109  1.00 19.08 ? 119 GLN A OE1   1 
ATOM   846  N  NE2   . GLN A 1 105 ? -1.455  4.497   13.638  1.00 25.58 ? 119 GLN A NE2   1 
ATOM   847  N  N     . ARG A 1 106 ? 5.364   5.672   14.807  1.00 10.63 ? 120 ARG A N     1 
ATOM   848  C  CA    . ARG A 1 106 ? 6.405   6.156   15.713  1.00 11.81 ? 120 ARG A CA    1 
ATOM   849  C  C     . ARG A 1 106 ? 7.599   6.823   15.025  1.00 15.24 ? 120 ARG A C     1 
ATOM   850  O  O     . ARG A 1 106 ? 8.202   7.736   15.597  1.00 17.37 ? 120 ARG A O     1 
ATOM   851  C  CB    . ARG A 1 106 ? 6.929   5.006   16.580  1.00 16.16 ? 120 ARG A CB    1 
ATOM   852  C  CG    . ARG A 1 106 ? 5.870   4.420   17.492  1.00 23.60 ? 120 ARG A CG    1 
ATOM   853  C  CD    . ARG A 1 106 ? 6.327   3.114   18.088  1.00 31.37 ? 120 ARG A CD    1 
ATOM   854  N  NE    . ARG A 1 106 ? 5.201   2.382   18.664  1.00 36.38 ? 120 ARG A NE    1 
ATOM   855  C  CZ    . ARG A 1 106 ? 5.283   1.135   19.118  1.00 40.75 ? 120 ARG A CZ    1 
ATOM   856  N  NH1   . ARG A 1 106 ? 6.441   0.490   19.064  1.00 40.69 ? 120 ARG A NH1   1 
ATOM   857  N  NH2   . ARG A 1 106 ? 4.207   0.530   19.611  1.00 43.90 ? 120 ARG A NH2   1 
ATOM   858  N  N     . GLN A 1 107 ? 7.941   6.401   13.804  1.00 11.71 ? 121 GLN A N     1 
ATOM   859  C  CA    . GLN A 1 107 ? 9.133   6.931   13.144  1.00 12.28 ? 121 GLN A CA    1 
ATOM   860  C  C     . GLN A 1 107 ? 8.993   7.672   11.819  1.00 13.84 ? 121 GLN A C     1 
ATOM   861  O  O     . GLN A 1 107 ? 9.976   8.268   11.359  1.00 14.16 ? 121 GLN A O     1 
ATOM   862  C  CB    . GLN A 1 107 ? 10.163  5.807   12.927  1.00 11.72 ? 121 GLN A CB    1 
ATOM   863  C  CG    . GLN A 1 107 ? 10.481  4.962   14.138  1.00 13.27 ? 121 GLN A CG    1 
ATOM   864  C  CD    . GLN A 1 107 ? 11.118  5.744   15.279  1.00 22.51 ? 121 GLN A CD    1 
ATOM   865  O  OE1   . GLN A 1 107 ? 11.867  6.702   15.072  1.00 24.54 ? 121 GLN A OE1   1 
ATOM   866  N  NE2   . GLN A 1 107 ? 10.830  5.317   16.503  1.00 25.91 ? 121 GLN A NE2   1 
ATOM   867  N  N     . ALA A 1 108 ? 7.819   7.616   11.188  1.00 11.36 ? 122 ALA A N     1 
ATOM   868  C  CA    . ALA A 1 108 ? 7.617   8.323   9.929   1.00 11.43 ? 122 ALA A CA    1 
ATOM   869  C  C     . ALA A 1 108 ? 7.135   9.723   10.246  1.00 10.46 ? 122 ALA A C     1 
ATOM   870  O  O     . ALA A 1 108 ? 6.973   10.071  11.417  1.00 12.67 ? 122 ALA A O     1 
ATOM   871  C  CB    . ALA A 1 108 ? 6.573   7.603   9.062   1.00 12.11 ? 122 ALA A CB    1 
ATOM   872  N  N     . SER A 1 109 ? 6.889   10.517  9.211   1.00 13.39 ? 123 SER A N     1 
ATOM   873  C  CA    . SER A 1 109 ? 6.411   11.886  9.429   1.00 17.16 ? 123 SER A CA    1 
ATOM   874  C  C     . SER A 1 109 ? 5.113   11.819  10.208  1.00 16.79 ? 123 SER A C     1 
ATOM   875  O  O     . SER A 1 109 ? 4.265   10.963  9.962   1.00 14.47 ? 123 SER A O     1 
ATOM   876  C  CB    . SER A 1 109 ? 6.196   12.596  8.101   1.00 17.45 ? 123 SER A CB    1 
ATOM   877  O  OG    . SER A 1 109 ? 7.457   12.818  7.467   1.00 25.35 ? 123 SER A OG    1 
ATOM   878  N  N     . PRO A 1 110 ? 4.940   12.725  11.175  1.00 21.52 ? 124 PRO A N     1 
ATOM   879  C  CA    . PRO A 1 110 ? 3.737   12.767  12.009  1.00 22.62 ? 124 PRO A CA    1 
ATOM   880  C  C     . PRO A 1 110 ? 2.414   12.916  11.248  1.00 20.82 ? 124 PRO A C     1 
ATOM   881  O  O     . PRO A 1 110 ? 1.369   12.488  11.727  1.00 22.78 ? 124 PRO A O     1 
ATOM   882  C  CB    . PRO A 1 110 ? 4.023   13.939  12.957  1.00 24.63 ? 124 PRO A CB    1 
ATOM   883  C  CG    . PRO A 1 110 ? 4.909   14.841  12.133  1.00 25.86 ? 124 PRO A CG    1 
ATOM   884  C  CD    . PRO A 1 110 ? 5.843   13.853  11.480  1.00 21.27 ? 124 PRO A CD    1 
ATOM   885  N  N     . ASN A 1 111 ? 2.459   13.512  10.066  1.00 17.22 ? 125 ASN A N     1 
ATOM   886  C  CA    . ASN A 1 111 ? 1.232   13.703  9.290   1.00 20.65 ? 125 ASN A CA    1 
ATOM   887  C  C     . ASN A 1 111 ? 1.065   12.717  8.120   1.00 18.09 ? 125 ASN A C     1 
ATOM   888  O  O     . ASN A 1 111 ? 0.241   12.937  7.229   1.00 17.27 ? 125 ASN A O     1 
ATOM   889  C  CB    . ASN A 1 111 ? 1.178   15.146  8.779   1.00 22.83 ? 125 ASN A CB    1 
ATOM   890  C  CG    . ASN A 1 111 ? 1.080   16.179  9.916   1.00 26.64 ? 125 ASN A CG    1 
ATOM   891  O  OD1   . ASN A 1 111 ? 1.638   17.273  9.824   1.00 35.07 ? 125 ASN A OD1   1 
ATOM   892  N  ND2   . ASN A 1 111 ? 0.354   15.837  10.977  1.00 28.52 ? 125 ASN A ND2   1 
ATOM   893  N  N     . ILE A 1 112 ? 1.825   11.619  8.124   1.00 14.60 ? 126 ILE A N     1 
ATOM   894  C  CA    . ILE A 1 112 ? 1.715   10.641  7.041   1.00 12.78 ? 126 ILE A CA    1 
ATOM   895  C  C     . ILE A 1 112 ? 0.314   10.022  7.009   1.00 11.92 ? 126 ILE A C     1 
ATOM   896  O  O     . ILE A 1 112 ? -0.272  9.747   8.056   1.00 14.81 ? 126 ILE A O     1 
ATOM   897  C  CB    . ILE A 1 112 ? 2.793   9.513   7.190   1.00 10.36 ? 126 ILE A CB    1 
ATOM   898  C  CG1   . ILE A 1 112 ? 2.763   8.597   5.975   1.00 10.47 ? 126 ILE A CG1   1 
ATOM   899  C  CG2   . ILE A 1 112 ? 2.547   8.692   8.455   1.00 14.43 ? 126 ILE A CG2   1 
ATOM   900  C  CD1   . ILE A 1 112 ? 3.902   7.559   6.004   1.00 14.77 ? 126 ILE A CD1   1 
ATOM   901  N  N     . VAL A 1 113 ? -0.216  9.853   5.803   1.00 10.52 ? 127 VAL A N     1 
ATOM   902  C  CA    . VAL A 1 113 ? -1.531  9.247   5.596   1.00 10.65 ? 127 VAL A CA    1 
ATOM   903  C  C     . VAL A 1 113 ? -1.234  7.760   5.406   1.00 12.88 ? 127 VAL A C     1 
ATOM   904  O  O     . VAL A 1 113 ? -0.487  7.406   4.506   1.00 11.68 ? 127 VAL A O     1 
ATOM   905  C  CB    . VAL A 1 113 ? -2.191  9.798   4.320   1.00 12.88 ? 127 VAL A CB    1 
ATOM   906  C  CG1   . VAL A 1 113 ? -3.448  8.997   3.989   1.00 15.34 ? 127 VAL A CG1   1 
ATOM   907  C  CG2   . VAL A 1 113 ? -2.522  11.281  4.514   1.00 14.94 ? 127 VAL A CG2   1 
ATOM   908  N  N     . ILE A 1 114 ? -1.818  6.905   6.233   1.00 9.86  ? 128 ILE A N     1 
ATOM   909  C  CA    . ILE A 1 114 ? -1.542  5.467   6.135   1.00 8.06  ? 128 ILE A CA    1 
ATOM   910  C  C     . ILE A 1 114 ? -2.771  4.688   5.705   1.00 8.72  ? 128 ILE A C     1 
ATOM   911  O  O     . ILE A 1 114 ? -3.831  4.802   6.320   1.00 11.59 ? 128 ILE A O     1 
ATOM   912  C  CB    . ILE A 1 114 ? -1.117  4.867   7.502   1.00 9.06  ? 128 ILE A CB    1 
ATOM   913  C  CG1   . ILE A 1 114 ? 0.076   5.631   8.066   1.00 10.38 ? 128 ILE A CG1   1 
ATOM   914  C  CG2   . ILE A 1 114 ? -0.717  3.392   7.326   1.00 11.38 ? 128 ILE A CG2   1 
ATOM   915  C  CD1   . ILE A 1 114 ? 0.512   5.129   9.439   1.00 10.59 ? 128 ILE A CD1   1 
ATOM   916  N  N     . ALA A 1 115 ? -2.608  3.876   4.667   1.00 8.20  ? 129 ALA A N     1 
ATOM   917  C  CA    . ALA A 1 115 ? -3.675  3.019   4.190   1.00 8.60  ? 129 ALA A CA    1 
ATOM   918  C  C     . ALA A 1 115 ? -3.260  1.585   4.455   1.00 8.60  ? 129 ALA A C     1 
ATOM   919  O  O     . ALA A 1 115 ? -2.077  1.276   4.551   1.00 9.94  ? 129 ALA A O     1 
ATOM   920  C  CB    . ALA A 1 115 ? -3.914  3.207   2.703   1.00 11.11 ? 129 ALA A CB    1 
ATOM   921  N  N     . LEU A 1 116 ? -4.263  0.727   4.577   1.00 6.81  ? 130 LEU A N     1 
ATOM   922  C  CA    . LEU A 1 116 ? -4.059  -0.683  4.840   1.00 7.97  ? 130 LEU A CA    1 
ATOM   923  C  C     . LEU A 1 116 ? -4.753  -1.433  3.725   1.00 7.95  ? 130 LEU A C     1 
ATOM   924  O  O     . LEU A 1 116 ? -5.963  -1.264  3.526   1.00 7.32  ? 130 LEU A O     1 
ATOM   925  C  CB    . LEU A 1 116 ? -4.705  -1.032  6.193   1.00 7.43  ? 130 LEU A CB    1 
ATOM   926  C  CG    . LEU A 1 116 ? -4.589  -2.490  6.651   1.00 7.81  ? 130 LEU A CG    1 
ATOM   927  C  CD1   . LEU A 1 116 ? -3.156  -2.801  7.003   1.00 7.75  ? 130 LEU A CD1   1 
ATOM   928  C  CD2   . LEU A 1 116 ? -5.484  -2.730  7.857   1.00 10.54 ? 130 LEU A CD2   1 
ATOM   929  N  N     . SER A 1 117 ? -3.991  -2.229  2.971   1.00 6.56  ? 131 SER A N     1 
ATOM   930  C  CA    . SER A 1 117 ? -4.573  -3.035  1.893   1.00 6.57  ? 131 SER A CA    1 
ATOM   931  C  C     . SER A 1 117 ? -4.664  -4.502  2.309   1.00 7.29  ? 131 SER A C     1 
ATOM   932  O  O     . SER A 1 117 ? -3.646  -5.098  2.651   1.00 7.90  ? 131 SER A O     1 
ATOM   933  C  CB    . SER A 1 117 ? -3.699  -2.942  0.630   1.00 7.21  ? 131 SER A CB    1 
ATOM   934  O  OG    . SER A 1 117 ? -3.854  -4.092  -0.222  1.00 7.56  ? 131 SER A OG    1 
ATOM   935  N  N     . GLY A 1 118 ? -5.886  -5.046  2.311   1.00 5.98  ? 132 GLY A N     1 
ATOM   936  C  CA    . GLY A 1 118 ? -6.058  -6.475  2.559   1.00 8.68  ? 132 GLY A CA    1 
ATOM   937  C  C     . GLY A 1 118 ? -6.044  -7.055  1.144   1.00 7.04  ? 132 GLY A C     1 
ATOM   938  O  O     . GLY A 1 118 ? -7.083  -7.162  0.497   1.00 7.49  ? 132 GLY A O     1 
ATOM   939  N  N     . ASN A 1 119 ? -4.867  -7.436  0.651   1.00 8.29  ? 133 ASN A N     1 
ATOM   940  C  CA    . ASN A 1 119 ? -4.738  -7.882  -0.731  1.00 6.53  ? 133 ASN A CA    1 
ATOM   941  C  C     . ASN A 1 119 ? -5.055  -9.361  -0.978  1.00 6.92  ? 133 ASN A C     1 
ATOM   942  O  O     . ASN A 1 119 ? -5.189  -10.165 -0.050  1.00 7.07  ? 133 ASN A O     1 
ATOM   943  C  CB    . ASN A 1 119 ? -3.323  -7.527  -1.228  1.00 8.38  ? 133 ASN A CB    1 
ATOM   944  C  CG    . ASN A 1 119 ? -3.206  -7.559  -2.762  1.00 8.26  ? 133 ASN A CG    1 
ATOM   945  O  OD1   . ASN A 1 119 ? -4.058  -7.022  -3.477  1.00 8.00  ? 133 ASN A OD1   1 
ATOM   946  N  ND2   . ASN A 1 119 ? -2.148  -8.182  -3.263  1.00 9.60  ? 133 ASN A ND2   1 
ATOM   947  N  N     . LYS A 1 120 ? -5.134  -9.700  -2.262  1.00 8.06  ? 134 LYS A N     1 
ATOM   948  C  CA    . LYS A 1 120 ? -5.500  -11.049 -2.727  1.00 8.79  ? 134 LYS A CA    1 
ATOM   949  C  C     . LYS A 1 120 ? -6.928  -11.357 -2.323  1.00 8.86  ? 134 LYS A C     1 
ATOM   950  O  O     . LYS A 1 120 ? -7.263  -12.500 -2.011  1.00 7.78  ? 134 LYS A O     1 
ATOM   951  C  CB    . LYS A 1 120 ? -4.550  -12.138 -2.199  1.00 9.76  ? 134 LYS A CB    1 
ATOM   952  C  CG    . LYS A 1 120 ? -3.064  -11.815 -2.468  1.00 7.27  ? 134 LYS A CG    1 
ATOM   953  C  CD    . LYS A 1 120 ? -2.166  -13.048 -2.458  1.00 9.43  ? 134 LYS A CD    1 
ATOM   954  C  CE    . LYS A 1 120 ? -0.704  -12.643 -2.590  1.00 10.01 ? 134 LYS A CE    1 
ATOM   955  N  NZ    . LYS A 1 120 ? 0.178   -13.856 -2.648  1.00 14.78 ? 134 LYS A NZ    1 
ATOM   956  N  N     . ALA A 1 121 ? -7.783  -10.330 -2.362  1.00 9.22  ? 135 ALA A N     1 
ATOM   957  C  CA    . ALA A 1 121 ? -9.179  -10.513 -1.989  1.00 10.23 ? 135 ALA A CA    1 
ATOM   958  C  C     . ALA A 1 121 ? -9.913  -11.479 -2.894  1.00 8.30  ? 135 ALA A C     1 
ATOM   959  O  O     . ALA A 1 121 ? -10.996 -11.957 -2.535  1.00 10.45 ? 135 ALA A O     1 
ATOM   960  C  CB    . ALA A 1 121 ? -9.893  -9.164  -1.963  1.00 12.25 ? 135 ALA A CB    1 
ATOM   961  N  N     . ASP A 1 122 ? -9.343  -11.749 -4.072  1.00 7.69  ? 136 ASP A N     1 
ATOM   962  C  CA    . ASP A 1 122 ? -9.932  -12.711 -5.002  1.00 8.18  ? 136 ASP A CA    1 
ATOM   963  C  C     . ASP A 1 122 ? -9.813  -14.146 -4.454  1.00 10.36 ? 136 ASP A C     1 
ATOM   964  O  O     . ASP A 1 122 ? -10.461 -15.076 -4.969  1.00 11.49 ? 136 ASP A O     1 
ATOM   965  C  CB    . ASP A 1 122 ? -9.250  -12.627 -6.383  1.00 8.63  ? 136 ASP A CB    1 
ATOM   966  C  CG    . ASP A 1 122 ? -7.753  -12.800 -6.297  1.00 10.45 ? 136 ASP A CG    1 
ATOM   967  O  OD1   . ASP A 1 122 ? -7.107  -11.858 -5.803  1.00 8.57  ? 136 ASP A OD1   1 
ATOM   968  O  OD2   . ASP A 1 122 ? -7.254  -13.871 -6.714  1.00 12.01 ? 136 ASP A OD2   1 
ATOM   969  N  N     . LEU A 1 123 ? -8.970  -14.329 -3.434  1.00 8.16  ? 137 LEU A N     1 
ATOM   970  C  CA    . LEU A 1 123 ? -8.780  -15.629 -2.789  1.00 8.82  ? 137 LEU A CA    1 
ATOM   971  C  C     . LEU A 1 123 ? -9.604  -15.712 -1.498  1.00 8.49  ? 137 LEU A C     1 
ATOM   972  O  O     . LEU A 1 123 ? -9.198  -16.360 -0.539  1.00 9.43  ? 137 LEU A O     1 
ATOM   973  C  CB    . LEU A 1 123 ? -7.301  -15.848 -2.450  1.00 9.99  ? 137 LEU A CB    1 
ATOM   974  C  CG    . LEU A 1 123 ? -6.341  -15.757 -3.647  1.00 8.06  ? 137 LEU A CG    1 
ATOM   975  C  CD1   . LEU A 1 123 ? -4.911  -16.063 -3.173  1.00 10.12 ? 137 LEU A CD1   1 
ATOM   976  C  CD2   . LEU A 1 123 ? -6.786  -16.763 -4.719  1.00 11.81 ? 137 LEU A CD2   1 
ATOM   977  N  N     . ALA A 1 124 ? -10.782 -15.089 -1.488  1.00 8.19  ? 138 ALA A N     1 
ATOM   978  C  CA    . ALA A 1 124 ? -11.621 -15.102 -0.295  1.00 8.40  ? 138 ALA A CA    1 
ATOM   979  C  C     . ALA A 1 124 ? -12.078 -16.507 0.113   1.00 7.98  ? 138 ALA A C     1 
ATOM   980  O  O     . ALA A 1 124 ? -12.484 -16.722 1.266   1.00 8.95  ? 138 ALA A O     1 
ATOM   981  C  CB    . ALA A 1 124 ? -12.815 -14.163 -0.474  1.00 9.11  ? 138 ALA A CB    1 
ATOM   982  N  N     . ASN A 1 125 ? -12.004 -17.460 -0.818  1.00 9.05  ? 139 ASN A N     1 
ATOM   983  C  CA    . ASN A 1 125 ? -12.379 -18.834 -0.508  1.00 11.59 ? 139 ASN A CA    1 
ATOM   984  C  C     . ASN A 1 125 ? -11.333 -19.453 0.445   1.00 10.62 ? 139 ASN A C     1 
ATOM   985  O  O     . ASN A 1 125 ? -11.530 -20.552 0.946   1.00 11.42 ? 139 ASN A O     1 
ATOM   986  C  CB    . ASN A 1 125 ? -12.432 -19.657 -1.800  1.00 12.38 ? 139 ASN A CB    1 
ATOM   987  C  CG    . ASN A 1 125 ? -11.164 -19.498 -2.619  1.00 21.38 ? 139 ASN A CG    1 
ATOM   988  O  OD1   . ASN A 1 125 ? -10.828 -18.383 -3.050  1.00 26.93 ? 139 ASN A OD1   1 
ATOM   989  N  ND2   . ASN A 1 125 ? -10.453 -20.587 -2.835  1.00 26.47 ? 139 ASN A ND2   1 
ATOM   990  N  N     . LYS A 1 126 ? -10.224 -18.737 0.673   1.00 9.59  ? 140 LYS A N     1 
ATOM   991  C  CA    . LYS A 1 126 ? -9.141  -19.167 1.555   1.00 9.24  ? 140 LYS A CA    1 
ATOM   992  C  C     . LYS A 1 126 ? -8.874  -18.105 2.617   1.00 8.71  ? 140 LYS A C     1 
ATOM   993  O  O     . LYS A 1 126 ? -7.791  -18.062 3.204   1.00 11.32 ? 140 LYS A O     1 
ATOM   994  C  CB    . LYS A 1 126 ? -7.838  -19.398 0.763   1.00 13.07 ? 140 LYS A CB    1 
ATOM   995  C  CG    . LYS A 1 126 ? -7.951  -20.520 -0.244  1.00 20.84 ? 140 LYS A CG    1 
ATOM   996  C  CD    . LYS A 1 126 ? -6.681  -20.682 -1.060  1.00 25.95 ? 140 LYS A CD    1 
ATOM   997  C  CE    . LYS A 1 126 ? -6.871  -21.782 -2.098  1.00 33.65 ? 140 LYS A CE    1 
ATOM   998  N  NZ    . LYS A 1 126 ? -5.615  -22.061 -2.852  1.00 37.32 ? 140 LYS A NZ    1 
ATOM   999  N  N     . ARG A 1 127 ? -9.864  -17.250 2.869   1.00 6.17  ? 141 ARG A N     1 
ATOM   1000 C  CA    . ARG A 1 127 ? -9.721  -16.174 3.862   1.00 7.57  ? 141 ARG A CA    1 
ATOM   1001 C  C     . ARG A 1 127 ? -9.235  -16.638 5.238   1.00 9.48  ? 141 ARG A C     1 
ATOM   1002 O  O     . ARG A 1 127 ? -9.698  -17.656 5.771   1.00 8.82  ? 141 ARG A O     1 
ATOM   1003 C  CB    . ARG A 1 127 ? -11.077 -15.459 4.011   1.00 7.39  ? 141 ARG A CB    1 
ATOM   1004 C  CG    . ARG A 1 127 ? -11.101 -14.298 5.032   1.00 8.30  ? 141 ARG A CG    1 
ATOM   1005 C  CD    . ARG A 1 127 ? -12.476 -13.658 5.092   1.00 7.90  ? 141 ARG A CD    1 
ATOM   1006 N  NE    . ARG A 1 127 ? -12.836 -13.013 3.828   1.00 8.80  ? 141 ARG A NE    1 
ATOM   1007 C  CZ    . ARG A 1 127 ? -12.448 -11.792 3.464   1.00 6.82  ? 141 ARG A CZ    1 
ATOM   1008 N  NH1   . ARG A 1 127 ? -11.667 -11.063 4.266   1.00 6.69  ? 141 ARG A NH1   1 
ATOM   1009 N  NH2   . ARG A 1 127 ? -12.886 -11.262 2.320   1.00 8.90  ? 141 ARG A NH2   1 
ATOM   1010 N  N     . ALA A 1 128 ? -8.336  -15.852 5.819   1.00 9.23  ? 142 ALA A N     1 
ATOM   1011 C  CA    . ALA A 1 128 ? -7.818  -16.120 7.156   1.00 9.24  ? 142 ALA A CA    1 
ATOM   1012 C  C     . ALA A 1 128 ? -7.986  -14.853 8.013   1.00 10.44 ? 142 ALA A C     1 
ATOM   1013 O  O     . ALA A 1 128 ? -7.841  -14.916 9.232   1.00 11.52 ? 142 ALA A O     1 
ATOM   1014 C  CB    . ALA A 1 128 ? -6.352  -16.525 7.107   1.00 13.66 ? 142 ALA A CB    1 
ATOM   1015 N  N     . VAL A 1 129 ? -8.288  -13.717 7.377   1.00 7.14  ? 143 VAL A N     1 
ATOM   1016 C  CA    . VAL A 1 129 ? -8.476  -12.462 8.109   1.00 7.81  ? 143 VAL A CA    1 
ATOM   1017 C  C     . VAL A 1 129 ? -9.869  -11.912 7.833   1.00 7.48  ? 143 VAL A C     1 
ATOM   1018 O  O     . VAL A 1 129 ? -10.202 -11.571 6.703   1.00 8.83  ? 143 VAL A O     1 
ATOM   1019 C  CB    . VAL A 1 129 ? -7.422  -11.402 7.710   1.00 7.76  ? 143 VAL A CB    1 
ATOM   1020 C  CG1   . VAL A 1 129 ? -7.608  -10.123 8.531   1.00 10.44 ? 143 VAL A CG1   1 
ATOM   1021 C  CG2   . VAL A 1 129 ? -6.031  -11.977 7.899   1.00 10.35 ? 143 VAL A CG2   1 
ATOM   1022 N  N     . ASP A 1 130 ? -10.676 -11.847 8.889   1.00 8.96  ? 144 ASP A N     1 
ATOM   1023 C  CA    . ASP A 1 130 ? -12.044 -11.352 8.809   1.00 8.81  ? 144 ASP A CA    1 
ATOM   1024 C  C     . ASP A 1 130 ? -12.054 -9.878  8.383   1.00 7.41  ? 144 ASP A C     1 
ATOM   1025 O  O     . ASP A 1 130 ? -11.337 -9.049  8.946   1.00 8.97  ? 144 ASP A O     1 
ATOM   1026 C  CB    . ASP A 1 130 ? -12.679 -11.553 10.200  1.00 10.14 ? 144 ASP A CB    1 
ATOM   1027 C  CG    . ASP A 1 130 ? -14.116 -11.132 10.278  1.00 16.76 ? 144 ASP A CG    1 
ATOM   1028 O  OD1   . ASP A 1 130 ? -14.380 -9.977  10.677  1.00 16.15 ? 144 ASP A OD1   1 
ATOM   1029 O  OD2   . ASP A 1 130 ? -14.994 -11.968 9.963   1.00 20.05 ? 144 ASP A OD2   1 
ATOM   1030 N  N     . PHE A 1 131 ? -12.876 -9.570  7.382   1.00 9.27  ? 145 PHE A N     1 
ATOM   1031 C  CA    . PHE A 1 131 ? -12.984 -8.207  6.869   1.00 7.79  ? 145 PHE A CA    1 
ATOM   1032 C  C     . PHE A 1 131 ? -13.360 -7.209  7.961   1.00 10.30 ? 145 PHE A C     1 
ATOM   1033 O  O     . PHE A 1 131 ? -12.732 -6.162  8.095   1.00 10.12 ? 145 PHE A O     1 
ATOM   1034 C  CB    . PHE A 1 131 ? -14.033 -8.130  5.755   1.00 8.46  ? 145 PHE A CB    1 
ATOM   1035 C  CG    . PHE A 1 131 ? -14.244 -6.738  5.228   1.00 10.51 ? 145 PHE A CG    1 
ATOM   1036 C  CD1   . PHE A 1 131 ? -13.442 -6.229  4.207   1.00 12.11 ? 145 PHE A CD1   1 
ATOM   1037 C  CD2   . PHE A 1 131 ? -15.223 -5.918  5.784   1.00 13.45 ? 145 PHE A CD2   1 
ATOM   1038 C  CE1   . PHE A 1 131 ? -13.611 -4.927  3.753   1.00 14.87 ? 145 PHE A CE1   1 
ATOM   1039 C  CE2   . PHE A 1 131 ? -15.393 -4.609  5.329   1.00 16.69 ? 145 PHE A CE2   1 
ATOM   1040 C  CZ    . PHE A 1 131 ? -14.591 -4.119  4.323   1.00 12.14 ? 145 PHE A CZ    1 
ATOM   1041 N  N     . GLN A 1 132 ? -14.385 -7.535  8.743   1.00 8.48  ? 146 GLN A N     1 
ATOM   1042 C  CA    . GLN A 1 132 ? -14.820 -6.610  9.781   1.00 13.05 ? 146 GLN A CA    1 
ATOM   1043 C  C     . GLN A 1 132 ? -13.766 -6.383  10.854  1.00 13.53 ? 146 GLN A C     1 
ATOM   1044 O  O     . GLN A 1 132 ? -13.643 -5.281  11.385  1.00 13.22 ? 146 GLN A O     1 
ATOM   1045 C  CB    . GLN A 1 132 ? -16.117 -7.101  10.427  1.00 14.50 ? 146 GLN A CB    1 
ATOM   1046 C  CG    . GLN A 1 132 ? -16.659 -6.123  11.441  1.00 20.96 ? 146 GLN A CG    1 
ATOM   1047 C  CD    . GLN A 1 132 ? -16.825 -4.733  10.856  1.00 26.54 ? 146 GLN A CD    1 
ATOM   1048 O  OE1   . GLN A 1 132 ? -17.532 -4.542  9.849   1.00 24.47 ? 146 GLN A OE1   1 
ATOM   1049 N  NE2   . GLN A 1 132 ? -16.157 -3.745  11.475  1.00 22.78 ? 146 GLN A NE2   1 
ATOM   1050 N  N     . GLU A 1 133 ? -13.009 -7.424  11.179  1.00 10.49 ? 147 GLU A N     1 
ATOM   1051 C  CA    . GLU A 1 133 ? -11.956 -7.301  12.189  1.00 10.28 ? 147 GLU A CA    1 
ATOM   1052 C  C     . GLU A 1 133 ? -10.892 -6.341  11.679  1.00 10.16 ? 147 GLU A C     1 
ATOM   1053 O  O     . GLU A 1 133 ? -10.397 -5.488  12.421  1.00 11.21 ? 147 GLU A O     1 
ATOM   1054 C  CB    A GLU A 1 133 ? -11.351 -8.673  12.498  0.50 11.88 ? 147 GLU A CB    1 
ATOM   1055 C  CB    B GLU A 1 133 ? -11.325 -8.667  12.458  0.50 11.25 ? 147 GLU A CB    1 
ATOM   1056 C  CG    A GLU A 1 133 ? -12.249 -9.530  13.384  0.50 16.00 ? 147 GLU A CG    1 
ATOM   1057 C  CG    B GLU A 1 133 ? -10.155 -8.643  13.420  0.50 12.60 ? 147 GLU A CG    1 
ATOM   1058 C  CD    A GLU A 1 133 ? -11.790 -10.972 13.480  0.50 18.59 ? 147 GLU A CD    1 
ATOM   1059 C  CD    B GLU A 1 133 ? -9.675  -10.047 13.771  0.50 15.71 ? 147 GLU A CD    1 
ATOM   1060 O  OE1   A GLU A 1 133 ? -10.566 -11.214 13.445  0.50 15.38 ? 147 GLU A OE1   1 
ATOM   1061 O  OE1   B GLU A 1 133 ? -10.540 -10.904 14.043  0.50 19.69 ? 147 GLU A OE1   1 
ATOM   1062 O  OE2   A GLU A 1 133 ? -12.663 -11.858 13.603  0.50 19.20 ? 147 GLU A OE2   1 
ATOM   1063 O  OE2   B GLU A 1 133 ? -8.448  -10.294 13.787  0.50 13.28 ? 147 GLU A OE2   1 
ATOM   1064 N  N     . ALA A 1 134 ? -10.546 -6.463  10.404  1.00 8.72  ? 148 ALA A N     1 
ATOM   1065 C  CA    . ALA A 1 134 ? -9.547  -5.595  9.823   1.00 7.30  ? 148 ALA A CA    1 
ATOM   1066 C  C     . ALA A 1 134 ? -10.067 -4.167  9.739   1.00 8.58  ? 148 ALA A C     1 
ATOM   1067 O  O     . ALA A 1 134 ? -9.321  -3.222  9.976   1.00 9.18  ? 148 ALA A O     1 
ATOM   1068 C  CB    . ALA A 1 134 ? -9.143  -6.112  8.434   1.00 9.81  ? 148 ALA A CB    1 
ATOM   1069 N  N     . GLN A 1 135 ? -11.339 -4.016  9.392   1.00 10.13 ? 149 GLN A N     1 
ATOM   1070 C  CA    . GLN A 1 135 ? -11.926 -2.675  9.313   1.00 9.27  ? 149 GLN A CA    1 
ATOM   1071 C  C     . GLN A 1 135 ? -11.890 -2.018  10.676  1.00 9.87  ? 149 GLN A C     1 
ATOM   1072 O  O     . GLN A 1 135 ? -11.581 -0.836  10.785  1.00 9.35  ? 149 GLN A O     1 
ATOM   1073 C  CB    . GLN A 1 135 ? -13.372 -2.755  8.843   1.00 7.18  ? 149 GLN A CB    1 
ATOM   1074 C  CG    . GLN A 1 135 ? -14.047 -1.376  8.752   1.00 8.82  ? 149 GLN A CG    1 
ATOM   1075 C  CD    . GLN A 1 135 ? -13.518 -0.562  7.577   1.00 9.44  ? 149 GLN A CD    1 
ATOM   1076 O  OE1   . GLN A 1 135 ? -13.788 -0.885  6.427   1.00 12.24 ? 149 GLN A OE1   1 
ATOM   1077 N  NE2   . GLN A 1 135 ? -12.738 0.492   7.867   1.00 11.52 ? 149 GLN A NE2   1 
ATOM   1078 N  N     . SER A 1 136 ? -12.230 -2.789  11.708  1.00 9.32  ? 150 SER A N     1 
ATOM   1079 C  CA    . SER A 1 136 ? -12.240 -2.259  13.073  1.00 10.57 ? 150 SER A CA    1 
ATOM   1080 C  C     . SER A 1 136 ? -10.847 -1.837  13.503  1.00 11.22 ? 150 SER A C     1 
ATOM   1081 O  O     . SER A 1 136 ? -10.672 -0.785  14.127  1.00 9.47  ? 150 SER A O     1 
ATOM   1082 C  CB    A SER A 1 136 ? -12.778 -3.304  14.052  0.50 11.99 ? 150 SER A CB    1 
ATOM   1083 C  CB    B SER A 1 136 ? -12.781 -3.300  14.045  0.50 13.10 ? 150 SER A CB    1 
ATOM   1084 O  OG    A SER A 1 136 ? -12.821 -2.787  15.370  0.50 12.95 ? 150 SER A OG    1 
ATOM   1085 O  OG    B SER A 1 136 ? -14.167 -3.477  13.848  0.50 18.38 ? 150 SER A OG    1 
ATOM   1086 N  N     . TYR A 1 137 ? -9.857  -2.669  13.181  1.00 9.65  ? 151 TYR A N     1 
ATOM   1087 C  CA    . TYR A 1 137 ? -8.477  -2.368  13.504  1.00 7.82  ? 151 TYR A CA    1 
ATOM   1088 C  C     . TYR A 1 137 ? -8.068  -1.073  12.797  1.00 9.77  ? 151 TYR A C     1 
ATOM   1089 O  O     . TYR A 1 137 ? -7.458  -0.191  13.409  1.00 9.50  ? 151 TYR A O     1 
ATOM   1090 C  CB    . TYR A 1 137 ? -7.560  -3.540  13.075  1.00 8.17  ? 151 TYR A CB    1 
ATOM   1091 C  CG    . TYR A 1 137 ? -6.107  -3.163  12.978  1.00 8.57  ? 151 TYR A CG    1 
ATOM   1092 C  CD1   . TYR A 1 137 ? -5.322  -2.989  14.122  1.00 8.79  ? 151 TYR A CD1   1 
ATOM   1093 C  CD2   . TYR A 1 137 ? -5.546  -2.851  11.738  1.00 8.78  ? 151 TYR A CD2   1 
ATOM   1094 C  CE1   . TYR A 1 137 ? -4.018  -2.500  14.030  1.00 10.65 ? 151 TYR A CE1   1 
ATOM   1095 C  CE2   . TYR A 1 137 ? -4.248  -2.360  11.635  1.00 10.90 ? 151 TYR A CE2   1 
ATOM   1096 C  CZ    . TYR A 1 137 ? -3.488  -2.183  12.783  1.00 9.08  ? 151 TYR A CZ    1 
ATOM   1097 O  OH    . TYR A 1 137 ? -2.213  -1.679  12.680  1.00 12.47 ? 151 TYR A OH    1 
ATOM   1098 N  N     . ALA A 1 138 ? -8.410  -0.957  11.514  1.00 7.77  ? 152 ALA A N     1 
ATOM   1099 C  CA    . ALA A 1 138 ? -8.078  0.245   10.763  1.00 7.14  ? 152 ALA A CA    1 
ATOM   1100 C  C     . ALA A 1 138 ? -8.781  1.485   11.337  1.00 10.81 ? 152 ALA A C     1 
ATOM   1101 O  O     . ALA A 1 138 ? -8.167  2.541   11.483  1.00 10.41 ? 152 ALA A O     1 
ATOM   1102 C  CB    . ALA A 1 138 ? -8.446  0.058   9.271   1.00 9.91  ? 152 ALA A CB    1 
ATOM   1103 N  N     . ASP A 1 139 ? -10.053 1.357   11.679  1.00 9.47  ? 153 ASP A N     1 
ATOM   1104 C  CA    . ASP A 1 139 ? -10.776 2.510   12.225  1.00 11.01 ? 153 ASP A CA    1 
ATOM   1105 C  C     . ASP A 1 139 ? -10.150 2.980   13.540  1.00 13.35 ? 153 ASP A C     1 
ATOM   1106 O  O     . ASP A 1 139 ? -9.974  4.185   13.770  1.00 13.77 ? 153 ASP A O     1 
ATOM   1107 C  CB    . ASP A 1 139 ? -12.246 2.170   12.492  1.00 10.81 ? 153 ASP A CB    1 
ATOM   1108 C  CG    . ASP A 1 139 ? -13.054 1.963   11.225  1.00 11.89 ? 153 ASP A CG    1 
ATOM   1109 O  OD1   . ASP A 1 139 ? -12.611 2.376   10.136  1.00 12.73 ? 153 ASP A OD1   1 
ATOM   1110 O  OD2   . ASP A 1 139 ? -14.171 1.400   11.324  1.00 14.35 ? 153 ASP A OD2   1 
ATOM   1111 N  N     . ASP A 1 140 ? -9.822  2.028   14.407  1.00 12.66 ? 154 ASP A N     1 
ATOM   1112 C  CA    . ASP A 1 140 ? -9.244  2.369   15.706  1.00 13.48 ? 154 ASP A CA    1 
ATOM   1113 C  C     . ASP A 1 140 ? -7.870  3.009   15.582  1.00 14.65 ? 154 ASP A C     1 
ATOM   1114 O  O     . ASP A 1 140 ? -7.471  3.794   16.448  1.00 16.21 ? 154 ASP A O     1 
ATOM   1115 C  CB    . ASP A 1 140 ? -9.171  1.117   16.592  1.00 15.19 ? 154 ASP A CB    1 
ATOM   1116 C  CG    . ASP A 1 140 ? -10.559 0.608   17.006  1.00 19.50 ? 154 ASP A CG    1 
ATOM   1117 O  OD1   . ASP A 1 140 ? -11.564 1.312   16.769  1.00 25.35 ? 154 ASP A OD1   1 
ATOM   1118 O  OD2   . ASP A 1 140 ? -10.641 -0.496  17.575  1.00 23.83 ? 154 ASP A OD2   1 
ATOM   1119 N  N     . ASN A 1 141 ? -7.158  2.711   14.493  1.00 10.56 ? 155 ASN A N     1 
ATOM   1120 C  CA    . ASN A 1 141 ? -5.820  3.252   14.281  1.00 11.17 ? 155 ASN A CA    1 
ATOM   1121 C  C     . ASN A 1 141 ? -5.697  4.334   13.207  1.00 10.39 ? 155 ASN A C     1 
ATOM   1122 O  O     . ASN A 1 141 ? -4.589  4.712   12.797  1.00 11.97 ? 155 ASN A O     1 
ATOM   1123 C  CB    . ASN A 1 141 ? -4.839  2.105   14.006  1.00 12.58 ? 155 ASN A CB    1 
ATOM   1124 C  CG    . ASN A 1 141 ? -4.633  1.224   15.221  1.00 16.60 ? 155 ASN A CG    1 
ATOM   1125 O  OD1   . ASN A 1 141 ? -5.337  0.213   15.423  1.00 17.73 ? 155 ASN A OD1   1 
ATOM   1126 N  ND2   . ASN A 1 141 ? -3.687  1.621   16.065  1.00 16.09 ? 155 ASN A ND2   1 
ATOM   1127 N  N     . SER A 1 142 ? -6.841  4.868   12.782  1.00 12.93 ? 156 SER A N     1 
ATOM   1128 C  CA    . SER A 1 142 ? -6.865  5.930   11.764  1.00 12.42 ? 156 SER A CA    1 
ATOM   1129 C  C     . SER A 1 142 ? -6.159  5.559   10.463  1.00 11.15 ? 156 SER A C     1 
ATOM   1130 O  O     . SER A 1 142 ? -5.344  6.317   9.950   1.00 14.28 ? 156 SER A O     1 
ATOM   1131 C  CB    . SER A 1 142 ? -6.241  7.194   12.348  1.00 15.72 ? 156 SER A CB    1 
ATOM   1132 O  OG    . SER A 1 142 ? -6.974  7.642   13.480  1.00 19.57 ? 156 SER A OG    1 
ATOM   1133 N  N     . LEU A 1 143 ? -6.506  4.390   9.927   1.00 7.69  ? 157 LEU A N     1 
ATOM   1134 C  CA    . LEU A 1 143 ? -5.940  3.896   8.686   1.00 8.93  ? 157 LEU A CA    1 
ATOM   1135 C  C     . LEU A 1 143 ? -7.042  3.778   7.634   1.00 9.19  ? 157 LEU A C     1 
ATOM   1136 O  O     . LEU A 1 143 ? -8.175  3.414   7.968   1.00 9.24  ? 157 LEU A O     1 
ATOM   1137 C  CB    . LEU A 1 143 ? -5.328  2.507   8.880   1.00 9.03  ? 157 LEU A CB    1 
ATOM   1138 C  CG    . LEU A 1 143 ? -4.464  2.259   10.109  1.00 8.54  ? 157 LEU A CG    1 
ATOM   1139 C  CD1   . LEU A 1 143 ? -4.011  0.775   10.138  1.00 9.09  ? 157 LEU A CD1   1 
ATOM   1140 C  CD2   . LEU A 1 143 ? -3.264  3.185   10.098  1.00 10.71 ? 157 LEU A CD2   1 
ATOM   1141 N  N     . LEU A 1 144 ? -6.693  4.056   6.379   1.00 9.63  ? 158 LEU A N     1 
ATOM   1142 C  CA    . LEU A 1 144 ? -7.636  3.949   5.262   1.00 9.48  ? 158 LEU A CA    1 
ATOM   1143 C  C     . LEU A 1 144 ? -7.584  2.507   4.758   1.00 12.82 ? 158 LEU A C     1 
ATOM   1144 O  O     . LEU A 1 144 ? -6.657  2.130   4.030   1.00 16.66 ? 158 LEU A O     1 
ATOM   1145 C  CB    A LEU A 1 144 ? -7.214  4.933   4.163   0.50 13.05 ? 158 LEU A CB    1 
ATOM   1146 C  CB    B LEU A 1 144 ? -7.249  4.909   4.132   0.50 13.94 ? 158 LEU A CB    1 
ATOM   1147 C  CG    A LEU A 1 144 ? -8.156  5.278   3.008   0.50 14.52 ? 158 LEU A CG    1 
ATOM   1148 C  CG    B LEU A 1 144 ? -7.864  4.691   2.740   0.50 18.33 ? 158 LEU A CG    1 
ATOM   1149 C  CD1   A LEU A 1 144 ? -7.609  6.501   2.277   0.50 14.01 ? 158 LEU A CD1   1 
ATOM   1150 C  CD1   B LEU A 1 144 ? -9.266  4.075   2.809   0.50 18.75 ? 158 LEU A CD1   1 
ATOM   1151 C  CD2   A LEU A 1 144 ? -8.268  4.095   2.048   0.50 9.80  ? 158 LEU A CD2   1 
ATOM   1152 C  CD2   B LEU A 1 144 ? -7.871  6.045   2.044   0.50 19.41 ? 158 LEU A CD2   1 
ATOM   1153 N  N     . PHE A 1 145 ? -8.613  1.735   5.080   1.00 9.33  ? 159 PHE A N     1 
ATOM   1154 C  CA    . PHE A 1 145 ? -8.661  0.309   4.730   1.00 10.41 ? 159 PHE A CA    1 
ATOM   1155 C  C     . PHE A 1 145 ? -9.515  -0.062  3.534   1.00 8.60  ? 159 PHE A C     1 
ATOM   1156 O  O     . PHE A 1 145 ? -10.628 0.434   3.371   1.00 9.99  ? 159 PHE A O     1 
ATOM   1157 C  CB    . PHE A 1 145 ? -9.179  -0.490  5.946   1.00 10.64 ? 159 PHE A CB    1 
ATOM   1158 C  CG    . PHE A 1 145 ? -9.414  -1.961  5.685   1.00 8.67  ? 159 PHE A CG    1 
ATOM   1159 C  CD1   . PHE A 1 145 ? -8.347  -2.793  5.338   1.00 10.11 ? 159 PHE A CD1   1 
ATOM   1160 C  CD2   . PHE A 1 145 ? -10.692 -2.529  5.825   1.00 10.30 ? 159 PHE A CD2   1 
ATOM   1161 C  CE1   . PHE A 1 145 ? -8.544  -4.164  5.135   1.00 11.57 ? 159 PHE A CE1   1 
ATOM   1162 C  CE2   . PHE A 1 145 ? -10.905 -3.893  5.628   1.00 11.79 ? 159 PHE A CE2   1 
ATOM   1163 C  CZ    . PHE A 1 145 ? -9.821  -4.724  5.279   1.00 9.11  ? 159 PHE A CZ    1 
ATOM   1164 N  N     . MET A 1 146 ? -8.974  -0.934  2.698   1.00 8.65  ? 160 MET A N     1 
ATOM   1165 C  CA    . MET A 1 146 ? -9.744  -1.513  1.602   1.00 8.48  ? 160 MET A CA    1 
ATOM   1166 C  C     . MET A 1 146 ? -9.169  -2.883  1.314   1.00 9.00  ? 160 MET A C     1 
ATOM   1167 O  O     . MET A 1 146 ? -7.956  -3.081  1.435   1.00 7.68  ? 160 MET A O     1 
ATOM   1168 C  CB    . MET A 1 146 ? -9.652  -0.733  0.289   1.00 11.68 ? 160 MET A CB    1 
ATOM   1169 C  CG    . MET A 1 146 ? -10.311 0.592   0.298   1.00 10.01 ? 160 MET A CG    1 
ATOM   1170 S  SD    . MET A 1 146 ? -10.314 1.273   -1.362  1.00 11.86 ? 160 MET A SD    1 
ATOM   1171 C  CE    . MET A 1 146 ? -10.778 2.931   -1.043  1.00 17.24 ? 160 MET A CE    1 
ATOM   1172 N  N     . GLU A 1 147 ? -10.034 -3.833  0.965   1.00 6.96  ? 161 GLU A N     1 
ATOM   1173 C  CA    . GLU A 1 147 ? -9.526  -5.123  0.505   1.00 6.43  ? 161 GLU A CA    1 
ATOM   1174 C  C     . GLU A 1 147 ? -9.321  -4.869  -0.984  1.00 8.90  ? 161 GLU A C     1 
ATOM   1175 O  O     . GLU A 1 147 ? -10.093 -4.140  -1.628  1.00 9.24  ? 161 GLU A O     1 
ATOM   1176 C  CB    . GLU A 1 147 ? -10.531 -6.258  0.756   1.00 7.05  ? 161 GLU A CB    1 
ATOM   1177 C  CG    . GLU A 1 147 ? -10.347 -6.787  2.171   1.00 6.91  ? 161 GLU A CG    1 
ATOM   1178 C  CD    . GLU A 1 147 ? -11.111 -8.057  2.498   1.00 8.54  ? 161 GLU A CD    1 
ATOM   1179 O  OE1   . GLU A 1 147 ? -11.883 -8.549  1.642   1.00 9.33  ? 161 GLU A OE1   1 
ATOM   1180 O  OE2   . GLU A 1 147 ? -10.924 -8.534  3.645   1.00 9.10  ? 161 GLU A OE2   1 
ATOM   1181 N  N     . THR A 1 148 ? -8.259  -5.458  -1.525  1.00 6.99  ? 162 THR A N     1 
ATOM   1182 C  CA    . THR A 1 148 ? -7.913  -5.247  -2.918  1.00 7.42  ? 162 THR A CA    1 
ATOM   1183 C  C     . THR A 1 148 ? -7.517  -6.527  -3.612  1.00 7.32  ? 162 THR A C     1 
ATOM   1184 O  O     . THR A 1 148 ? -7.258  -7.555  -2.972  1.00 7.45  ? 162 THR A O     1 
ATOM   1185 C  CB    . THR A 1 148 ? -6.673  -4.289  -3.039  1.00 7.32  ? 162 THR A CB    1 
ATOM   1186 O  OG1   . THR A 1 148 ? -5.562  -4.885  -2.350  1.00 8.58  ? 162 THR A OG1   1 
ATOM   1187 C  CG2   . THR A 1 148 ? -6.948  -2.955  -2.394  1.00 7.29  ? 162 THR A CG2   1 
ATOM   1188 N  N     . SER A 1 149 ? -7.520  -6.473  -4.940  1.00 6.29  ? 163 SER A N     1 
ATOM   1189 C  CA    . SER A 1 149 ? -7.014  -7.589  -5.712  1.00 7.43  ? 163 SER A CA    1 
ATOM   1190 C  C     . SER A 1 149 ? -6.207  -7.063  -6.889  1.00 8.00  ? 163 SER A C     1 
ATOM   1191 O  O     . SER A 1 149 ? -6.771  -6.500  -7.828  1.00 7.72  ? 163 SER A O     1 
ATOM   1192 C  CB    . SER A 1 149 ? -8.130  -8.494  -6.255  1.00 6.03  ? 163 SER A CB    1 
ATOM   1193 O  OG    . SER A 1 149 ? -7.516  -9.485  -7.101  1.00 8.21  ? 163 SER A OG    1 
ATOM   1194 N  N     . ALA A 1 150 ? -4.883  -7.208  -6.822  1.00 7.97  ? 164 ALA A N     1 
ATOM   1195 C  CA    . ALA A 1 150 ? -4.049  -6.819  -7.940  1.00 7.85  ? 164 ALA A CA    1 
ATOM   1196 C  C     . ALA A 1 150 ? -4.399  -7.729  -9.120  1.00 9.32  ? 164 ALA A C     1 
ATOM   1197 O  O     . ALA A 1 150 ? -4.328  -7.322  -10.292 1.00 10.61 ? 164 ALA A O     1 
ATOM   1198 C  CB    . ALA A 1 150 ? -2.569  -6.991  -7.580  1.00 7.80  ? 164 ALA A CB    1 
ATOM   1199 N  N     . LYS A 1 151 ? -4.789  -8.961  -8.819  1.00 8.69  ? 165 LYS A N     1 
ATOM   1200 C  CA    . LYS A 1 151 ? -5.118  -9.895  -9.888  1.00 9.73  ? 165 LYS A CA    1 
ATOM   1201 C  C     . LYS A 1 151 ? -6.362  -9.491  -10.696 1.00 10.30 ? 165 LYS A C     1 
ATOM   1202 O  O     . LYS A 1 151 ? -6.353  -9.588  -11.916 1.00 12.29 ? 165 LYS A O     1 
ATOM   1203 C  CB    . LYS A 1 151 ? -5.274  -11.313 -9.325  1.00 8.46  ? 165 LYS A CB    1 
ATOM   1204 C  CG    . LYS A 1 151 ? -5.587  -12.341 -10.389 1.00 10.52 ? 165 LYS A CG    1 
ATOM   1205 C  CD    . LYS A 1 151 ? -5.485  -13.748 -9.841  1.00 13.91 ? 165 LYS A CD    1 
ATOM   1206 C  CE    . LYS A 1 151 ? -5.904  -14.756 -10.912 1.00 18.40 ? 165 LYS A CE    1 
ATOM   1207 N  NZ    . LYS A 1 151 ? -5.993  -16.122 -10.327 1.00 24.08 ? 165 LYS A NZ    1 
ATOM   1208 N  N     . THR A 1 152 ? -7.422  -9.024  -10.037 1.00 9.47  ? 166 THR A N     1 
ATOM   1209 C  CA    . THR A 1 152 ? -8.616  -8.647  -10.792 1.00 10.26 ? 166 THR A CA    1 
ATOM   1210 C  C     . THR A 1 152 ? -8.762  -7.151  -11.048 1.00 9.98  ? 166 THR A C     1 
ATOM   1211 O  O     . THR A 1 152 ? -9.545  -6.769  -11.919 1.00 10.31 ? 166 THR A O     1 
ATOM   1212 C  CB    . THR A 1 152 ? -9.909  -9.085  -10.082 1.00 7.59  ? 166 THR A CB    1 
ATOM   1213 O  OG1   . THR A 1 152 ? -10.144 -8.217  -8.962  1.00 9.94  ? 166 THR A OG1   1 
ATOM   1214 C  CG2   . THR A 1 152 ? -9.801  -10.526 -9.606  1.00 10.32 ? 166 THR A CG2   1 
ATOM   1215 N  N     . SER A 1 153 ? -8.051  -6.350  -10.249 1.00 8.71  ? 167 SER A N     1 
ATOM   1216 C  CA    . SER A 1 153 ? -8.009  -4.890  -10.234 1.00 9.75  ? 167 SER A CA    1 
ATOM   1217 C  C     . SER A 1 153 ? -8.937  -4.335  -9.148  1.00 8.48  ? 167 SER A C     1 
ATOM   1218 O  O     . SER A 1 153 ? -8.989  -3.125  -8.905  1.00 8.58  ? 167 SER A O     1 
ATOM   1219 C  CB    . SER A 1 153 ? -8.357  -4.262  -11.607 1.00 10.59 ? 167 SER A CB    1 
ATOM   1220 O  OG    . SER A 1 153 ? -9.783  -4.226  -11.858 1.00 11.80 ? 167 SER A OG    1 
ATOM   1221 N  N     . MET A 1 154 ? -9.648  -5.227  -8.456  1.00 8.54  ? 168 MET A N     1 
ATOM   1222 C  CA    . MET A 1 154 ? -10.603 -4.767  -7.427  1.00 8.55  ? 168 MET A CA    1 
ATOM   1223 C  C     . MET A 1 154 ? -10.007 -3.765  -6.443  1.00 8.30  ? 168 MET A C     1 
ATOM   1224 O  O     . MET A 1 154 ? -9.007  -4.062  -5.784  1.00 7.83  ? 168 MET A O     1 
ATOM   1225 C  CB    . MET A 1 154 ? -11.151 -5.941  -6.618  1.00 10.06 ? 168 MET A CB    1 
ATOM   1226 C  CG    . MET A 1 154 ? -12.284 -5.522  -5.706  1.00 16.53 ? 168 MET A CG    1 
ATOM   1227 S  SD    . MET A 1 154 ? -12.794 -6.880  -4.653  1.00 25.58 ? 168 MET A SD    1 
ATOM   1228 C  CE    . MET A 1 154 ? -11.519 -6.880  -3.592  1.00 18.62 ? 168 MET A CE    1 
ATOM   1229 N  N     . ASN A 1 155 ? -10.615 -2.580  -6.376  1.00 8.72  ? 169 ASN A N     1 
ATOM   1230 C  CA    . ASN A 1 155 ? -10.197 -1.512  -5.472  1.00 7.63  ? 169 ASN A CA    1 
ATOM   1231 C  C     . ASN A 1 155 ? -8.778  -1.004  -5.590  1.00 9.63  ? 169 ASN A C     1 
ATOM   1232 O  O     . ASN A 1 155 ? -8.318  -0.266  -4.725  1.00 10.41 ? 169 ASN A O     1 
ATOM   1233 C  CB    . ASN A 1 155 ? -10.487 -1.901  -4.003  1.00 9.64  ? 169 ASN A CB    1 
ATOM   1234 C  CG    . ASN A 1 155 ? -11.965 -1.926  -3.701  1.00 15.71 ? 169 ASN A CG    1 
ATOM   1235 O  OD1   . ASN A 1 155 ? -12.771 -1.311  -4.413  1.00 15.76 ? 169 ASN A OD1   1 
ATOM   1236 N  ND2   . ASN A 1 155 ? -12.338 -2.632  -2.649  1.00 12.29 ? 169 ASN A ND2   1 
ATOM   1237 N  N     . VAL A 1 156 ? -8.076  -1.363  -6.657  1.00 7.82  ? 170 VAL A N     1 
ATOM   1238 C  CA    . VAL A 1 156 ? -6.695  -0.889  -6.782  1.00 10.34 ? 170 VAL A CA    1 
ATOM   1239 C  C     . VAL A 1 156 ? -6.648  0.602   -7.102  1.00 9.55  ? 170 VAL A C     1 
ATOM   1240 O  O     . VAL A 1 156 ? -6.017  1.378   -6.392  1.00 8.84  ? 170 VAL A O     1 
ATOM   1241 C  CB    . VAL A 1 156 ? -5.930  -1.714  -7.846  1.00 10.70 ? 170 VAL A CB    1 
ATOM   1242 C  CG1   . VAL A 1 156 ? -4.516  -1.161  -8.044  1.00 16.87 ? 170 VAL A CG1   1 
ATOM   1243 C  CG2   . VAL A 1 156 ? -5.830  -3.156  -7.375  1.00 14.19 ? 170 VAL A CG2   1 
ATOM   1244 N  N     . ASN A 1 157 ? -7.313  1.028   -8.167  1.00 12.40 ? 171 ASN A N     1 
ATOM   1245 C  CA    . ASN A 1 157 ? -7.281  2.451   -8.438  1.00 12.34 ? 171 ASN A CA    1 
ATOM   1246 C  C     . ASN A 1 157 ? -7.934  3.198   -7.273  1.00 12.07 ? 171 ASN A C     1 
ATOM   1247 O  O     . ASN A 1 157 ? -7.477  4.289   -6.870  1.00 12.02 ? 171 ASN A O     1 
ATOM   1248 C  CB    A ASN A 1 157 ? -7.992  2.800   -9.748  0.70 16.39 ? 171 ASN A CB    1 
ATOM   1249 C  CB    B ASN A 1 157 ? -8.050  2.704   -9.735  0.30 17.06 ? 171 ASN A CB    1 
ATOM   1250 C  CG    A ASN A 1 157 ? -7.278  2.234   -10.965 0.70 21.67 ? 171 ASN A CG    1 
ATOM   1251 C  CG    B ASN A 1 157 ? -7.904  4.112   -10.239 0.30 19.85 ? 171 ASN A CG    1 
ATOM   1252 O  OD1   A ASN A 1 157 ? -6.046  2.314   -11.086 0.70 21.59 ? 171 ASN A OD1   1 
ATOM   1253 O  OD1   B ASN A 1 157 ? -8.546  5.034   -9.744  0.30 25.69 ? 171 ASN A OD1   1 
ATOM   1254 N  ND2   A ASN A 1 157 ? -8.051  1.661   -11.882 0.70 27.45 ? 171 ASN A ND2   1 
ATOM   1255 N  ND2   B ASN A 1 157 ? -7.051  4.289   -11.238 0.30 22.93 ? 171 ASN A ND2   1 
ATOM   1256 N  N     . GLU A 1 158 ? -8.974  2.599   -6.697  1.00 10.91 ? 172 GLU A N     1 
ATOM   1257 C  CA    . GLU A 1 158 ? -9.707  3.228   -5.597  1.00 11.76 ? 172 GLU A CA    1 
ATOM   1258 C  C     . GLU A 1 158 ? -8.879  3.530   -4.367  1.00 10.84 ? 172 GLU A C     1 
ATOM   1259 O  O     . GLU A 1 158 ? -9.032  4.594   -3.781  1.00 11.94 ? 172 GLU A O     1 
ATOM   1260 C  CB    . GLU A 1 158 ? -10.900 2.364   -5.166  1.00 13.02 ? 172 GLU A CB    1 
ATOM   1261 C  CG    . GLU A 1 158 ? -12.107 2.353   -6.125  1.00 15.39 ? 172 GLU A CG    1 
ATOM   1262 C  CD    . GLU A 1 158 ? -11.911 1.538   -7.413  1.00 21.15 ? 172 GLU A CD    1 
ATOM   1263 O  OE1   . GLU A 1 158 ? -10.901 0.838   -7.574  1.00 13.48 ? 172 GLU A OE1   1 
ATOM   1264 O  OE2   . GLU A 1 158 ? -12.810 1.596   -8.279  1.00 25.62 ? 172 GLU A OE2   1 
ATOM   1265 N  N     . ILE A 1 159 ? -8.011  2.604   -3.957  1.00 8.91  ? 173 ILE A N     1 
ATOM   1266 C  CA    . ILE A 1 159 ? -7.222  2.848   -2.766  1.00 10.05 ? 173 ILE A CA    1 
ATOM   1267 C  C     . ILE A 1 159 ? -6.181  3.940   -2.981  1.00 12.18 ? 173 ILE A C     1 
ATOM   1268 O  O     . ILE A 1 159 ? -5.981  4.785   -2.106  1.00 12.64 ? 173 ILE A O     1 
ATOM   1269 C  CB    . ILE A 1 159 ? -6.597  1.525   -2.202  1.00 9.86  ? 173 ILE A CB    1 
ATOM   1270 C  CG1   . ILE A 1 159 ? -6.240  1.757   -0.731  1.00 10.90 ? 173 ILE A CG1   1 
ATOM   1271 C  CG2   . ILE A 1 159 ? -5.391  1.066   -3.031  1.00 10.31 ? 173 ILE A CG2   1 
ATOM   1272 C  CD1   . ILE A 1 159 ? -5.795  0.474   0.031   1.00 13.31 ? 173 ILE A CD1   1 
ATOM   1273 N  N     . PHE A 1 160 ? -5.548  3.954   -4.153  1.00 11.41 ? 174 PHE A N     1 
ATOM   1274 C  CA    . PHE A 1 160 ? -4.563  4.993   -4.443  1.00 13.75 ? 174 PHE A CA    1 
ATOM   1275 C  C     . PHE A 1 160 ? -5.250  6.350   -4.540  1.00 12.33 ? 174 PHE A C     1 
ATOM   1276 O  O     . PHE A 1 160 ? -4.742  7.336   -4.021  1.00 14.38 ? 174 PHE A O     1 
ATOM   1277 C  CB    . PHE A 1 160 ? -3.829  4.683   -5.752  1.00 13.69 ? 174 PHE A CB    1 
ATOM   1278 C  CG    . PHE A 1 160 ? -2.752  3.645   -5.612  1.00 12.22 ? 174 PHE A CG    1 
ATOM   1279 C  CD1   . PHE A 1 160 ? -1.459  4.017   -5.251  1.00 12.56 ? 174 PHE A CD1   1 
ATOM   1280 C  CD2   . PHE A 1 160 ? -3.019  2.303   -5.842  1.00 13.39 ? 174 PHE A CD2   1 
ATOM   1281 C  CE1   . PHE A 1 160 ? -0.458  3.053   -5.128  1.00 10.25 ? 174 PHE A CE1   1 
ATOM   1282 C  CE2   . PHE A 1 160 ? -2.006  1.327   -5.716  1.00 15.28 ? 174 PHE A CE2   1 
ATOM   1283 C  CZ    . PHE A 1 160 ? -0.719  1.715   -5.358  1.00 14.95 ? 174 PHE A CZ    1 
ATOM   1284 N  N     . MET A 1 161 ? -6.416  6.404   -5.187  1.00 12.33 ? 175 MET A N     1 
ATOM   1285 C  CA    . MET A 1 161 ? -7.120  7.671   -5.308  1.00 15.24 ? 175 MET A CA    1 
ATOM   1286 C  C     . MET A 1 161 ? -7.640  8.164   -3.955  1.00 15.03 ? 175 MET A C     1 
ATOM   1287 O  O     . MET A 1 161 ? -7.604  9.356   -3.668  1.00 15.59 ? 175 MET A O     1 
ATOM   1288 C  CB    . MET A 1 161 ? -8.275  7.560   -6.300  1.00 16.88 ? 175 MET A CB    1 
ATOM   1289 C  CG    . MET A 1 161 ? -7.821  7.221   -7.700  1.00 16.57 ? 175 MET A CG    1 
ATOM   1290 S  SD    . MET A 1 161 ? -6.729  8.501   -8.423  1.00 22.44 ? 175 MET A SD    1 
ATOM   1291 C  CE    . MET A 1 161 ? -7.944  9.603   -9.057  1.00 25.88 ? 175 MET A CE    1 
ATOM   1292 N  N     . ALA A 1 162 ? -8.108  7.257   -3.106  1.00 11.06 ? 176 ALA A N     1 
ATOM   1293 C  CA    . ALA A 1 162 ? -8.617  7.682   -1.808  1.00 12.73 ? 176 ALA A CA    1 
ATOM   1294 C  C     . ALA A 1 162 ? -7.504  8.316   -0.988  1.00 13.14 ? 176 ALA A C     1 
ATOM   1295 O  O     . ALA A 1 162 ? -7.733  9.265   -0.237  1.00 13.36 ? 176 ALA A O     1 
ATOM   1296 C  CB    . ALA A 1 162 ? -9.223  6.496   -1.053  1.00 12.83 ? 176 ALA A CB    1 
ATOM   1297 N  N     . ILE A 1 163 ? -6.293  7.781   -1.117  1.00 11.73 ? 177 ILE A N     1 
ATOM   1298 C  CA    . ILE A 1 163 ? -5.147  8.333   -0.390  1.00 11.42 ? 177 ILE A CA    1 
ATOM   1299 C  C     . ILE A 1 163 ? -4.870  9.741   -0.904  1.00 14.59 ? 177 ILE A C     1 
ATOM   1300 O  O     . ILE A 1 163 ? -4.710  10.682  -0.117  1.00 17.22 ? 177 ILE A O     1 
ATOM   1301 C  CB    . ILE A 1 163 ? -3.896  7.466   -0.602  1.00 13.37 ? 177 ILE A CB    1 
ATOM   1302 C  CG1   . ILE A 1 163 ? -4.073  6.140   0.140   1.00 13.79 ? 177 ILE A CG1   1 
ATOM   1303 C  CG2   . ILE A 1 163 ? -2.642  8.209   -0.124  1.00 16.08 ? 177 ILE A CG2   1 
ATOM   1304 C  CD1   . ILE A 1 163 ? -3.156  5.036   -0.354  1.00 18.30 ? 177 ILE A CD1   1 
ATOM   1305 N  N     . ALA A 1 164 ? -4.827  9.890   -2.226  1.00 14.50 ? 178 ALA A N     1 
ATOM   1306 C  CA    . ALA A 1 164 ? -4.563  11.205  -2.823  1.00 17.84 ? 178 ALA A CA    1 
ATOM   1307 C  C     . ALA A 1 164 ? -5.590  12.245  -2.388  1.00 16.97 ? 178 ALA A C     1 
ATOM   1308 O  O     . ALA A 1 164 ? -5.241  13.399  -2.132  1.00 18.23 ? 178 ALA A O     1 
ATOM   1309 C  CB    . ALA A 1 164 ? -4.544  11.101  -4.330  1.00 16.46 ? 178 ALA A CB    1 
ATOM   1310 N  N     . LYS A 1 165 ? -6.849  11.837  -2.281  1.00 16.15 ? 179 LYS A N     1 
ATOM   1311 C  CA    . LYS A 1 165 ? -7.910  12.749  -1.863  1.00 18.48 ? 179 LYS A CA    1 
ATOM   1312 C  C     . LYS A 1 165 ? -7.741  13.249  -0.435  1.00 18.56 ? 179 LYS A C     1 
ATOM   1313 O  O     . LYS A 1 165 ? -8.185  14.345  -0.109  1.00 22.06 ? 179 LYS A O     1 
ATOM   1314 C  CB    . LYS A 1 165 ? -9.272  12.066  -2.007  1.00 22.40 ? 179 LYS A CB    1 
ATOM   1315 C  CG    . LYS A 1 165 ? -9.572  11.659  -3.434  1.00 28.27 ? 179 LYS A CG    1 
ATOM   1316 C  CD    . LYS A 1 165 ? -10.867 10.875  -3.542  1.00 33.88 ? 179 LYS A CD    1 
ATOM   1317 C  CE    . LYS A 1 165 ? -11.190 10.553  -4.996  1.00 34.92 ? 179 LYS A CE    1 
ATOM   1318 N  NZ    . LYS A 1 165 ? -12.109 11.562  -5.603  1.00 39.10 ? 179 LYS A NZ    1 
ATOM   1319 N  N     . LYS A 1 166 ? -7.081  12.459  0.406   1.00 19.34 ? 180 LYS A N     1 
ATOM   1320 C  CA    . LYS A 1 166 ? -6.874  12.808  1.812   1.00 20.98 ? 180 LYS A CA    1 
ATOM   1321 C  C     . LYS A 1 166 ? -5.599  13.580  2.093   1.00 24.97 ? 180 LYS A C     1 
ATOM   1322 O  O     . LYS A 1 166 ? -5.347  13.964  3.230   1.00 29.67 ? 180 LYS A O     1 
ATOM   1323 C  CB    . LYS A 1 166 ? -6.878  11.547  2.672   1.00 23.21 ? 180 LYS A CB    1 
ATOM   1324 C  CG    . LYS A 1 166 ? -8.222  10.871  2.761   1.00 28.69 ? 180 LYS A CG    1 
ATOM   1325 C  CD    . LYS A 1 166 ? -9.251  11.819  3.322   1.00 29.81 ? 180 LYS A CD    1 
ATOM   1326 C  CE    . LYS A 1 166 ? -10.577 11.131  3.461   1.00 33.31 ? 180 LYS A CE    1 
ATOM   1327 N  NZ    . LYS A 1 166 ? -11.657 12.092  3.171   1.00 40.48 ? 180 LYS A NZ    1 
ATOM   1328 N  N     . LEU A 1 167 ? -4.783  13.787  1.071   1.00 23.23 ? 181 LEU A N     1 
ATOM   1329 C  CA    . LEU A 1 167 ? -3.555  14.545  1.241   1.00 25.68 ? 181 LEU A CA    1 
ATOM   1330 C  C     . LEU A 1 167 ? -3.952  16.018  1.189   1.00 26.60 ? 181 LEU A C     1 
ATOM   1331 O  O     . LEU A 1 167 ? -4.897  16.395  0.500   1.00 31.33 ? 181 LEU A O     1 
ATOM   1332 C  CB    . LEU A 1 167 ? -2.573  14.223  0.115   1.00 24.75 ? 181 LEU A CB    1 
ATOM   1333 C  CG    . LEU A 1 167 ? -1.934  12.842  0.218   1.00 28.67 ? 181 LEU A CG    1 
ATOM   1334 C  CD1   . LEU A 1 167 ? -1.505  12.341  -1.152  1.00 34.26 ? 181 LEU A CD1   1 
ATOM   1335 C  CD2   . LEU A 1 167 ? -0.757  12.930  1.165   1.00 28.60 ? 181 LEU A CD2   1 
ATOM   1336 N  N     . PRO A 1 168 ? -3.216  16.866  1.910   1.00 31.92 ? 182 PRO A N     1 
ATOM   1337 C  CA    . PRO A 1 168 ? -3.426  18.314  2.006   1.00 28.74 ? 182 PRO A CA    1 
ATOM   1338 C  C     . PRO A 1 168 ? -3.570  19.038  0.667   1.00 31.14 ? 182 PRO A C     1 
ATOM   1339 O  O     . PRO A 1 168 ? -4.644  19.662  0.453   1.00 35.73 ? 182 PRO A O     1 
ATOM   1340 C  CB    . PRO A 1 168 ? -2.206  18.787  2.797   1.00 29.81 ? 182 PRO A CB    1 
ATOM   1341 C  CG    . PRO A 1 168 ? -1.906  17.609  3.676   1.00 30.70 ? 182 PRO A CG    1 
ATOM   1342 C  CD    . PRO A 1 168 ? -2.056  16.448  2.713   1.00 28.51 ? 182 PRO A CD    1 
HETATM 1343 MG MG    . MG  B 2 .   ? 7.815   -6.910  -4.648  1.00 8.89  ? 201 MG  A MG    1 
HETATM 1344 P  PG    . GTP C 3 .   ? 8.248   -8.965  -2.250  1.00 10.32 ? 200 GTP A PG    1 
HETATM 1345 O  O1G   . GTP C 3 .   ? 9.068   -10.181 -2.020  1.00 11.84 ? 200 GTP A O1G   1 
HETATM 1346 O  O2G   . GTP C 3 .   ? 8.768   -8.098  -3.321  1.00 11.13 ? 200 GTP A O2G   1 
HETATM 1347 O  O3G   . GTP C 3 .   ? 8.042   -8.215  -0.963  1.00 11.73 ? 200 GTP A O3G   1 
HETATM 1348 O  O3B   . GTP C 3 .   ? 6.773   -9.515  -2.718  1.00 9.95  ? 200 GTP A O3B   1 
HETATM 1349 P  PB    . GTP C 3 .   ? 5.503   -8.611  -3.135  1.00 8.40  ? 200 GTP A PB    1 
HETATM 1350 O  O1B   . GTP C 3 .   ? 4.707   -8.168  -1.916  1.00 8.16  ? 200 GTP A O1B   1 
HETATM 1351 O  O2B   . GTP C 3 .   ? 5.948   -7.536  -4.027  1.00 7.14  ? 200 GTP A O2B   1 
HETATM 1352 O  O3A   . GTP C 3 .   ? 4.570   -9.657  -3.941  1.00 8.10  ? 200 GTP A O3A   1 
HETATM 1353 P  PA    . GTP C 3 .   ? 4.359   -9.732  -5.554  1.00 8.49  ? 200 GTP A PA    1 
HETATM 1354 O  O1A   . GTP C 3 .   ? 3.709   -8.539  -6.099  1.00 7.94  ? 200 GTP A O1A   1 
HETATM 1355 O  O2A   . GTP C 3 .   ? 5.701   -10.110 -6.098  1.00 10.30 ? 200 GTP A O2A   1 
HETATM 1356 O  "O5'" . GTP C 3 .   ? 3.346   -10.933 -5.591  1.00 8.78  ? 200 GTP A "O5'" 1 
HETATM 1357 C  "C5'" . GTP C 3 .   ? 3.680   -12.233 -5.102  1.00 10.58 ? 200 GTP A "C5'" 1 
HETATM 1358 C  "C4'" . GTP C 3 .   ? 2.793   -13.297 -5.781  1.00 10.23 ? 200 GTP A "C4'" 1 
HETATM 1359 O  "O4'" . GTP C 3 .   ? 1.405   -13.031 -5.428  1.00 9.53  ? 200 GTP A "O4'" 1 
HETATM 1360 C  "C3'" . GTP C 3 .   ? 2.820   -13.294 -7.282  1.00 10.85 ? 200 GTP A "C3'" 1 
HETATM 1361 O  "O3'" . GTP C 3 .   ? 2.750   -14.661 -7.766  1.00 10.70 ? 200 GTP A "O3'" 1 
HETATM 1362 C  "C2'" . GTP C 3 .   ? 1.585   -12.541 -7.696  1.00 9.99  ? 200 GTP A "C2'" 1 
HETATM 1363 O  "O2'" . GTP C 3 .   ? 1.092   -12.872 -8.973  1.00 9.85  ? 200 GTP A "O2'" 1 
HETATM 1364 C  "C1'" . GTP C 3 .   ? 0.647   -12.889 -6.590  1.00 9.63  ? 200 GTP A "C1'" 1 
HETATM 1365 N  N9    . GTP C 3 .   ? -0.359  -11.868 -6.315  1.00 8.55  ? 200 GTP A N9    1 
HETATM 1366 C  C8    . GTP C 3 .   ? -0.181  -10.527 -6.045  1.00 6.47  ? 200 GTP A C8    1 
HETATM 1367 N  N7    . GTP C 3 .   ? -1.304  -9.842  -5.825  1.00 7.54  ? 200 GTP A N7    1 
HETATM 1368 C  C5    . GTP C 3 .   ? -2.277  -10.828 -5.960  1.00 8.64  ? 200 GTP A C5    1 
HETATM 1369 C  C6    . GTP C 3 .   ? -3.688  -10.740 -5.842  1.00 7.46  ? 200 GTP A C6    1 
HETATM 1370 O  O6    . GTP C 3 .   ? -4.384  -9.751  -5.597  1.00 8.96  ? 200 GTP A O6    1 
HETATM 1371 N  N1    . GTP C 3 .   ? -4.350  -11.987 -6.035  1.00 8.09  ? 200 GTP A N1    1 
HETATM 1372 C  C2    . GTP C 3 .   ? -3.716  -13.208 -6.323  1.00 8.22  ? 200 GTP A C2    1 
HETATM 1373 N  N2    . GTP C 3 .   ? -4.467  -14.287 -6.472  1.00 11.26 ? 200 GTP A N2    1 
HETATM 1374 N  N3    . GTP C 3 .   ? -2.361  -13.278 -6.450  1.00 8.80  ? 200 GTP A N3    1 
HETATM 1375 C  C4    . GTP C 3 .   ? -1.717  -12.066 -6.252  1.00 9.16  ? 200 GTP A C4    1 
HETATM 1376 C  C1    . BME D 4 .   ? -7.379  17.796  -13.043 1.00 24.47 ? 210 BME A C1    1 
HETATM 1377 C  C2    . BME D 4 .   ? -6.860  17.243  -14.351 1.00 23.93 ? 210 BME A C2    1 
HETATM 1378 O  O1    . BME D 4 .   ? -8.356  18.748  -13.419 1.00 22.77 ? 210 BME A O1    1 
HETATM 1379 S  S2    . BME D 4 .   ? -8.102  16.182  -15.173 1.00 23.02 ? 210 BME A S2    1 
HETATM 1380 O  O     . HOH E 5 .   ? 7.705   -5.248  -3.337  1.00 8.63  ? 301 HOH A O     1 
HETATM 1381 O  O     . HOH E 5 .   ? 7.788   -8.449  -6.122  1.00 8.71  ? 302 HOH A O     1 
HETATM 1382 O  O     . HOH E 5 .   ? 11.555  -9.202  -0.971  1.00 16.88 ? 303 HOH A O     1 
HETATM 1383 O  O     . HOH E 5 .   ? 7.250   -12.232 -5.773  1.00 16.85 ? 304 HOH A O     1 
HETATM 1384 O  O     . HOH E 5 .   ? 9.710   -14.154 -0.023  1.00 28.99 ? 305 HOH A O     1 
HETATM 1385 O  O     . HOH E 5 .   ? 8.116   -3.895  3.207   1.00 9.42  ? 306 HOH A O     1 
HETATM 1386 O  O     . HOH E 5 .   ? 2.277   -7.412  5.901   1.00 10.14 ? 307 HOH A O     1 
HETATM 1387 O  O     . HOH E 5 .   ? -9.111  -9.032  5.599   1.00 9.47  ? 308 HOH A O     1 
HETATM 1388 O  O     . HOH E 5 .   ? -14.330 -15.164 2.655   1.00 9.25  ? 309 HOH A O     1 
HETATM 1389 O  O     . HOH E 5 .   ? 7.771   -7.171  6.082   1.00 12.05 ? 310 HOH A O     1 
HETATM 1390 O  O     . HOH E 5 .   ? -14.889 -11.522 6.353   1.00 11.07 ? 311 HOH A O     1 
HETATM 1391 O  O     . HOH E 5 .   ? 9.924   -5.595  -7.986  1.00 14.14 ? 312 HOH A O     1 
HETATM 1392 O  O     . HOH E 5 .   ? -1.217  -16.478 12.530  1.00 10.74 ? 313 HOH A O     1 
HETATM 1393 O  O     . HOH E 5 .   ? -15.431 -12.172 1.221   1.00 14.17 ? 314 HOH A O     1 
HETATM 1394 O  O     . HOH E 5 .   ? -12.862 -3.014  0.682   1.00 12.55 ? 315 HOH A O     1 
HETATM 1395 O  O     . HOH E 5 .   ? -11.279 2.577   6.170   1.00 10.92 ? 316 HOH A O     1 
HETATM 1396 O  O     . HOH E 5 .   ? -10.752 3.716   8.700   1.00 11.11 ? 317 HOH A O     1 
HETATM 1397 O  O     . HOH E 5 .   ? 2.133   -8.374  -10.877 1.00 14.05 ? 318 HOH A O     1 
HETATM 1398 O  O     . HOH E 5 .   ? -3.522  7.765   8.428   1.00 16.30 ? 319 HOH A O     1 
HETATM 1399 O  O     . HOH E 5 .   ? 7.125   9.844   6.335   1.00 14.73 ? 320 HOH A O     1 
HETATM 1400 O  O     . HOH E 5 .   ? -12.276 -1.608  -8.446  1.00 13.77 ? 321 HOH A O     1 
HETATM 1401 O  O     . HOH E 5 .   ? 3.879   9.874   -13.954 1.00 19.32 ? 322 HOH A O     1 
HETATM 1402 O  O     . HOH E 5 .   ? -0.798  -16.014 -0.897  1.00 21.59 ? 323 HOH A O     1 
HETATM 1403 O  O     . HOH E 5 .   ? 10.782  -4.129  4.082   1.00 14.17 ? 324 HOH A O     1 
HETATM 1404 O  O     . HOH E 5 .   ? 7.911   -3.042  11.327  1.00 13.72 ? 325 HOH A O     1 
HETATM 1405 O  O     . HOH E 5 .   ? -3.292  -17.785 8.395   1.00 14.79 ? 326 HOH A O     1 
HETATM 1406 O  O     . HOH E 5 .   ? 11.621  -6.128  5.850   1.00 16.08 ? 327 HOH A O     1 
HETATM 1407 O  O     . HOH E 5 .   ? 13.436  -0.125  10.625  1.00 15.15 ? 328 HOH A O     1 
HETATM 1408 O  O     . HOH E 5 .   ? -16.219 -9.886  8.041   1.00 15.20 ? 329 HOH A O     1 
HETATM 1409 O  O     . HOH E 5 .   ? -9.694  -12.644 11.461  1.00 16.97 ? 330 HOH A O     1 
HETATM 1410 O  O     . HOH E 5 .   ? -10.547 9.388   0.445   1.00 19.45 ? 331 HOH A O     1 
HETATM 1411 O  O     . HOH E 5 .   ? 8.371   -3.343  -8.620  1.00 19.54 ? 332 HOH A O     1 
HETATM 1412 O  O     . HOH E 5 .   ? -0.934  -15.550 -5.066  1.00 18.96 ? 333 HOH A O     1 
HETATM 1413 O  O     . HOH E 5 .   ? -6.995  -12.536 11.911  1.00 20.67 ? 334 HOH A O     1 
HETATM 1414 O  O     . HOH E 5 .   ? -4.977  -5.532  16.877  1.00 17.51 ? 335 HOH A O     1 
HETATM 1415 O  O     . HOH E 5 .   ? -1.073  -17.472 9.851   1.00 17.46 ? 336 HOH A O     1 
HETATM 1416 O  O     . HOH E 5 .   ? -8.429  -15.890 -8.035  1.00 17.58 ? 337 HOH A O     1 
HETATM 1417 O  O     . HOH E 5 .   ? 3.716   -15.503 6.649   1.00 22.28 ? 338 HOH A O     1 
HETATM 1418 O  O     . HOH E 5 .   ? 3.550   -13.572 -15.048 1.00 15.23 ? 339 HOH A O     1 
HETATM 1419 O  O     . HOH E 5 .   ? 6.766   -2.211  15.015  1.00 17.11 ? 340 HOH A O     1 
HETATM 1420 O  O     . HOH E 5 .   ? 5.595   -15.252 -8.409  1.00 14.98 ? 341 HOH A O     1 
HETATM 1421 O  O     . HOH E 5 .   ? 1.312   -14.168 1.800   1.00 29.89 ? 342 HOH A O     1 
HETATM 1422 O  O     . HOH E 5 .   ? -0.738  -1.481  14.814  1.00 15.59 ? 343 HOH A O     1 
HETATM 1423 O  O     . HOH E 5 .   ? -5.663  -19.443 4.191   1.00 16.55 ? 344 HOH A O     1 
HETATM 1424 O  O     . HOH E 5 .   ? -12.837 -8.326  -8.705  1.00 15.28 ? 345 HOH A O     1 
HETATM 1425 O  O     . HOH E 5 .   ? 3.746   8.908   11.802  1.00 17.73 ? 346 HOH A O     1 
HETATM 1426 O  O     . HOH E 5 .   ? 8.623   -10.836 4.686   1.00 13.67 ? 347 HOH A O     1 
HETATM 1427 O  O     . HOH E 5 .   ? -10.413 6.383   12.228  1.00 19.91 ? 348 HOH A O     1 
HETATM 1428 O  O     . HOH E 5 .   ? 9.325   -10.811 -12.622 1.00 14.82 ? 349 HOH A O     1 
HETATM 1429 O  O     . HOH E 5 .   ? -15.173 0.424   13.512  1.00 20.33 ? 350 HOH A O     1 
HETATM 1430 O  O     . HOH E 5 .   ? 12.596  -2.262  3.786   1.00 24.16 ? 351 HOH A O     1 
HETATM 1431 O  O     . HOH E 5 .   ? 17.221  -5.678  8.469   1.00 24.53 ? 352 HOH A O     1 
HETATM 1432 O  O     . HOH E 5 .   ? 12.292  -5.026  -9.072  1.00 29.01 ? 353 HOH A O     1 
HETATM 1433 O  O     . HOH E 5 .   ? -11.341 6.010   -4.242  1.00 20.05 ? 354 HOH A O     1 
HETATM 1434 O  O     . HOH E 5 .   ? -13.260 -0.008  4.055   1.00 18.52 ? 355 HOH A O     1 
HETATM 1435 O  O     . HOH E 5 .   ? 14.985  -12.374 4.724   1.00 22.00 ? 356 HOH A O     1 
HETATM 1436 O  O     . HOH E 5 .   ? -10.401 -5.694  15.156  1.00 25.93 ? 357 HOH A O     1 
HETATM 1437 O  O     . HOH E 5 .   ? -7.327  -7.991  14.516  1.00 20.64 ? 358 HOH A O     1 
HETATM 1438 O  O     . HOH E 5 .   ? 0.942   13.548  4.430   1.00 21.18 ? 359 HOH A O     1 
HETATM 1439 O  O     . HOH E 5 .   ? -16.442 -1.383  6.062   1.00 20.77 ? 360 HOH A O     1 
HETATM 1440 O  O     . HOH E 5 .   ? 16.435  -4.376  11.416  1.00 16.13 ? 361 HOH A O     1 
HETATM 1441 O  O     . HOH E 5 .   ? -14.504 -5.094  -0.075  1.00 21.19 ? 362 HOH A O     1 
HETATM 1442 O  O     . HOH E 5 .   ? 12.209  9.141   2.586   1.00 36.99 ? 363 HOH A O     1 
HETATM 1443 O  O     . HOH E 5 .   ? 8.531   -4.129  13.854  1.00 23.75 ? 364 HOH A O     1 
HETATM 1444 O  O     . HOH E 5 .   ? 3.488   -11.739 12.154  1.00 28.28 ? 365 HOH A O     1 
HETATM 1445 O  O     . HOH E 5 .   ? -11.193 -15.395 8.648   1.00 22.59 ? 366 HOH A O     1 
HETATM 1446 O  O     . HOH E 5 .   ? -16.396 1.083   9.957   1.00 19.43 ? 367 HOH A O     1 
HETATM 1447 O  O     . HOH E 5 .   ? 19.449  1.534   6.244   1.00 19.81 ? 368 HOH A O     1 
HETATM 1448 O  O     . HOH E 5 .   ? -11.217 8.028   2.591   1.00 20.69 ? 369 HOH A O     1 
HETATM 1449 O  O     . HOH E 5 .   ? -7.595  -17.225 10.822  1.00 24.81 ? 370 HOH A O     1 
HETATM 1450 O  O     . HOH E 5 .   ? -5.717  -11.277 -14.059 1.00 19.70 ? 371 HOH A O     1 
HETATM 1451 O  O     . HOH E 5 .   ? 14.139  11.013  3.070   1.00 36.76 ? 372 HOH A O     1 
HETATM 1452 O  O     . HOH E 5 .   ? -12.029 2.920   2.675   1.00 24.96 ? 373 HOH A O     1 
HETATM 1453 O  O     . HOH E 5 .   ? 10.549  -6.958  8.174   1.00 22.00 ? 374 HOH A O     1 
HETATM 1454 O  O     . HOH E 5 .   ? 9.099   -2.279  -10.859 1.00 34.30 ? 375 HOH A O     1 
HETATM 1455 O  O     . HOH E 5 .   ? 13.229  4.585   11.899  1.00 15.31 ? 376 HOH A O     1 
HETATM 1456 O  O     . HOH E 5 .   ? 9.070   1.983   16.327  1.00 31.33 ? 377 HOH A O     1 
HETATM 1457 O  O     . HOH E 5 .   ? -0.723  0.937   16.065  1.00 24.69 ? 378 HOH A O     1 
HETATM 1458 O  O     . HOH E 5 .   ? -6.434  -2.366  -14.527 1.00 19.92 ? 379 HOH A O     1 
HETATM 1459 O  O     . HOH E 5 .   ? -2.786  4.061   16.344  1.00 23.40 ? 380 HOH A O     1 
HETATM 1460 O  O     . HOH E 5 .   ? 11.608  -7.465  -11.262 1.00 30.28 ? 381 HOH A O     1 
HETATM 1461 O  O     . HOH E 5 .   ? -13.779 4.579   -3.133  1.00 38.07 ? 382 HOH A O     1 
HETATM 1462 O  O     . HOH E 5 .   ? -6.432  6.531   15.897  1.00 22.31 ? 383 HOH A O     1 
HETATM 1463 O  O     . HOH E 5 .   ? 14.246  -5.587  -7.436  1.00 24.75 ? 384 HOH A O     1 
HETATM 1464 O  O     . HOH E 5 .   ? 0.289   -13.604 -15.588 1.00 30.97 ? 385 HOH A O     1 
HETATM 1465 O  O     . HOH E 5 .   ? 7.055   -11.694 9.007   1.00 30.15 ? 386 HOH A O     1 
HETATM 1466 O  O     . HOH E 5 .   ? -11.951 6.362   -6.907  1.00 25.97 ? 387 HOH A O     1 
HETATM 1467 O  O     . HOH E 5 .   ? 2.900   -6.996  -18.789 1.00 26.42 ? 388 HOH A O     1 
HETATM 1468 O  O     . HOH E 5 .   ? -5.133  -3.014  -18.155 1.00 30.83 ? 389 HOH A O     1 
HETATM 1469 O  O     . HOH E 5 .   ? 13.983  -2.304  12.428  1.00 26.65 ? 390 HOH A O     1 
HETATM 1470 O  O     . HOH E 5 .   ? 10.492  0.009   -11.394 1.00 33.67 ? 391 HOH A O     1 
HETATM 1471 O  O     . HOH E 5 .   ? -9.813  -13.214 15.427  1.00 34.00 ? 392 HOH A O     1 
HETATM 1472 O  O     . HOH E 5 .   ? -0.622  -19.884 -15.966 1.00 31.23 ? 393 HOH A O     1 
HETATM 1473 O  O     . HOH E 5 .   ? -13.087 1.117   -10.828 1.00 36.85 ? 394 HOH A O     1 
HETATM 1474 O  O     . HOH E 5 .   ? 5.370   10.094  14.121  1.00 32.21 ? 395 HOH A O     1 
HETATM 1475 O  O     . HOH E 5 .   ? 6.132   -4.752  -16.387 1.00 33.20 ? 396 HOH A O     1 
HETATM 1476 O  O     . HOH E 5 .   ? 12.983  0.801   -10.086 1.00 22.94 ? 397 HOH A O     1 
HETATM 1477 O  O     . HOH E 5 .   ? -9.793  -18.112 -6.561  1.00 24.21 ? 398 HOH A O     1 
HETATM 1478 O  O     . HOH E 5 .   ? -13.813 0.271   15.701  1.00 32.71 ? 399 HOH A O     1 
HETATM 1479 O  O     . HOH E 5 .   ? -3.512  -16.520 -7.955  1.00 28.72 ? 400 HOH A O     1 
HETATM 1480 O  O     . HOH E 5 .   ? 1.085   8.602   12.482  1.00 36.11 ? 401 HOH A O     1 
HETATM 1481 O  O     . HOH E 5 .   ? -17.685 -1.346  10.367  1.00 37.50 ? 402 HOH A O     1 
HETATM 1482 O  O     . HOH E 5 .   ? -12.569 8.930   -1.058  1.00 36.93 ? 403 HOH A O     1 
HETATM 1483 O  O     . HOH E 5 .   ? -17.551 -11.169 9.976   1.00 37.08 ? 404 HOH A O     1 
HETATM 1484 O  O     . HOH E 5 .   ? -6.752  9.896   -13.914 1.00 25.65 ? 405 HOH A O     1 
HETATM 1485 O  O     . HOH E 5 .   ? 7.738   -0.100  16.407  1.00 32.65 ? 406 HOH A O     1 
HETATM 1486 O  O     . HOH E 5 .   ? -0.467  9.212   10.725  1.00 34.43 ? 407 HOH A O     1 
HETATM 1487 O  O     . HOH E 5 .   ? -1.698  -17.543 -3.317  1.00 29.34 ? 408 HOH A O     1 
HETATM 1488 O  O     . HOH E 5 .   ? 9.968   11.520  8.181   1.00 33.28 ? 409 HOH A O     1 
HETATM 1489 O  O     . HOH E 5 .   ? 6.390   -14.789 -5.936  1.00 28.75 ? 410 HOH A O     1 
HETATM 1490 O  O     . HOH E 5 .   ? 9.542   -7.786  -9.486  1.00 18.64 ? 411 HOH A O     1 
HETATM 1491 O  O     . HOH E 5 .   ? -9.036  -0.565  -9.889  1.00 15.73 ? 412 HOH A O     1 
HETATM 1492 O  O     . HOH E 5 .   ? 2.496   -15.830 -3.246  1.00 23.42 ? 413 HOH A O     1 
HETATM 1493 O  O     . HOH E 5 .   ? -1.670  -17.795 2.653   1.00 22.47 ? 414 HOH A O     1 
HETATM 1494 O  O     . HOH E 5 .   ? -14.395 -1.064  1.720   1.00 25.37 ? 415 HOH A O     1 
HETATM 1495 O  O     . HOH E 5 .   ? -4.886  -1.375  17.785  1.00 22.03 ? 416 HOH A O     1 
HETATM 1496 O  O     . HOH E 5 .   ? 7.186   -6.355  -13.765 1.00 20.77 ? 417 HOH A O     1 
HETATM 1497 O  O     . HOH E 5 .   ? 12.001  8.649   13.247  1.00 29.29 ? 418 HOH A O     1 
HETATM 1498 O  O     . HOH E 5 .   ? -5.382  -18.479 10.345  1.00 27.29 ? 419 HOH A O     1 
HETATM 1499 O  O     . HOH E 5 .   ? -7.750  -4.587  16.771  1.00 25.24 ? 420 HOH A O     1 
HETATM 1500 O  O     . HOH E 5 .   ? 9.891   -13.485 -12.801 1.00 19.70 ? 421 HOH A O     1 
HETATM 1501 O  O     . HOH E 5 .   ? -7.692  -16.262 13.406  1.00 23.89 ? 422 HOH A O     1 
HETATM 1502 O  O     . HOH E 5 .   ? -9.841  -3.214  16.723  1.00 24.46 ? 423 HOH A O     1 
HETATM 1503 O  O     . HOH E 5 .   ? -1.707  -19.033 5.066   1.00 30.50 ? 424 HOH A O     1 
HETATM 1504 O  O     . HOH E 5 .   ? 11.465  -12.716 5.191   1.00 26.77 ? 425 HOH A O     1 
HETATM 1505 O  O     . HOH E 5 .   ? 12.536  -15.082 -4.256  1.00 28.94 ? 426 HOH A O     1 
HETATM 1506 O  O     . HOH E 5 .   ? 7.541   -6.940  13.479  1.00 24.77 ? 427 HOH A O     1 
HETATM 1507 O  O     . HOH E 5 .   ? -6.162  -0.691  -11.770 1.00 33.57 ? 428 HOH A O     1 
HETATM 1508 O  O     . HOH E 5 .   ? -2.162  7.412   11.140  1.00 28.76 ? 429 HOH A O     1 
HETATM 1509 O  O     . HOH E 5 .   ? 14.831  -9.939  -2.769  1.00 21.88 ? 430 HOH A O     1 
HETATM 1510 O  O     . HOH E 5 .   ? 10.435  9.943   -4.022  1.00 33.01 ? 431 HOH A O     1 
HETATM 1511 O  O     . HOH E 5 .   ? 8.671   13.891  -4.341  1.00 31.75 ? 432 HOH A O     1 
HETATM 1512 O  O     . HOH E 5 .   ? -9.866  -20.241 4.744   1.00 9.28  ? 433 HOH A O     1 
HETATM 1513 O  O     . HOH E 5 .   ? 4.936   -9.692  12.841  1.00 27.91 ? 434 HOH A O     1 
HETATM 1514 O  O     . HOH E 5 .   ? 11.937  -14.499 -6.638  1.00 38.34 ? 435 HOH A O     1 
HETATM 1515 O  O     . HOH E 5 .   ? -12.261 8.293   -3.474  1.00 36.35 ? 436 HOH A O     1 
HETATM 1516 O  O     . HOH E 5 .   ? -9.015  16.421  -2.162  1.00 35.88 ? 437 HOH A O     1 
HETATM 1517 O  O     . HOH E 5 .   ? -11.259 4.549   -8.901  1.00 33.47 ? 438 HOH A O     1 
HETATM 1518 O  O     . HOH E 5 .   ? -7.689  -2.384  17.636  1.00 38.77 ? 439 HOH A O     1 
HETATM 1519 O  O     . HOH E 5 .   ? -15.698 -9.738  12.971  1.00 27.91 ? 440 HOH A O     1 
HETATM 1520 O  O     . HOH E 5 .   ? -2.723  12.877  8.264   1.00 40.38 ? 441 HOH A O     1 
HETATM 1521 O  O     . HOH E 5 .   ? -3.238  -18.285 -0.609  1.00 33.18 ? 442 HOH A O     1 
HETATM 1522 O  O     . HOH E 5 .   ? -0.173  -5.705  17.015  1.00 20.77 ? 443 HOH A O     1 
HETATM 1523 O  O     . HOH E 5 .   ? 3.245   14.211  -14.319 1.00 24.67 ? 444 HOH A O     1 
HETATM 1524 O  O     . HOH E 5 .   ? 14.827  -2.715  -7.821  1.00 23.32 ? 445 HOH A O     1 
HETATM 1525 O  O     . HOH E 5 .   ? -17.097 0.870   7.250   1.00 20.66 ? 446 HOH A O     1 
HETATM 1526 O  O     . HOH E 5 .   ? 14.651  6.777   10.721  1.00 17.42 ? 447 HOH A O     1 
HETATM 1527 O  O     . HOH E 5 .   ? 12.622  13.877  4.525   1.00 34.24 ? 448 HOH A O     1 
HETATM 1528 O  O     . HOH E 5 .   ? 5.443   -3.504  17.053  1.00 29.20 ? 449 HOH A O     1 
HETATM 1529 O  O     . HOH E 5 .   ? 6.959   4.208   -13.779 1.00 38.08 ? 450 HOH A O     1 
HETATM 1530 O  O     . HOH E 5 .   ? -3.797  20.065  -13.972 1.00 20.81 ? 451 HOH A O     1 
HETATM 1531 O  O     . HOH E 5 .   ? -11.504 -17.256 -5.104  1.00 23.60 ? 452 HOH A O     1 
HETATM 1532 O  O     . HOH E 5 .   ? -7.270  -17.090 -13.126 1.00 37.42 ? 453 HOH A O     1 
HETATM 1533 O  O     . HOH E 5 .   ? 10.614  -1.253  14.437  1.00 35.56 ? 454 HOH A O     1 
HETATM 1534 O  O     . HOH E 5 .   ? -15.531 0.979   -6.636  1.00 30.11 ? 455 HOH A O     1 
HETATM 1535 O  O     . HOH E 5 .   ? -15.731 -8.722  2.285   1.00 30.63 ? 456 HOH A O     1 
HETATM 1536 O  O     . HOH E 5 .   ? -9.004  -22.792 -5.986  1.00 34.42 ? 457 HOH A O     1 
HETATM 1537 O  O     . HOH E 5 .   ? -3.961  8.022   -14.585 1.00 38.96 ? 458 HOH A O     1 
HETATM 1538 O  O     . HOH E 5 .   ? -4.729  -18.542 13.281  1.00 33.92 ? 459 HOH A O     1 
HETATM 1539 O  O     . HOH E 5 .   ? 12.536  10.292  -9.270  1.00 31.65 ? 460 HOH A O     1 
HETATM 1540 O  O     . HOH E 5 .   ? -13.911 -7.740  0.215   1.00 26.50 ? 461 HOH A O     1 
HETATM 1541 O  O     . HOH E 5 .   ? -0.149  -7.845  -17.490 1.00 35.77 ? 462 HOH A O     1 
HETATM 1542 O  O     . HOH E 5 .   ? -3.681  -19.371 6.565   1.00 34.72 ? 463 HOH A O     1 
HETATM 1543 O  O     . HOH E 5 .   ? -12.122 14.311  4.100   1.00 34.80 ? 464 HOH A O     1 
HETATM 1544 O  O     . HOH E 5 .   ? 3.437   -13.076 3.351   1.00 35.14 ? 465 HOH A O     1 
HETATM 1545 O  O     . HOH E 5 .   ? -16.155 -11.258 3.875   1.00 19.62 ? 466 HOH A O     1 
HETATM 1546 O  O     . HOH E 5 .   ? 5.969   16.477  -10.902 1.00 39.71 ? 467 HOH A O     1 
HETATM 1547 O  O     . HOH E 5 .   ? 5.638   -14.107 12.262  1.00 17.92 ? 468 HOH A O     1 
HETATM 1548 O  O     . HOH E 5 .   ? 3.092   -18.172 10.193  1.00 28.00 ? 469 HOH A O     1 
HETATM 1549 O  O     . HOH E 5 .   ? 13.035  -3.109  1.518   1.00 22.92 ? 470 HOH A O     1 
HETATM 1550 O  O     . HOH E 5 .   ? -13.299 -13.070 -3.800  1.00 26.13 ? 471 HOH A O     1 
HETATM 1551 O  O     . HOH E 5 .   ? 9.085   -9.253  7.694   1.00 27.07 ? 472 HOH A O     1 
HETATM 1552 O  O     . HOH E 5 .   ? 8.774   14.763  2.166   1.00 33.07 ? 473 HOH A O     1 
HETATM 1553 O  O     . HOH E 5 .   ? 8.657   -12.588 -3.463  1.00 18.16 ? 474 HOH A O     1 
HETATM 1554 O  O     . HOH E 5 .   ? 16.007  9.572   4.720   1.00 40.39 ? 475 HOH A O     1 
HETATM 1555 O  O     . HOH E 5 .   ? 0.526   -1.432  -19.794 1.00 39.70 ? 476 HOH A O     1 
HETATM 1556 O  O     . HOH E 5 .   ? -10.313 6.817   15.094  1.00 37.91 ? 477 HOH A O     1 
HETATM 1557 O  O     . HOH E 5 .   ? -11.947 5.506   2.518   1.00 32.23 ? 478 HOH A O     1 
HETATM 1558 O  O     . HOH E 5 .   ? 4.843   -16.183 -4.489  1.00 29.68 ? 479 HOH A O     1 
HETATM 1559 O  O     . HOH E 5 .   ? 10.419  -15.136 -10.157 1.00 36.74 ? 480 HOH A O     1 
HETATM 1560 O  O     . HOH E 5 .   ? 15.710  -11.877 -4.359  1.00 34.10 ? 481 HOH A O     1 
HETATM 1561 O  O     . HOH E 5 .   ? -14.744 0.357   -3.706  1.00 36.48 ? 482 HOH A O     1 
HETATM 1562 O  O     . HOH E 5 .   ? 20.192  -5.937  2.526   1.00 37.89 ? 483 HOH A O     1 
HETATM 1563 O  O     . HOH E 5 .   ? -16.255 -1.587  -2.128  1.00 36.73 ? 484 HOH A O     1 
HETATM 1564 O  O     . HOH E 5 .   ? 5.884   -3.297  -9.841  1.00 30.67 ? 485 HOH A O     1 
HETATM 1565 O  O     . HOH E 5 .   ? -8.217  25.914  -9.319  1.00 33.61 ? 486 HOH A O     1 
HETATM 1566 O  O     . HOH E 5 .   ? -2.486  -3.971  17.611  1.00 27.60 ? 487 HOH A O     1 
HETATM 1567 O  O     . HOH E 5 .   ? -0.299  8.038   14.988  1.00 30.24 ? 488 HOH A O     1 
HETATM 1568 O  O     . HOH E 5 .   ? -13.032 -6.746  15.878  1.00 37.80 ? 489 HOH A O     1 
HETATM 1569 O  O     . HOH E 5 .   ? 3.212   -5.453  18.027  1.00 32.74 ? 490 HOH A O     1 
HETATM 1570 O  O     . HOH E 5 .   ? -3.771  6.511   16.133  1.00 30.59 ? 491 HOH A O     1 
HETATM 1571 O  O     . HOH E 5 .   ? -0.211  16.052  -4.183  1.00 29.67 ? 492 HOH A O     1 
HETATM 1572 O  O     . HOH E 5 .   ? -2.890  7.891   14.320  1.00 34.09 ? 493 HOH A O     1 
HETATM 1573 O  O     . HOH E 5 .   ? 11.605  6.407   18.937  1.00 26.32 ? 494 HOH A O     1 
HETATM 1574 O  O     . HOH E 5 .   ? -13.050 -16.158 -3.747  1.00 27.71 ? 495 HOH A O     1 
HETATM 1575 O  O     . HOH E 5 .   ? -2.016  13.939  11.290  1.00 32.01 ? 496 HOH A O     1 
HETATM 1576 O  O     . HOH E 5 .   ? -14.350 3.850   8.649   1.00 13.62 ? 497 HOH A O     1 
HETATM 1577 O  O     . HOH E 5 .   ? -13.985 10.058  -4.352  1.00 38.32 ? 498 HOH A O     1 
HETATM 1578 O  O     . HOH E 5 .   ? 14.488  -1.291  -9.857  1.00 36.45 ? 499 HOH A O     1 
HETATM 1579 O  O     . HOH E 5 .   ? 8.771   -8.918  12.394  1.00 39.75 ? 500 HOH A O     1 
HETATM 1580 O  O     . HOH E 5 .   ? -6.749  6.723   -10.948 1.00 31.84 ? 501 HOH A O     1 
HETATM 1581 O  O     . HOH E 5 .   ? 17.630  2.823   6.669   1.00 33.41 ? 502 HOH A O     1 
HETATM 1582 O  O     . HOH E 5 .   ? 10.600  10.410  -11.063 1.00 36.98 ? 503 HOH A O     1 
HETATM 1583 O  O     . HOH E 5 .   ? -1.497  0.225   18.390  1.00 43.86 ? 504 HOH A O     1 
HETATM 1584 O  O     . HOH E 5 .   ? 10.920  9.475   9.257   1.00 36.97 ? 505 HOH A O     1 
HETATM 1585 O  O     . HOH E 5 .   ? -3.206  -18.920 -5.319  1.00 35.32 ? 506 HOH A O     1 
HETATM 1586 O  O     . HOH E 5 .   ? -2.705  -20.291 0.876   1.00 33.11 ? 507 HOH A O     1 
HETATM 1587 O  O     . HOH E 5 .   ? -12.182 -16.273 -7.435  1.00 33.67 ? 508 HOH A O     1 
HETATM 1588 O  O     . HOH E 5 .   ? -13.170 -14.249 -6.487  1.00 36.21 ? 509 HOH A O     1 
HETATM 1589 O  O     . HOH E 5 .   ? -15.474 -14.044 11.916  1.00 38.50 ? 510 HOH A O     1 
HETATM 1590 O  O     . HOH E 5 .   ? 9.816   12.974  11.917  1.00 35.74 ? 511 HOH A O     1 
HETATM 1591 O  O     . HOH E 5 .   ? -4.124  -13.681 -13.979 1.00 33.22 ? 512 HOH A O     1 
HETATM 1592 O  O     . HOH E 5 .   ? -16.837 -4.330  1.382   1.00 32.29 ? 513 HOH A O     1 
HETATM 1593 O  O     . HOH E 5 .   ? 2.981   21.705  -7.332  1.00 36.61 ? 514 HOH A O     1 
HETATM 1594 O  O     . HOH E 5 .   ? 6.004   -16.186 5.583   1.00 38.08 ? 515 HOH A O     1 
HETATM 1595 O  O     . HOH E 5 .   ? 9.013   -15.111 -2.455  1.00 35.64 ? 516 HOH A O     1 
HETATM 1596 O  O     . HOH E 5 .   ? 21.864  0.113   5.197   1.00 32.22 ? 517 HOH A O     1 
HETATM 1597 O  O     . HOH E 5 .   ? 10.909  1.566   14.873  1.00 39.25 ? 518 HOH A O     1 
HETATM 1598 O  O     . HOH E 5 .   ? -9.028  4.750   18.572  1.00 30.04 ? 519 HOH A O     1 
HETATM 1599 O  O     . HOH E 5 .   ? -6.020  -17.990 -8.479  1.00 31.56 ? 520 HOH A O     1 
HETATM 1600 O  O     . HOH E 5 .   ? 12.418  11.718  0.268   1.00 36.18 ? 521 HOH A O     1 
HETATM 1601 O  O     . HOH E 5 .   ? -4.213  -23.091 1.093   1.00 36.85 ? 522 HOH A O     1 
HETATM 1602 O  O     . HOH E 5 .   ? 22.195  -1.727  2.245   1.00 36.41 ? 523 HOH A O     1 
HETATM 1603 O  O     . HOH E 5 .   ? 5.090   -14.963 3.546   1.00 35.96 ? 524 HOH A O     1 
HETATM 1604 O  O     . HOH E 5 .   ? -4.211  3.302   -13.320 1.00 36.21 ? 525 HOH A O     1 
HETATM 1605 O  O     . HOH E 5 .   ? 0.428   -16.761 -8.932  1.00 35.63 ? 526 HOH A O     1 
HETATM 1606 O  O     . HOH E 5 .   ? 15.339  -11.061 -12.770 1.00 34.05 ? 527 HOH A O     1 
HETATM 1607 O  O     . HOH E 5 .   ? 14.524  -11.281 -6.998  1.00 32.67 ? 528 HOH A O     1 
HETATM 1608 O  O     . HOH E 5 .   ? 0.470   -18.020 1.077   1.00 39.50 ? 529 HOH A O     1 
HETATM 1609 O  O     . HOH E 5 .   ? 0.999   -18.533 -2.929  1.00 36.94 ? 530 HOH A O     1 
HETATM 1610 O  O     . HOH E 5 .   ? 12.152  12.365  -8.199  1.00 39.23 ? 531 HOH A O     1 
HETATM 1611 O  O     . HOH E 5 .   ? 1.212   15.815  3.011   1.00 35.62 ? 532 HOH A O     1 
HETATM 1612 O  O     . HOH E 5 .   ? -5.238  21.687  1.846   1.00 39.05 ? 533 HOH A O     1 
HETATM 1613 O  O     . HOH E 5 .   ? 9.152   -3.806  -12.734 1.00 36.55 ? 534 HOH A O     1 
HETATM 1614 O  O     . HOH E 5 .   ? -8.824  15.831  3.750   1.00 37.26 ? 535 HOH A O     1 
HETATM 1615 O  O     . HOH E 5 .   ? -1.269  -19.859 -13.374 1.00 38.35 ? 536 HOH A O     1 
HETATM 1616 O  O     . HOH E 5 .   ? 20.377  -6.830  -1.757  1.00 35.16 ? 537 HOH A O     1 
HETATM 1617 O  O     . HOH E 5 .   ? 3.162   24.136  -9.962  1.00 33.72 ? 538 HOH A O     1 
HETATM 1618 O  O     . HOH E 5 .   ? 12.918  -7.452  11.901  1.00 33.06 ? 539 HOH A O     1 
HETATM 1619 O  O     . HOH E 5 .   ? 1.245   4.021   17.450  1.00 34.43 ? 540 HOH A O     1 
HETATM 1620 O  O     . HOH E 5 .   ? -5.345  17.207  -3.829  1.00 35.52 ? 541 HOH A O     1 
HETATM 1621 O  O     . HOH E 5 .   ? 2.452   -16.385 1.398   1.00 35.39 ? 542 HOH A O     1 
HETATM 1622 O  O     . HOH E 5 .   ? 8.193   13.380  14.511  1.00 34.90 ? 543 HOH A O     1 
HETATM 1623 O  O     . HOH E 5 .   ? 13.190  13.725  9.130   1.00 34.20 ? 544 HOH A O     1 
HETATM 1624 O  O     . HOH E 5 .   ? -18.456 -2.750  6.676   1.00 37.69 ? 545 HOH A O     1 
HETATM 1625 O  O     . HOH E 5 .   ? 18.782  -11.289 -8.918  1.00 37.99 ? 546 HOH A O     1 
HETATM 1626 O  O     . HOH E 5 .   ? 21.605  -8.324  3.279   1.00 35.70 ? 547 HOH A O     1 
HETATM 1627 O  O     . HOH E 5 .   ? 7.810   -13.911 4.278   1.00 36.62 ? 548 HOH A O     1 
HETATM 1628 O  O     . HOH E 5 .   ? -8.651  22.722  -5.508  1.00 40.85 ? 549 HOH A O     1 
HETATM 1629 O  O     . HOH E 5 .   ? 19.040  -9.589  8.512   1.00 34.57 ? 550 HOH A O     1 
HETATM 1630 O  O     . HOH E 5 .   ? 8.988   16.076  -0.285  1.00 32.96 ? 551 HOH A O     1 
HETATM 1631 O  O     . HOH E 5 .   ? 13.157  -14.904 -10.552 1.00 34.07 ? 552 HOH A O     1 
HETATM 1632 O  O     . HOH E 5 .   ? 10.751  8.273   -12.802 1.00 36.27 ? 553 HOH A O     1 
HETATM 1633 O  O     . HOH E 5 .   ? -18.990 -9.087  11.198  1.00 37.56 ? 554 HOH A O     1 
# 
loop_
_pdbx_poly_seq_scheme.asym_id 
_pdbx_poly_seq_scheme.entity_id 
_pdbx_poly_seq_scheme.seq_id 
_pdbx_poly_seq_scheme.mon_id 
_pdbx_poly_seq_scheme.ndb_seq_num 
_pdbx_poly_seq_scheme.pdb_seq_num 
_pdbx_poly_seq_scheme.auth_seq_num 
_pdbx_poly_seq_scheme.pdb_mon_id 
_pdbx_poly_seq_scheme.auth_mon_id 
_pdbx_poly_seq_scheme.pdb_strand_id 
_pdbx_poly_seq_scheme.pdb_ins_code 
_pdbx_poly_seq_scheme.hetero 
A 1 1   GLY 1   15  15  GLY GLY A . n 
A 1 2   ASN 2   16  16  ASN ASN A . n 
A 1 3   LYS 3   17  17  LYS LYS A . n 
A 1 4   ILE 4   18  18  ILE ILE A . n 
A 1 5   CYS 5   19  19  CYS CYS A . n 
A 1 6   GLN 6   20  20  GLN GLN A . n 
A 1 7   PHE 7   21  21  PHE PHE A . n 
A 1 8   LYS 8   22  22  LYS LYS A . n 
A 1 9   LEU 9   23  23  LEU LEU A . n 
A 1 10  VAL 10  24  24  VAL VAL A . n 
A 1 11  LEU 11  25  25  LEU LEU A . n 
A 1 12  LEU 12  26  26  LEU LEU A . n 
A 1 13  GLY 13  27  27  GLY GLY A . n 
A 1 14  GLU 14  28  28  GLU GLU A . n 
A 1 15  SER 15  29  29  SER SER A . n 
A 1 16  PRO 16  30  30  PRO PRO A . n 
A 1 17  VAL 17  31  31  VAL VAL A . n 
A 1 18  GLY 18  32  32  GLY GLY A . n 
A 1 19  LYS 19  33  33  LYS LYS A . n 
A 1 20  SER 20  34  34  SER SER A . n 
A 1 21  SER 21  35  35  SER SER A . n 
A 1 22  LEU 22  36  36  LEU LEU A . n 
A 1 23  VAL 23  37  37  VAL VAL A . n 
A 1 24  LEU 24  38  38  LEU LEU A . n 
A 1 25  ARG 25  39  39  ARG ARG A . n 
A 1 26  PHE 26  40  40  PHE PHE A . n 
A 1 27  VAL 27  41  41  VAL VAL A . n 
A 1 28  LYS 28  42  42  LYS LYS A . n 
A 1 29  GLY 29  43  43  GLY GLY A . n 
A 1 30  GLN 30  44  44  GLN GLN A . n 
A 1 31  PHE 31  45  45  PHE PHE A . n 
A 1 32  HIS 32  46  46  HIS HIS A . n 
A 1 33  GLU 33  47  47  GLU GLU A . n 
A 1 34  PHE 34  48  48  PHE PHE A . n 
A 1 35  GLN 35  49  49  GLN GLN A . n 
A 1 36  GLU 36  50  50  GLU GLU A . n 
A 1 37  SER 37  51  51  SER SER A . n 
A 1 38  THR 38  52  52  THR THR A . n 
A 1 39  ILE 39  53  53  ILE ILE A . n 
A 1 40  GLY 40  54  54  GLY GLY A . n 
A 1 41  ALA 41  55  55  ALA ALA A . n 
A 1 42  ALA 42  56  56  ALA ALA A . n 
A 1 43  PHE 43  57  57  PHE PHE A . n 
A 1 44  LEU 44  58  58  LEU LEU A . n 
A 1 45  THR 45  59  59  THR THR A . n 
A 1 46  GLN 46  60  60  GLN GLN A . n 
A 1 47  THR 47  61  61  THR THR A . n 
A 1 48  VAL 48  62  62  VAL VAL A . n 
A 1 49  CYS 49  63  63  CYS CYS A . n 
A 1 50  LEU 50  64  64  LEU LEU A . n 
A 1 51  ASP 51  65  65  ASP ASP A . n 
A 1 52  ASP 52  66  66  ASP ASP A . n 
A 1 53  THR 53  67  67  THR THR A . n 
A 1 54  THR 54  68  68  THR THR A . n 
A 1 55  VAL 55  69  69  VAL VAL A . n 
A 1 56  LYS 56  70  70  LYS LYS A . n 
A 1 57  PHE 57  71  71  PHE PHE A . n 
A 1 58  GLU 58  72  72  GLU GLU A . n 
A 1 59  ILE 59  73  73  ILE ILE A . n 
A 1 60  TRP 60  74  74  TRP TRP A . n 
A 1 61  ASP 61  75  75  ASP ASP A . n 
A 1 62  THR 62  76  76  THR THR A . n 
A 1 63  ALA 63  77  77  ALA ALA A . n 
A 1 64  GLY 64  78  78  GLY GLY A . n 
A 1 65  GLN 65  79  79  GLN GLN A . n 
A 1 66  GLU 66  80  80  GLU GLU A . n 
A 1 67  ARG 67  81  81  ARG ARG A . n 
A 1 68  TYR 68  82  82  TYR TYR A . n 
A 1 69  HIS 69  83  83  HIS HIS A . n 
A 1 70  SER 70  84  84  SER SER A . n 
A 1 71  LEU 71  85  85  LEU LEU A . n 
A 1 72  ALA 72  86  86  ALA ALA A . n 
A 1 73  PRO 73  87  87  PRO PRO A . n 
A 1 74  MET 74  88  88  MET MET A . n 
A 1 75  TYR 75  89  89  TYR TYR A . n 
A 1 76  TYR 76  90  90  TYR TYR A . n 
A 1 77  ARG 77  91  91  ARG ARG A . n 
A 1 78  GLY 78  92  92  GLY GLY A . n 
A 1 79  ALA 79  93  93  ALA ALA A . n 
A 1 80  GLN 80  94  94  GLN GLN A . n 
A 1 81  ALA 81  95  95  ALA ALA A . n 
A 1 82  ALA 82  96  96  ALA ALA A . n 
A 1 83  ILE 83  97  97  ILE ILE A . n 
A 1 84  VAL 84  98  98  VAL VAL A . n 
A 1 85  VAL 85  99  99  VAL VAL A . n 
A 1 86  TYR 86  100 100 TYR TYR A . n 
A 1 87  ASP 87  101 101 ASP ASP A . n 
A 1 88  ILE 88  102 102 ILE ILE A . n 
A 1 89  THR 89  103 103 THR THR A . n 
A 1 90  ASN 90  104 104 ASN ASN A . n 
A 1 91  GLU 91  105 105 GLU GLU A . n 
A 1 92  GLU 92  106 106 GLU GLU A . n 
A 1 93  SER 93  107 107 SER SER A . n 
A 1 94  PHE 94  108 108 PHE PHE A . n 
A 1 95  ALA 95  109 109 ALA ALA A . n 
A 1 96  ARG 96  110 110 ARG ARG A . n 
A 1 97  ALA 97  111 111 ALA ALA A . n 
A 1 98  LYS 98  112 112 LYS LYS A . n 
A 1 99  ASN 99  113 113 ASN ASN A . n 
A 1 100 TRP 100 114 114 TRP TRP A . n 
A 1 101 VAL 101 115 115 VAL VAL A . n 
A 1 102 LYS 102 116 116 LYS LYS A . n 
A 1 103 GLU 103 117 117 GLU GLU A . n 
A 1 104 LEU 104 118 118 LEU LEU A . n 
A 1 105 GLN 105 119 119 GLN GLN A . n 
A 1 106 ARG 106 120 120 ARG ARG A . n 
A 1 107 GLN 107 121 121 GLN GLN A . n 
A 1 108 ALA 108 122 122 ALA ALA A . n 
A 1 109 SER 109 123 123 SER SER A . n 
A 1 110 PRO 110 124 124 PRO PRO A . n 
A 1 111 ASN 111 125 125 ASN ASN A . n 
A 1 112 ILE 112 126 126 ILE ILE A . n 
A 1 113 VAL 113 127 127 VAL VAL A . n 
A 1 114 ILE 114 128 128 ILE ILE A . n 
A 1 115 ALA 115 129 129 ALA ALA A . n 
A 1 116 LEU 116 130 130 LEU LEU A . n 
A 1 117 SER 117 131 131 SER SER A . n 
A 1 118 GLY 118 132 132 GLY GLY A . n 
A 1 119 ASN 119 133 133 ASN ASN A . n 
A 1 120 LYS 120 134 134 LYS LYS A . n 
A 1 121 ALA 121 135 135 ALA ALA A . n 
A 1 122 ASP 122 136 136 ASP ASP A . n 
A 1 123 LEU 123 137 137 LEU LEU A . n 
A 1 124 ALA 124 138 138 ALA ALA A . n 
A 1 125 ASN 125 139 139 ASN ASN A . n 
A 1 126 LYS 126 140 140 LYS LYS A . n 
A 1 127 ARG 127 141 141 ARG ARG A . n 
A 1 128 ALA 128 142 142 ALA ALA A . n 
A 1 129 VAL 129 143 143 VAL VAL A . n 
A 1 130 ASP 130 144 144 ASP ASP A . n 
A 1 131 PHE 131 145 145 PHE PHE A . n 
A 1 132 GLN 132 146 146 GLN GLN A . n 
A 1 133 GLU 133 147 147 GLU GLU A . n 
A 1 134 ALA 134 148 148 ALA ALA A . n 
A 1 135 GLN 135 149 149 GLN GLN A . n 
A 1 136 SER 136 150 150 SER SER A . n 
A 1 137 TYR 137 151 151 TYR TYR A . n 
A 1 138 ALA 138 152 152 ALA ALA A . n 
A 1 139 ASP 139 153 153 ASP ASP A . n 
A 1 140 ASP 140 154 154 ASP ASP A . n 
A 1 141 ASN 141 155 155 ASN ASN A . n 
A 1 142 SER 142 156 156 SER SER A . n 
A 1 143 LEU 143 157 157 LEU LEU A . n 
A 1 144 LEU 144 158 158 LEU LEU A . n 
A 1 145 PHE 145 159 159 PHE PHE A . n 
A 1 146 MET 146 160 160 MET MET A . n 
A 1 147 GLU 147 161 161 GLU GLU A . n 
A 1 148 THR 148 162 162 THR THR A . n 
A 1 149 SER 149 163 163 SER SER A . n 
A 1 150 ALA 150 164 164 ALA ALA A . n 
A 1 151 LYS 151 165 165 LYS LYS A . n 
A 1 152 THR 152 166 166 THR THR A . n 
A 1 153 SER 153 167 167 SER SER A . n 
A 1 154 MET 154 168 168 MET MET A . n 
A 1 155 ASN 155 169 169 ASN ASN A . n 
A 1 156 VAL 156 170 170 VAL VAL A . n 
A 1 157 ASN 157 171 171 ASN ASN A . n 
A 1 158 GLU 158 172 172 GLU GLU A . n 
A 1 159 ILE 159 173 173 ILE ILE A . n 
A 1 160 PHE 160 174 174 PHE PHE A . n 
A 1 161 MET 161 175 175 MET MET A . n 
A 1 162 ALA 162 176 176 ALA ALA A . n 
A 1 163 ILE 163 177 177 ILE ILE A . n 
A 1 164 ALA 164 178 178 ALA ALA A . n 
A 1 165 LYS 165 179 179 LYS LYS A . n 
A 1 166 LYS 166 180 180 LYS LYS A . n 
A 1 167 LEU 167 181 181 LEU LEU A . n 
A 1 168 PRO 168 182 182 PRO PRO A . n 
A 1 169 LYS 169 183 ?   ?   ?   A . n 
A 1 170 ASN 170 184 ?   ?   ?   A . n 
# 
loop_
_pdbx_nonpoly_scheme.asym_id 
_pdbx_nonpoly_scheme.entity_id 
_pdbx_nonpoly_scheme.mon_id 
_pdbx_nonpoly_scheme.ndb_seq_num 
_pdbx_nonpoly_scheme.pdb_seq_num 
_pdbx_nonpoly_scheme.auth_seq_num 
_pdbx_nonpoly_scheme.pdb_mon_id 
_pdbx_nonpoly_scheme.auth_mon_id 
_pdbx_nonpoly_scheme.pdb_strand_id 
_pdbx_nonpoly_scheme.pdb_ins_code 
B 2 MG  1   201 201 MG  MG2 A . 
C 3 GTP 1   200 200 GTP GTP A . 
D 4 BME 1   210 210 BME BME A . 
E 5 HOH 1   301 301 HOH WAT A . 
E 5 HOH 2   302 302 HOH WAT A . 
E 5 HOH 3   303 303 HOH WAT A . 
E 5 HOH 4   304 304 HOH WAT A . 
E 5 HOH 5   305 305 HOH WAT A . 
E 5 HOH 6   306 306 HOH WAT A . 
E 5 HOH 7   307 307 HOH WAT A . 
E 5 HOH 8   308 308 HOH WAT A . 
E 5 HOH 9   309 309 HOH WAT A . 
E 5 HOH 10  310 310 HOH WAT A . 
E 5 HOH 11  311 311 HOH WAT A . 
E 5 HOH 12  312 312 HOH WAT A . 
E 5 HOH 13  313 313 HOH WAT A . 
E 5 HOH 14  314 314 HOH WAT A . 
E 5 HOH 15  315 315 HOH WAT A . 
E 5 HOH 16  316 316 HOH WAT A . 
E 5 HOH 17  317 317 HOH WAT A . 
E 5 HOH 18  318 318 HOH WAT A . 
E 5 HOH 19  319 319 HOH WAT A . 
E 5 HOH 20  320 320 HOH WAT A . 
E 5 HOH 21  321 321 HOH WAT A . 
E 5 HOH 22  322 322 HOH WAT A . 
E 5 HOH 23  323 323 HOH WAT A . 
E 5 HOH 24  324 324 HOH WAT A . 
E 5 HOH 25  325 325 HOH WAT A . 
E 5 HOH 26  326 326 HOH WAT A . 
E 5 HOH 27  327 327 HOH WAT A . 
E 5 HOH 28  328 328 HOH WAT A . 
E 5 HOH 29  329 329 HOH WAT A . 
E 5 HOH 30  330 330 HOH WAT A . 
E 5 HOH 31  331 331 HOH WAT A . 
E 5 HOH 32  332 332 HOH WAT A . 
E 5 HOH 33  333 333 HOH WAT A . 
E 5 HOH 34  334 334 HOH WAT A . 
E 5 HOH 35  335 335 HOH WAT A . 
E 5 HOH 36  336 336 HOH WAT A . 
E 5 HOH 37  337 337 HOH WAT A . 
E 5 HOH 38  338 338 HOH WAT A . 
E 5 HOH 39  339 339 HOH WAT A . 
E 5 HOH 40  340 340 HOH WAT A . 
E 5 HOH 41  341 341 HOH WAT A . 
E 5 HOH 42  342 342 HOH WAT A . 
E 5 HOH 43  343 343 HOH WAT A . 
E 5 HOH 44  344 344 HOH WAT A . 
E 5 HOH 45  345 345 HOH WAT A . 
E 5 HOH 46  346 346 HOH WAT A . 
E 5 HOH 47  347 347 HOH WAT A . 
E 5 HOH 48  348 348 HOH WAT A . 
E 5 HOH 49  349 349 HOH WAT A . 
E 5 HOH 50  350 350 HOH WAT A . 
E 5 HOH 51  351 351 HOH WAT A . 
E 5 HOH 52  352 352 HOH WAT A . 
E 5 HOH 53  353 353 HOH WAT A . 
E 5 HOH 54  354 354 HOH WAT A . 
E 5 HOH 55  355 355 HOH WAT A . 
E 5 HOH 56  356 356 HOH WAT A . 
E 5 HOH 57  357 357 HOH WAT A . 
E 5 HOH 58  358 358 HOH WAT A . 
E 5 HOH 59  359 359 HOH WAT A . 
E 5 HOH 60  360 360 HOH WAT A . 
E 5 HOH 61  361 361 HOH WAT A . 
E 5 HOH 62  362 362 HOH WAT A . 
E 5 HOH 63  363 363 HOH WAT A . 
E 5 HOH 64  364 364 HOH WAT A . 
E 5 HOH 65  365 365 HOH WAT A . 
E 5 HOH 66  366 366 HOH WAT A . 
E 5 HOH 67  367 367 HOH WAT A . 
E 5 HOH 68  368 368 HOH WAT A . 
E 5 HOH 69  369 369 HOH WAT A . 
E 5 HOH 70  370 370 HOH WAT A . 
E 5 HOH 71  371 371 HOH WAT A . 
E 5 HOH 72  372 372 HOH WAT A . 
E 5 HOH 73  373 373 HOH WAT A . 
E 5 HOH 74  374 374 HOH WAT A . 
E 5 HOH 75  375 375 HOH WAT A . 
E 5 HOH 76  376 376 HOH WAT A . 
E 5 HOH 77  377 377 HOH WAT A . 
E 5 HOH 78  378 378 HOH WAT A . 
E 5 HOH 79  379 379 HOH WAT A . 
E 5 HOH 80  380 380 HOH WAT A . 
E 5 HOH 81  381 381 HOH WAT A . 
E 5 HOH 82  382 382 HOH WAT A . 
E 5 HOH 83  383 383 HOH WAT A . 
E 5 HOH 84  384 384 HOH WAT A . 
E 5 HOH 85  385 385 HOH WAT A . 
E 5 HOH 86  386 386 HOH WAT A . 
E 5 HOH 87  387 387 HOH WAT A . 
E 5 HOH 88  388 388 HOH WAT A . 
E 5 HOH 89  389 389 HOH WAT A . 
E 5 HOH 90  390 390 HOH WAT A . 
E 5 HOH 91  391 391 HOH WAT A . 
E 5 HOH 92  392 392 HOH WAT A . 
E 5 HOH 93  393 393 HOH WAT A . 
E 5 HOH 94  394 394 HOH WAT A . 
E 5 HOH 95  395 395 HOH WAT A . 
E 5 HOH 96  396 396 HOH WAT A . 
E 5 HOH 97  397 397 HOH WAT A . 
E 5 HOH 98  398 398 HOH WAT A . 
E 5 HOH 99  399 399 HOH WAT A . 
E 5 HOH 100 400 400 HOH WAT A . 
E 5 HOH 101 401 401 HOH WAT A . 
E 5 HOH 102 402 402 HOH WAT A . 
E 5 HOH 103 403 403 HOH WAT A . 
E 5 HOH 104 404 404 HOH WAT A . 
E 5 HOH 105 405 405 HOH WAT A . 
E 5 HOH 106 406 406 HOH WAT A . 
E 5 HOH 107 407 407 HOH WAT A . 
E 5 HOH 108 408 408 HOH WAT A . 
E 5 HOH 109 409 409 HOH WAT A . 
E 5 HOH 110 410 410 HOH WAT A . 
E 5 HOH 111 411 411 HOH WAT A . 
E 5 HOH 112 412 412 HOH WAT A . 
E 5 HOH 113 413 413 HOH WAT A . 
E 5 HOH 114 414 414 HOH WAT A . 
E 5 HOH 115 415 415 HOH WAT A . 
E 5 HOH 116 416 416 HOH WAT A . 
E 5 HOH 117 417 417 HOH WAT A . 
E 5 HOH 118 418 418 HOH WAT A . 
E 5 HOH 119 419 419 HOH WAT A . 
E 5 HOH 120 420 420 HOH WAT A . 
E 5 HOH 121 421 421 HOH WAT A . 
E 5 HOH 122 422 422 HOH WAT A . 
E 5 HOH 123 423 423 HOH WAT A . 
E 5 HOH 124 424 424 HOH WAT A . 
E 5 HOH 125 425 425 HOH WAT A . 
E 5 HOH 126 426 426 HOH WAT A . 
E 5 HOH 127 427 427 HOH WAT A . 
E 5 HOH 128 428 428 HOH WAT A . 
E 5 HOH 129 429 429 HOH WAT A . 
E 5 HOH 130 430 430 HOH WAT A . 
E 5 HOH 131 431 431 HOH WAT A . 
E 5 HOH 132 432 432 HOH WAT A . 
E 5 HOH 133 433 433 HOH WAT A . 
E 5 HOH 134 434 434 HOH WAT A . 
E 5 HOH 135 435 435 HOH WAT A . 
E 5 HOH 136 436 436 HOH WAT A . 
E 5 HOH 137 437 437 HOH WAT A . 
E 5 HOH 138 438 438 HOH WAT A . 
E 5 HOH 139 439 439 HOH WAT A . 
E 5 HOH 140 440 440 HOH WAT A . 
E 5 HOH 141 441 441 HOH WAT A . 
E 5 HOH 142 442 442 HOH WAT A . 
E 5 HOH 143 443 443 HOH WAT A . 
E 5 HOH 144 444 444 HOH WAT A . 
E 5 HOH 145 445 445 HOH WAT A . 
E 5 HOH 146 446 446 HOH WAT A . 
E 5 HOH 147 447 447 HOH WAT A . 
E 5 HOH 148 448 448 HOH WAT A . 
E 5 HOH 149 449 449 HOH WAT A . 
E 5 HOH 150 450 450 HOH WAT A . 
E 5 HOH 151 451 451 HOH WAT A . 
E 5 HOH 152 452 452 HOH WAT A . 
E 5 HOH 153 453 453 HOH WAT A . 
E 5 HOH 154 454 454 HOH WAT A . 
E 5 HOH 155 455 455 HOH WAT A . 
E 5 HOH 156 456 456 HOH WAT A . 
E 5 HOH 157 457 457 HOH WAT A . 
E 5 HOH 158 458 458 HOH WAT A . 
E 5 HOH 159 459 459 HOH WAT A . 
E 5 HOH 160 460 460 HOH WAT A . 
E 5 HOH 161 461 461 HOH WAT A . 
E 5 HOH 162 462 462 HOH WAT A . 
E 5 HOH 163 463 463 HOH WAT A . 
E 5 HOH 164 464 464 HOH WAT A . 
E 5 HOH 165 465 465 HOH WAT A . 
E 5 HOH 166 466 466 HOH WAT A . 
E 5 HOH 167 467 467 HOH WAT A . 
E 5 HOH 168 468 468 HOH WAT A . 
E 5 HOH 169 469 469 HOH WAT A . 
E 5 HOH 170 470 470 HOH WAT A . 
E 5 HOH 171 471 471 HOH WAT A . 
E 5 HOH 172 472 472 HOH WAT A . 
E 5 HOH 173 473 473 HOH WAT A . 
E 5 HOH 174 474 474 HOH WAT A . 
E 5 HOH 175 475 475 HOH WAT A . 
E 5 HOH 176 476 476 HOH WAT A . 
E 5 HOH 177 477 477 HOH WAT A . 
E 5 HOH 178 478 478 HOH WAT A . 
E 5 HOH 179 479 479 HOH WAT A . 
E 5 HOH 180 480 480 HOH WAT A . 
E 5 HOH 181 481 481 HOH WAT A . 
E 5 HOH 182 482 482 HOH WAT A . 
E 5 HOH 183 483 483 HOH WAT A . 
E 5 HOH 184 484 484 HOH WAT A . 
E 5 HOH 185 485 485 HOH WAT A . 
E 5 HOH 186 486 486 HOH WAT A . 
E 5 HOH 187 487 487 HOH WAT A . 
E 5 HOH 188 488 488 HOH WAT A . 
E 5 HOH 189 489 489 HOH WAT A . 
E 5 HOH 190 490 490 HOH WAT A . 
E 5 HOH 191 491 491 HOH WAT A . 
E 5 HOH 192 492 492 HOH WAT A . 
E 5 HOH 193 493 493 HOH WAT A . 
E 5 HOH 194 494 494 HOH WAT A . 
E 5 HOH 195 495 495 HOH WAT A . 
E 5 HOH 196 496 496 HOH WAT A . 
E 5 HOH 197 497 497 HOH WAT A . 
E 5 HOH 198 498 498 HOH WAT A . 
E 5 HOH 199 499 499 HOH WAT A . 
E 5 HOH 200 500 500 HOH WAT A . 
E 5 HOH 201 501 501 HOH WAT A . 
E 5 HOH 202 502 502 HOH WAT A . 
E 5 HOH 203 503 503 HOH WAT A . 
E 5 HOH 204 504 504 HOH WAT A . 
E 5 HOH 205 505 505 HOH WAT A . 
E 5 HOH 206 506 506 HOH WAT A . 
E 5 HOH 207 507 507 HOH WAT A . 
E 5 HOH 208 508 508 HOH WAT A . 
E 5 HOH 209 509 509 HOH WAT A . 
E 5 HOH 210 510 510 HOH WAT A . 
E 5 HOH 211 511 511 HOH WAT A . 
E 5 HOH 212 512 512 HOH WAT A . 
E 5 HOH 213 513 513 HOH WAT A . 
E 5 HOH 214 514 514 HOH WAT A . 
E 5 HOH 215 515 515 HOH WAT A . 
E 5 HOH 216 516 516 HOH WAT A . 
E 5 HOH 217 517 517 HOH WAT A . 
E 5 HOH 218 518 518 HOH WAT A . 
E 5 HOH 219 519 519 HOH WAT A . 
E 5 HOH 220 520 520 HOH WAT A . 
E 5 HOH 221 521 521 HOH WAT A . 
E 5 HOH 222 522 522 HOH WAT A . 
E 5 HOH 223 523 523 HOH WAT A . 
E 5 HOH 224 524 524 HOH WAT A . 
E 5 HOH 225 525 525 HOH WAT A . 
E 5 HOH 226 526 526 HOH WAT A . 
E 5 HOH 227 527 527 HOH WAT A . 
E 5 HOH 228 528 528 HOH WAT A . 
E 5 HOH 229 529 529 HOH WAT A . 
E 5 HOH 230 530 530 HOH WAT A . 
E 5 HOH 231 531 531 HOH WAT A . 
E 5 HOH 232 532 532 HOH WAT A . 
E 5 HOH 233 533 533 HOH WAT A . 
E 5 HOH 234 534 534 HOH WAT A . 
E 5 HOH 235 535 535 HOH WAT A . 
E 5 HOH 236 536 536 HOH WAT A . 
E 5 HOH 237 537 537 HOH WAT A . 
E 5 HOH 238 538 538 HOH WAT A . 
E 5 HOH 239 539 539 HOH WAT A . 
E 5 HOH 240 540 540 HOH WAT A . 
E 5 HOH 241 541 541 HOH WAT A . 
E 5 HOH 242 542 542 HOH WAT A . 
E 5 HOH 243 543 543 HOH WAT A . 
E 5 HOH 244 544 544 HOH WAT A . 
E 5 HOH 245 545 545 HOH WAT A . 
E 5 HOH 246 546 546 HOH WAT A . 
E 5 HOH 247 547 547 HOH WAT A . 
E 5 HOH 248 548 548 HOH WAT A . 
E 5 HOH 249 549 549 HOH WAT A . 
E 5 HOH 250 550 550 HOH WAT A . 
E 5 HOH 251 551 551 HOH WAT A . 
E 5 HOH 252 552 552 HOH WAT A . 
E 5 HOH 253 553 553 HOH WAT A . 
E 5 HOH 254 554 554 HOH WAT A . 
# 
_pdbx_struct_assembly.id                   1 
_pdbx_struct_assembly.details              author_defined_assembly 
_pdbx_struct_assembly.method_details       ? 
_pdbx_struct_assembly.oligomeric_details   monomeric 
_pdbx_struct_assembly.oligomeric_count     1 
# 
_pdbx_struct_assembly_gen.assembly_id       1 
_pdbx_struct_assembly_gen.oper_expression   1 
_pdbx_struct_assembly_gen.asym_id_list      A,B,C,D,E 
# 
_pdbx_struct_oper_list.id                   1 
_pdbx_struct_oper_list.type                 'identity operation' 
_pdbx_struct_oper_list.name                 1_555 
_pdbx_struct_oper_list.symmetry_operation   x,y,z 
_pdbx_struct_oper_list.matrix[1][1]         1.0000000000 
_pdbx_struct_oper_list.matrix[1][2]         0.0000000000 
_pdbx_struct_oper_list.matrix[1][3]         0.0000000000 
_pdbx_struct_oper_list.vector[1]            0.0000000000 
_pdbx_struct_oper_list.matrix[2][1]         0.0000000000 
_pdbx_struct_oper_list.matrix[2][2]         1.0000000000 
_pdbx_struct_oper_list.matrix[2][3]         0.0000000000 
_pdbx_struct_oper_list.vector[2]            0.0000000000 
_pdbx_struct_oper_list.matrix[3][1]         0.0000000000 
_pdbx_struct_oper_list.matrix[3][2]         0.0000000000 
_pdbx_struct_oper_list.matrix[3][3]         1.0000000000 
_pdbx_struct_oper_list.vector[3]            0.0000000000 
# 
loop_
_pdbx_struct_conn_angle.id 
_pdbx_struct_conn_angle.ptnr1_label_atom_id 
_pdbx_struct_conn_angle.ptnr1_label_alt_id 
_pdbx_struct_conn_angle.ptnr1_label_asym_id 
_pdbx_struct_conn_angle.ptnr1_label_comp_id 
_pdbx_struct_conn_angle.ptnr1_label_seq_id 
_pdbx_struct_conn_angle.ptnr1_auth_atom_id 
_pdbx_struct_conn_angle.ptnr1_auth_asym_id 
_pdbx_struct_conn_angle.ptnr1_auth_comp_id 
_pdbx_struct_conn_angle.ptnr1_auth_seq_id 
_pdbx_struct_conn_angle.ptnr1_PDB_ins_code 
_pdbx_struct_conn_angle.ptnr1_symmetry 
_pdbx_struct_conn_angle.ptnr2_label_atom_id 
_pdbx_struct_conn_angle.ptnr2_label_alt_id 
_pdbx_struct_conn_angle.ptnr2_label_asym_id 
_pdbx_struct_conn_angle.ptnr2_label_comp_id 
_pdbx_struct_conn_angle.ptnr2_label_seq_id 
_pdbx_struct_conn_angle.ptnr2_auth_atom_id 
_pdbx_struct_conn_angle.ptnr2_auth_asym_id 
_pdbx_struct_conn_angle.ptnr2_auth_comp_id 
_pdbx_struct_conn_angle.ptnr2_auth_seq_id 
_pdbx_struct_conn_angle.ptnr2_PDB_ins_code 
_pdbx_struct_conn_angle.ptnr2_symmetry 
_pdbx_struct_conn_angle.ptnr3_label_atom_id 
_pdbx_struct_conn_angle.ptnr3_label_alt_id 
_pdbx_struct_conn_angle.ptnr3_label_asym_id 
_pdbx_struct_conn_angle.ptnr3_label_comp_id 
_pdbx_struct_conn_angle.ptnr3_label_seq_id 
_pdbx_struct_conn_angle.ptnr3_auth_atom_id 
_pdbx_struct_conn_angle.ptnr3_auth_asym_id 
_pdbx_struct_conn_angle.ptnr3_auth_comp_id 
_pdbx_struct_conn_angle.ptnr3_auth_seq_id 
_pdbx_struct_conn_angle.ptnr3_PDB_ins_code 
_pdbx_struct_conn_angle.ptnr3_symmetry 
_pdbx_struct_conn_angle.value 
_pdbx_struct_conn_angle.value_esd 
1  OG  ? A SER 20 ? A SER 34  ? 1_555 MG ? B MG . ? A MG 201 ? 1_555 OG1 ? A THR 38 ? A THR 52  ? 1_555 85.2  ? 
2  OG  ? A SER 20 ? A SER 34  ? 1_555 MG ? B MG . ? A MG 201 ? 1_555 O2G ? C GTP .  ? A GTP 200 ? 1_555 175.3 ? 
3  OG1 ? A THR 38 ? A THR 52  ? 1_555 MG ? B MG . ? A MG 201 ? 1_555 O2G ? C GTP .  ? A GTP 200 ? 1_555 90.1  ? 
4  OG  ? A SER 20 ? A SER 34  ? 1_555 MG ? B MG . ? A MG 201 ? 1_555 O2B ? C GTP .  ? A GTP 200 ? 1_555 91.7  ? 
5  OG1 ? A THR 38 ? A THR 52  ? 1_555 MG ? B MG . ? A MG 201 ? 1_555 O2B ? C GTP .  ? A GTP 200 ? 1_555 176.0 ? 
6  O2G ? C GTP .  ? A GTP 200 ? 1_555 MG ? B MG . ? A MG 201 ? 1_555 O2B ? C GTP .  ? A GTP 200 ? 1_555 92.9  ? 
7  OG  ? A SER 20 ? A SER 34  ? 1_555 MG ? B MG . ? A MG 201 ? 1_555 O   ? E HOH .  ? A HOH 301 ? 1_555 86.5  ? 
8  OG1 ? A THR 38 ? A THR 52  ? 1_555 MG ? B MG . ? A MG 201 ? 1_555 O   ? E HOH .  ? A HOH 301 ? 1_555 92.1  ? 
9  O2G ? C GTP .  ? A GTP 200 ? 1_555 MG ? B MG . ? A MG 201 ? 1_555 O   ? E HOH .  ? A HOH 301 ? 1_555 94.5  ? 
10 O2B ? C GTP .  ? A GTP 200 ? 1_555 MG ? B MG . ? A MG 201 ? 1_555 O   ? E HOH .  ? A HOH 301 ? 1_555 90.3  ? 
11 OG  ? A SER 20 ? A SER 34  ? 1_555 MG ? B MG . ? A MG 201 ? 1_555 O   ? E HOH .  ? A HOH 302 ? 1_555 87.0  ? 
12 OG1 ? A THR 38 ? A THR 52  ? 1_555 MG ? B MG . ? A MG 201 ? 1_555 O   ? E HOH .  ? A HOH 302 ? 1_555 88.6  ? 
13 O2G ? C GTP .  ? A GTP 200 ? 1_555 MG ? B MG . ? A MG 201 ? 1_555 O   ? E HOH .  ? A HOH 302 ? 1_555 92.0  ? 
14 O2B ? C GTP .  ? A GTP 200 ? 1_555 MG ? B MG . ? A MG 201 ? 1_555 O   ? E HOH .  ? A HOH 302 ? 1_555 88.7  ? 
15 O   ? E HOH .  ? A HOH 301 ? 1_555 MG ? B MG . ? A MG 201 ? 1_555 O   ? E HOH .  ? A HOH 302 ? 1_555 173.4 ? 
# 
loop_
_pdbx_audit_revision_history.ordinal 
_pdbx_audit_revision_history.data_content_type 
_pdbx_audit_revision_history.major_revision 
_pdbx_audit_revision_history.minor_revision 
_pdbx_audit_revision_history.revision_date 
1 'Structure model' 1 0 2002-11-27 
2 'Structure model' 1 1 2008-04-28 
3 'Structure model' 1 2 2011-07-13 
4 'Structure model' 1 3 2021-10-27 
# 
_pdbx_audit_revision_details.ordinal             1 
_pdbx_audit_revision_details.revision_ordinal    1 
_pdbx_audit_revision_details.data_content_type   'Structure model' 
_pdbx_audit_revision_details.provider            repository 
_pdbx_audit_revision_details.type                'Initial release' 
_pdbx_audit_revision_details.description         ? 
_pdbx_audit_revision_details.details             ? 
# 
loop_
_pdbx_audit_revision_group.ordinal 
_pdbx_audit_revision_group.revision_ordinal 
_pdbx_audit_revision_group.data_content_type 
_pdbx_audit_revision_group.group 
1 2 'Structure model' 'Version format compliance' 
2 3 'Structure model' 'Version format compliance' 
3 4 'Structure model' 'Database references'       
4 4 'Structure model' 'Derived calculations'      
# 
loop_
_pdbx_audit_revision_category.ordinal 
_pdbx_audit_revision_category.revision_ordinal 
_pdbx_audit_revision_category.data_content_type 
_pdbx_audit_revision_category.category 
1 4 'Structure model' database_2             
2 4 'Structure model' pdbx_struct_conn_angle 
3 4 'Structure model' struct_conn            
4 4 'Structure model' struct_ref_seq_dif     
5 4 'Structure model' struct_site            
# 
loop_
_pdbx_audit_revision_item.ordinal 
_pdbx_audit_revision_item.revision_ordinal 
_pdbx_audit_revision_item.data_content_type 
_pdbx_audit_revision_item.item 
1  4 'Structure model' '_database_2.pdbx_DOI'                        
2  4 'Structure model' '_database_2.pdbx_database_accession'         
3  4 'Structure model' '_pdbx_struct_conn_angle.ptnr1_auth_comp_id'  
4  4 'Structure model' '_pdbx_struct_conn_angle.ptnr1_auth_seq_id'   
5  4 'Structure model' '_pdbx_struct_conn_angle.ptnr1_label_asym_id' 
6  4 'Structure model' '_pdbx_struct_conn_angle.ptnr1_label_atom_id' 
7  4 'Structure model' '_pdbx_struct_conn_angle.ptnr1_label_comp_id' 
8  4 'Structure model' '_pdbx_struct_conn_angle.ptnr1_label_seq_id'  
9  4 'Structure model' '_pdbx_struct_conn_angle.ptnr3_auth_comp_id'  
10 4 'Structure model' '_pdbx_struct_conn_angle.ptnr3_auth_seq_id'   
11 4 'Structure model' '_pdbx_struct_conn_angle.ptnr3_label_asym_id' 
12 4 'Structure model' '_pdbx_struct_conn_angle.ptnr3_label_atom_id' 
13 4 'Structure model' '_pdbx_struct_conn_angle.ptnr3_label_comp_id' 
14 4 'Structure model' '_pdbx_struct_conn_angle.ptnr3_label_seq_id'  
15 4 'Structure model' '_pdbx_struct_conn_angle.value'               
16 4 'Structure model' '_struct_conn.pdbx_dist_value'                
17 4 'Structure model' '_struct_conn.pdbx_leaving_atom_flag'         
18 4 'Structure model' '_struct_conn.ptnr1_auth_comp_id'             
19 4 'Structure model' '_struct_conn.ptnr1_auth_seq_id'              
20 4 'Structure model' '_struct_conn.ptnr1_label_asym_id'            
21 4 'Structure model' '_struct_conn.ptnr1_label_atom_id'            
22 4 'Structure model' '_struct_conn.ptnr1_label_comp_id'            
23 4 'Structure model' '_struct_conn.ptnr1_label_seq_id'             
24 4 'Structure model' '_struct_conn.ptnr2_auth_comp_id'             
25 4 'Structure model' '_struct_conn.ptnr2_auth_seq_id'              
26 4 'Structure model' '_struct_conn.ptnr2_label_asym_id'            
27 4 'Structure model' '_struct_conn.ptnr2_label_atom_id'            
28 4 'Structure model' '_struct_conn.ptnr2_label_comp_id'            
29 4 'Structure model' '_struct_conn.ptnr2_label_seq_id'             
30 4 'Structure model' '_struct_ref_seq_dif.details'                 
31 4 'Structure model' '_struct_site.pdbx_auth_asym_id'              
32 4 'Structure model' '_struct_site.pdbx_auth_comp_id'              
33 4 'Structure model' '_struct_site.pdbx_auth_seq_id'               
# 
loop_
_software.name 
_software.classification 
_software.version 
_software.citation_id 
_software.pdbx_ordinal 
DENZO     'data reduction' . ? 1 
SCALEPACK 'data scaling'   . ? 2 
CNS       refinement       . ? 3 
CNS       phasing          . ? 4 
# 
loop_
_pdbx_validate_torsion.id 
_pdbx_validate_torsion.PDB_model_num 
_pdbx_validate_torsion.auth_comp_id 
_pdbx_validate_torsion.auth_asym_id 
_pdbx_validate_torsion.auth_seq_id 
_pdbx_validate_torsion.PDB_ins_code 
_pdbx_validate_torsion.label_alt_id 
_pdbx_validate_torsion.phi 
_pdbx_validate_torsion.psi 
1 1 PRO A 30  ? ? -119.49 76.99   
2 1 ASP A 65  ? ? 63.71   -110.65 
3 1 LEU A 137 ? ? -98.95  34.65   
4 1 SER A 167 ? ? 97.88   -2.62   
5 1 ASN A 169 ? ? 58.15   12.67   
# 
loop_
_pdbx_unobs_or_zero_occ_residues.id 
_pdbx_unobs_or_zero_occ_residues.PDB_model_num 
_pdbx_unobs_or_zero_occ_residues.polymer_flag 
_pdbx_unobs_or_zero_occ_residues.occupancy_flag 
_pdbx_unobs_or_zero_occ_residues.auth_asym_id 
_pdbx_unobs_or_zero_occ_residues.auth_comp_id 
_pdbx_unobs_or_zero_occ_residues.auth_seq_id 
_pdbx_unobs_or_zero_occ_residues.PDB_ins_code 
_pdbx_unobs_or_zero_occ_residues.label_asym_id 
_pdbx_unobs_or_zero_occ_residues.label_comp_id 
_pdbx_unobs_or_zero_occ_residues.label_seq_id 
1 1 Y 1 A LYS 183 ? A LYS 169 
2 1 Y 1 A ASN 184 ? A ASN 170 
# 
loop_
_pdbx_entity_nonpoly.entity_id 
_pdbx_entity_nonpoly.name 
_pdbx_entity_nonpoly.comp_id 
2 'MAGNESIUM ION'             MG  
3 "GUANOSINE-5'-TRIPHOSPHATE" GTP 
4 BETA-MERCAPTOETHANOL        BME 
5 water                       HOH 
# 
